data_5DBR
# 
_entry.id   5DBR 
# 
_audit_conform.dict_name       mmcif_pdbx.dic 
_audit_conform.dict_version    5.379 
_audit_conform.dict_location   http://mmcif.pdb.org/dictionaries/ascii/mmcif_pdbx.dic 
# 
loop_
_database_2.database_id 
_database_2.database_code 
_database_2.pdbx_database_accession 
_database_2.pdbx_DOI 
PDB   5DBR         pdb_00005dbr 10.2210/pdb5dbr/pdb 
WWPDB D_1000212959 ?            ?                   
# 
_pdbx_database_status.status_code                     REL 
_pdbx_database_status.status_code_sf                  REL 
_pdbx_database_status.status_code_mr                  ? 
_pdbx_database_status.entry_id                        5DBR 
_pdbx_database_status.recvd_initial_deposition_date   2015-08-21 
_pdbx_database_status.SG_entry                        N 
_pdbx_database_status.deposit_site                    RCSB 
_pdbx_database_status.process_site                    RCSB 
_pdbx_database_status.status_code_cs                  ? 
_pdbx_database_status.methods_development_category    ? 
_pdbx_database_status.pdb_format_compatible           Y 
_pdbx_database_status.status_code_nmr_data            ? 
# 
loop_
_audit_author.name 
_audit_author.pdbx_ordinal 
_audit_author.identifier_ORCID 
'Johnson, C.N.'  1 ? 
'Thompson, M.K.' 2 ? 
'Chazin, W.J.'   3 ? 
# 
_citation.abstract                  ? 
_citation.abstract_id_CAS           ? 
_citation.book_id_ISBN              ? 
_citation.book_publisher            ? 
_citation.book_publisher_city       ? 
_citation.book_title                ? 
_citation.coordinate_linkage        ? 
_citation.country                   ? 
_citation.database_id_Medline       ? 
_citation.details                   ? 
_citation.id                        primary 
_citation.journal_abbrev            'To Be Published' 
_citation.journal_id_ASTM           ? 
_citation.journal_id_CSD            0353 
_citation.journal_id_ISSN           ? 
_citation.journal_full              ? 
_citation.journal_issue             ? 
_citation.journal_volume            ? 
_citation.language                  ? 
_citation.page_first                ? 
_citation.page_last                 ? 
_citation.title                     
'Enhanced Understanding of Ca2+ Modulation of the Human Cardiac Sodium Channel: Tight Binding of Calmodulin to the Inactivation Gate' 
_citation.year                      ? 
_citation.database_id_CSD           ? 
_citation.pdbx_database_id_DOI      ? 
_citation.pdbx_database_id_PubMed   ? 
_citation.unpublished_flag          ? 
# 
loop_
_citation_author.citation_id 
_citation_author.name 
_citation_author.ordinal 
_citation_author.identifier_ORCID 
primary 'Johnson, C.N.'  1 ? 
primary 'Thompson, M.K.' 2 ? 
primary 'Voehler, M.'    3 ? 
primary 'Chazin, W.J.'   4 ? 
# 
_cell.angle_alpha                  90.000 
_cell.angle_alpha_esd              ? 
_cell.angle_beta                   90.000 
_cell.angle_beta_esd               ? 
_cell.angle_gamma                  120.000 
_cell.angle_gamma_esd              ? 
_cell.entry_id                     5DBR 
_cell.details                      ? 
_cell.formula_units_Z              ? 
_cell.length_a                     58.086 
_cell.length_a_esd                 ? 
_cell.length_b                     58.086 
_cell.length_b_esd                 ? 
_cell.length_c                     102.638 
_cell.length_c_esd                 ? 
_cell.volume                       ? 
_cell.volume_esd                   ? 
_cell.Z_PDB                        6 
_cell.reciprocal_angle_alpha       ? 
_cell.reciprocal_angle_beta        ? 
_cell.reciprocal_angle_gamma       ? 
_cell.reciprocal_angle_alpha_esd   ? 
_cell.reciprocal_angle_beta_esd    ? 
_cell.reciprocal_angle_gamma_esd   ? 
_cell.reciprocal_length_a          ? 
_cell.reciprocal_length_b          ? 
_cell.reciprocal_length_c          ? 
_cell.reciprocal_length_a_esd      ? 
_cell.reciprocal_length_b_esd      ? 
_cell.reciprocal_length_c_esd      ? 
_cell.pdbx_unique_axis             ? 
# 
_symmetry.entry_id                         5DBR 
_symmetry.cell_setting                     ? 
_symmetry.Int_Tables_number                154 
_symmetry.space_group_name_Hall            ? 
_symmetry.space_group_name_H-M             'P 32 2 1' 
_symmetry.pdbx_full_space_group_name_H-M   ? 
# 
loop_
_entity.id 
_entity.type 
_entity.src_method 
_entity.pdbx_description 
_entity.formula_weight 
_entity.pdbx_number_of_molecules 
_entity.pdbx_ec 
_entity.pdbx_mutation 
_entity.pdbx_fragment 
_entity.details 
1 polymer     man Calmodulin                                    16407.053 1  ? ? ?                        ? 
2 polymer     man 'Sodium channel protein type 5 subunit alpha' 5898.891  1  ? ? 'UNP residues 1483-1529' ? 
3 non-polymer syn 'CALCIUM ION'                                 40.078    4  ? ? ?                        ? 
4 water       nat water                                         18.015    12 ? ? ?                        ? 
# 
loop_
_entity_name_com.entity_id 
_entity_name_com.name 
1 CaM 
2 
;HH1,Sodium channel protein cardiac muscle subunit alpha,Sodium channel protein type V subunit alpha,Voltage-gated sodium channel subunit alpha Nav1.5
;
# 
loop_
_entity_poly.entity_id 
_entity_poly.type 
_entity_poly.nstd_linkage 
_entity_poly.nstd_monomer 
_entity_poly.pdbx_seq_one_letter_code 
_entity_poly.pdbx_seq_one_letter_code_can 
_entity_poly.pdbx_strand_id 
_entity_poly.pdbx_target_identifier 
1 'polypeptide(L)' no no 
;LTEEQIAEFKEAFSLFDKDGDGTITTKELGTVMRSLGQNPTEAELQDMINEVDADGNGTIDFPEFLTMMARKMKDTDSEE
EIREAFRVFDKDGNGYISAAELRHVMTNLGEKLTDEEVDEMIREADIDGDGQVNYEEFVQMMTAK
;
;LTEEQIAEFKEAFSLFDKDGDGTITTKELGTVMRSLGQNPTEAELQDMINEVDADGNGTIDFPEFLTMMARKMKDTDSEE
EIREAFRVFDKDGNGYISAAELRHVMTNLGEKLTDEEVDEMIREADIDGDGQVNYEEFVQMMTAK
;
A ? 
2 'polypeptide(L)' no no GPGSQDIFMTEEQKKYYNAMKKLGSKKPQKPIPRPLNKYQGFIFDIVTKQA GPGSQDIFMTEEQKKYYNAMKKLGSKKPQKPIPRPLNKYQGFIFDIVTKQA C 
? 
# 
loop_
_entity_poly_seq.entity_id 
_entity_poly_seq.num 
_entity_poly_seq.mon_id 
_entity_poly_seq.hetero 
1 1   LEU n 
1 2   THR n 
1 3   GLU n 
1 4   GLU n 
1 5   GLN n 
1 6   ILE n 
1 7   ALA n 
1 8   GLU n 
1 9   PHE n 
1 10  LYS n 
1 11  GLU n 
1 12  ALA n 
1 13  PHE n 
1 14  SER n 
1 15  LEU n 
1 16  PHE n 
1 17  ASP n 
1 18  LYS n 
1 19  ASP n 
1 20  GLY n 
1 21  ASP n 
1 22  GLY n 
1 23  THR n 
1 24  ILE n 
1 25  THR n 
1 26  THR n 
1 27  LYS n 
1 28  GLU n 
1 29  LEU n 
1 30  GLY n 
1 31  THR n 
1 32  VAL n 
1 33  MET n 
1 34  ARG n 
1 35  SER n 
1 36  LEU n 
1 37  GLY n 
1 38  GLN n 
1 39  ASN n 
1 40  PRO n 
1 41  THR n 
1 42  GLU n 
1 43  ALA n 
1 44  GLU n 
1 45  LEU n 
1 46  GLN n 
1 47  ASP n 
1 48  MET n 
1 49  ILE n 
1 50  ASN n 
1 51  GLU n 
1 52  VAL n 
1 53  ASP n 
1 54  ALA n 
1 55  ASP n 
1 56  GLY n 
1 57  ASN n 
1 58  GLY n 
1 59  THR n 
1 60  ILE n 
1 61  ASP n 
1 62  PHE n 
1 63  PRO n 
1 64  GLU n 
1 65  PHE n 
1 66  LEU n 
1 67  THR n 
1 68  MET n 
1 69  MET n 
1 70  ALA n 
1 71  ARG n 
1 72  LYS n 
1 73  MET n 
1 74  LYS n 
1 75  ASP n 
1 76  THR n 
1 77  ASP n 
1 78  SER n 
1 79  GLU n 
1 80  GLU n 
1 81  GLU n 
1 82  ILE n 
1 83  ARG n 
1 84  GLU n 
1 85  ALA n 
1 86  PHE n 
1 87  ARG n 
1 88  VAL n 
1 89  PHE n 
1 90  ASP n 
1 91  LYS n 
1 92  ASP n 
1 93  GLY n 
1 94  ASN n 
1 95  GLY n 
1 96  TYR n 
1 97  ILE n 
1 98  SER n 
1 99  ALA n 
1 100 ALA n 
1 101 GLU n 
1 102 LEU n 
1 103 ARG n 
1 104 HIS n 
1 105 VAL n 
1 106 MET n 
1 107 THR n 
1 108 ASN n 
1 109 LEU n 
1 110 GLY n 
1 111 GLU n 
1 112 LYS n 
1 113 LEU n 
1 114 THR n 
1 115 ASP n 
1 116 GLU n 
1 117 GLU n 
1 118 VAL n 
1 119 ASP n 
1 120 GLU n 
1 121 MET n 
1 122 ILE n 
1 123 ARG n 
1 124 GLU n 
1 125 ALA n 
1 126 ASP n 
1 127 ILE n 
1 128 ASP n 
1 129 GLY n 
1 130 ASP n 
1 131 GLY n 
1 132 GLN n 
1 133 VAL n 
1 134 ASN n 
1 135 TYR n 
1 136 GLU n 
1 137 GLU n 
1 138 PHE n 
1 139 VAL n 
1 140 GLN n 
1 141 MET n 
1 142 MET n 
1 143 THR n 
1 144 ALA n 
1 145 LYS n 
2 1   GLY n 
2 2   PRO n 
2 3   GLY n 
2 4   SER n 
2 5   GLN n 
2 6   ASP n 
2 7   ILE n 
2 8   PHE n 
2 9   MET n 
2 10  THR n 
2 11  GLU n 
2 12  GLU n 
2 13  GLN n 
2 14  LYS n 
2 15  LYS n 
2 16  TYR n 
2 17  TYR n 
2 18  ASN n 
2 19  ALA n 
2 20  MET n 
2 21  LYS n 
2 22  LYS n 
2 23  LEU n 
2 24  GLY n 
2 25  SER n 
2 26  LYS n 
2 27  LYS n 
2 28  PRO n 
2 29  GLN n 
2 30  LYS n 
2 31  PRO n 
2 32  ILE n 
2 33  PRO n 
2 34  ARG n 
2 35  PRO n 
2 36  LEU n 
2 37  ASN n 
2 38  LYS n 
2 39  TYR n 
2 40  GLN n 
2 41  GLY n 
2 42  PHE n 
2 43  ILE n 
2 44  PHE n 
2 45  ASP n 
2 46  ILE n 
2 47  VAL n 
2 48  THR n 
2 49  LYS n 
2 50  GLN n 
2 51  ALA n 
# 
loop_
_entity_src_gen.entity_id 
_entity_src_gen.pdbx_src_id 
_entity_src_gen.pdbx_alt_source_flag 
_entity_src_gen.pdbx_seq_type 
_entity_src_gen.pdbx_beg_seq_num 
_entity_src_gen.pdbx_end_seq_num 
_entity_src_gen.gene_src_common_name 
_entity_src_gen.gene_src_genus 
_entity_src_gen.pdbx_gene_src_gene 
_entity_src_gen.gene_src_species 
_entity_src_gen.gene_src_strain 
_entity_src_gen.gene_src_tissue 
_entity_src_gen.gene_src_tissue_fraction 
_entity_src_gen.gene_src_details 
_entity_src_gen.pdbx_gene_src_fragment 
_entity_src_gen.pdbx_gene_src_scientific_name 
_entity_src_gen.pdbx_gene_src_ncbi_taxonomy_id 
_entity_src_gen.pdbx_gene_src_variant 
_entity_src_gen.pdbx_gene_src_cell_line 
_entity_src_gen.pdbx_gene_src_atcc 
_entity_src_gen.pdbx_gene_src_organ 
_entity_src_gen.pdbx_gene_src_organelle 
_entity_src_gen.pdbx_gene_src_cell 
_entity_src_gen.pdbx_gene_src_cellular_location 
_entity_src_gen.host_org_common_name 
_entity_src_gen.pdbx_host_org_scientific_name 
_entity_src_gen.pdbx_host_org_ncbi_taxonomy_id 
_entity_src_gen.host_org_genus 
_entity_src_gen.pdbx_host_org_gene 
_entity_src_gen.pdbx_host_org_organ 
_entity_src_gen.host_org_species 
_entity_src_gen.pdbx_host_org_tissue 
_entity_src_gen.pdbx_host_org_tissue_fraction 
_entity_src_gen.pdbx_host_org_strain 
_entity_src_gen.pdbx_host_org_variant 
_entity_src_gen.pdbx_host_org_cell_line 
_entity_src_gen.pdbx_host_org_atcc 
_entity_src_gen.pdbx_host_org_culture_collection 
_entity_src_gen.pdbx_host_org_cell 
_entity_src_gen.pdbx_host_org_organelle 
_entity_src_gen.pdbx_host_org_cellular_location 
_entity_src_gen.pdbx_host_org_vector_type 
_entity_src_gen.pdbx_host_org_vector 
_entity_src_gen.host_org_details 
_entity_src_gen.expression_system_id 
_entity_src_gen.plasmid_name 
_entity_src_gen.plasmid_details 
_entity_src_gen.pdbx_description 
1 1 sample 'Biological sequence' 1 145 Human ? 'CALM1, CALM, CAM, CAM1, CALM2, CAM2, CAMB, CALM3, CALML2, CAM3, CAMC, CAMIII' ? ? 
? ? ? ? 'Homo sapiens' 9606 ? ? ? ? ? ? ? ? 'Escherichia coli' 469008 ? ? ? ? ? ? 'BL21 (DE3)' ? ? ? ? ? ? ? ? ? ? ? ? ? ? 
2 1 sample 'Biological sequence' 1 51  Human ? SCN5A                                                                          ? ? 
? ? ? ? 'Homo sapiens' 9606 ? ? ? ? ? ? ? ? 'Escherichia coli' 562    ? ? ? ? ? ? ?            ? ? ? ? ? ? ? ? ? ? ? ? ? ? 
# 
loop_
_struct_ref.id 
_struct_ref.db_name 
_struct_ref.db_code 
_struct_ref.pdbx_db_accession 
_struct_ref.pdbx_db_isoform 
_struct_ref.entity_id 
_struct_ref.pdbx_seq_one_letter_code 
_struct_ref.pdbx_align_begin 
1 UNP CALM_HUMAN  P62158 ? 1 
;LTEEQIAEFKEAFSLFDKDGDGTITTKELGTVMRSLGQNPTEAELQDMINEVDADGNGTIDFPEFLTMMARKMKDTDSEE
EIREAFRVFDKDGNGYISAAELRHVMTNLGEKLTDEEVDEMIREADIDGDGQVNYEEFVQMMTAK
;
5    
2 UNP SCN5A_HUMAN Q14524 ? 2 QDIFMTEEQKKYYNAMKKLGSKKPQKPIPRPLNKYQGFIFDIVTKQA 1483 
# 
loop_
_struct_ref_seq.align_id 
_struct_ref_seq.ref_id 
_struct_ref_seq.pdbx_PDB_id_code 
_struct_ref_seq.pdbx_strand_id 
_struct_ref_seq.seq_align_beg 
_struct_ref_seq.pdbx_seq_align_beg_ins_code 
_struct_ref_seq.seq_align_end 
_struct_ref_seq.pdbx_seq_align_end_ins_code 
_struct_ref_seq.pdbx_db_accession 
_struct_ref_seq.db_align_beg 
_struct_ref_seq.pdbx_db_align_beg_ins_code 
_struct_ref_seq.db_align_end 
_struct_ref_seq.pdbx_db_align_end_ins_code 
_struct_ref_seq.pdbx_auth_seq_align_beg 
_struct_ref_seq.pdbx_auth_seq_align_end 
1 1 5DBR A 1 ? 145 ? P62158 5    ? 149  ? 4    148  
2 2 5DBR C 5 ? 51  ? Q14524 1483 ? 1529 ? 1483 1529 
# 
loop_
_struct_ref_seq_dif.align_id 
_struct_ref_seq_dif.pdbx_pdb_id_code 
_struct_ref_seq_dif.mon_id 
_struct_ref_seq_dif.pdbx_pdb_strand_id 
_struct_ref_seq_dif.seq_num 
_struct_ref_seq_dif.pdbx_pdb_ins_code 
_struct_ref_seq_dif.pdbx_seq_db_name 
_struct_ref_seq_dif.pdbx_seq_db_accession_code 
_struct_ref_seq_dif.db_mon_id 
_struct_ref_seq_dif.pdbx_seq_db_seq_num 
_struct_ref_seq_dif.details 
_struct_ref_seq_dif.pdbx_auth_seq_num 
_struct_ref_seq_dif.pdbx_ordinal 
2 5DBR GLY C 1 ? UNP Q14524 ? ? 'expression tag' 1479 1 
2 5DBR PRO C 2 ? UNP Q14524 ? ? 'expression tag' 1480 2 
2 5DBR GLY C 3 ? UNP Q14524 ? ? 'expression tag' 1481 3 
2 5DBR SER C 4 ? UNP Q14524 ? ? 'expression tag' 1482 4 
# 
loop_
_chem_comp.id 
_chem_comp.type 
_chem_comp.mon_nstd_flag 
_chem_comp.name 
_chem_comp.pdbx_synonyms 
_chem_comp.formula 
_chem_comp.formula_weight 
ALA 'L-peptide linking' y ALANINE         ? 'C3 H7 N O2'     89.093  
ARG 'L-peptide linking' y ARGININE        ? 'C6 H15 N4 O2 1' 175.209 
ASN 'L-peptide linking' y ASPARAGINE      ? 'C4 H8 N2 O3'    132.118 
ASP 'L-peptide linking' y 'ASPARTIC ACID' ? 'C4 H7 N O4'     133.103 
CA  non-polymer         . 'CALCIUM ION'   ? 'Ca 2'           40.078  
GLN 'L-peptide linking' y GLUTAMINE       ? 'C5 H10 N2 O3'   146.144 
GLU 'L-peptide linking' y 'GLUTAMIC ACID' ? 'C5 H9 N O4'     147.129 
GLY 'peptide linking'   y GLYCINE         ? 'C2 H5 N O2'     75.067  
HIS 'L-peptide linking' y HISTIDINE       ? 'C6 H10 N3 O2 1' 156.162 
HOH non-polymer         . WATER           ? 'H2 O'           18.015  
ILE 'L-peptide linking' y ISOLEUCINE      ? 'C6 H13 N O2'    131.173 
LEU 'L-peptide linking' y LEUCINE         ? 'C6 H13 N O2'    131.173 
LYS 'L-peptide linking' y LYSINE          ? 'C6 H15 N2 O2 1' 147.195 
MET 'L-peptide linking' y METHIONINE      ? 'C5 H11 N O2 S'  149.211 
PHE 'L-peptide linking' y PHENYLALANINE   ? 'C9 H11 N O2'    165.189 
PRO 'L-peptide linking' y PROLINE         ? 'C5 H9 N O2'     115.130 
SER 'L-peptide linking' y SERINE          ? 'C3 H7 N O3'     105.093 
THR 'L-peptide linking' y THREONINE       ? 'C4 H9 N O3'     119.119 
TYR 'L-peptide linking' y TYROSINE        ? 'C9 H11 N O3'    181.189 
VAL 'L-peptide linking' y VALINE          ? 'C5 H11 N O2'    117.146 
# 
_exptl.absorpt_coefficient_mu     ? 
_exptl.absorpt_correction_T_max   ? 
_exptl.absorpt_correction_T_min   ? 
_exptl.absorpt_correction_type    ? 
_exptl.absorpt_process_details    ? 
_exptl.entry_id                   5DBR 
_exptl.crystals_number            1 
_exptl.details                    ? 
_exptl.method                     'X-RAY DIFFRACTION' 
_exptl.method_details             ? 
# 
_exptl_crystal.colour                      ? 
_exptl_crystal.density_diffrn              ? 
_exptl_crystal.density_Matthews            2.71 
_exptl_crystal.density_method              ? 
_exptl_crystal.density_percent_sol         54.70 
_exptl_crystal.description                 ? 
_exptl_crystal.F_000                       ? 
_exptl_crystal.id                          1 
_exptl_crystal.preparation                 ? 
_exptl_crystal.size_max                    ? 
_exptl_crystal.size_mid                    ? 
_exptl_crystal.size_min                    ? 
_exptl_crystal.size_rad                    ? 
_exptl_crystal.colour_lustre               ? 
_exptl_crystal.colour_modifier             ? 
_exptl_crystal.colour_primary              ? 
_exptl_crystal.density_meas                ? 
_exptl_crystal.density_meas_esd            ? 
_exptl_crystal.density_meas_gt             ? 
_exptl_crystal.density_meas_lt             ? 
_exptl_crystal.density_meas_temp           ? 
_exptl_crystal.density_meas_temp_esd       ? 
_exptl_crystal.density_meas_temp_gt        ? 
_exptl_crystal.density_meas_temp_lt        ? 
_exptl_crystal.pdbx_crystal_image_url      ? 
_exptl_crystal.pdbx_crystal_image_format   ? 
_exptl_crystal.pdbx_mosaicity              ? 
_exptl_crystal.pdbx_mosaicity_esd          ? 
# 
_exptl_crystal_grow.apparatus       ? 
_exptl_crystal_grow.atmosphere      ? 
_exptl_crystal_grow.crystal_id      1 
_exptl_crystal_grow.details         ? 
_exptl_crystal_grow.method          'VAPOR DIFFUSION, HANGING DROP' 
_exptl_crystal_grow.method_ref      ? 
_exptl_crystal_grow.pH              4.0 
_exptl_crystal_grow.pressure        ? 
_exptl_crystal_grow.pressure_esd    ? 
_exptl_crystal_grow.seeding         ? 
_exptl_crystal_grow.seeding_ref     ? 
_exptl_crystal_grow.temp            298 
_exptl_crystal_grow.temp_details    ? 
_exptl_crystal_grow.temp_esd        ? 
_exptl_crystal_grow.time            ? 
_exptl_crystal_grow.pdbx_details    '0.2M sodium malonate pH 4.0, 20% w/v PEG 3350' 
_exptl_crystal_grow.pdbx_pH_range   ? 
# 
_diffrn.ambient_environment    ? 
_diffrn.ambient_temp           100 
_diffrn.ambient_temp_details   ? 
_diffrn.ambient_temp_esd       ? 
_diffrn.crystal_id             1 
_diffrn.crystal_support        ? 
_diffrn.crystal_treatment      ? 
_diffrn.details                ? 
_diffrn.id                     1 
_diffrn.ambient_pressure       ? 
_diffrn.ambient_pressure_esd   ? 
_diffrn.ambient_pressure_gt    ? 
_diffrn.ambient_pressure_lt    ? 
_diffrn.ambient_temp_gt        ? 
_diffrn.ambient_temp_lt        ? 
# 
_diffrn_detector.details                      ? 
_diffrn_detector.detector                     CCD 
_diffrn_detector.diffrn_id                    1 
_diffrn_detector.type                         'Bruker Platinum 135' 
_diffrn_detector.area_resol_mean              ? 
_diffrn_detector.dtime                        ? 
_diffrn_detector.pdbx_frames_total            ? 
_diffrn_detector.pdbx_collection_time_total   ? 
_diffrn_detector.pdbx_collection_date         2013-07-31 
# 
_diffrn_radiation.collimation                      ? 
_diffrn_radiation.diffrn_id                        1 
_diffrn_radiation.filter_edge                      ? 
_diffrn_radiation.inhomogeneity                    ? 
_diffrn_radiation.monochromator                    ? 
_diffrn_radiation.polarisn_norm                    ? 
_diffrn_radiation.polarisn_ratio                   ? 
_diffrn_radiation.probe                            ? 
_diffrn_radiation.type                             ? 
_diffrn_radiation.xray_symbol                      ? 
_diffrn_radiation.wavelength_id                    1 
_diffrn_radiation.pdbx_monochromatic_or_laue_m_l   M 
_diffrn_radiation.pdbx_wavelength_list             ? 
_diffrn_radiation.pdbx_wavelength                  ? 
_diffrn_radiation.pdbx_diffrn_protocol             'SINGLE WAVELENGTH' 
_diffrn_radiation.pdbx_analyzer                    ? 
_diffrn_radiation.pdbx_scattering_type             x-ray 
# 
_diffrn_radiation_wavelength.id           1 
_diffrn_radiation_wavelength.wavelength   1.5418 
_diffrn_radiation_wavelength.wt           1.0 
# 
_diffrn_source.current                     ? 
_diffrn_source.details                     ? 
_diffrn_source.diffrn_id                   1 
_diffrn_source.power                       ? 
_diffrn_source.size                        ? 
_diffrn_source.source                      'ROTATING ANODE' 
_diffrn_source.target                      ? 
_diffrn_source.type                        'BRUKER AXS MICROSTAR' 
_diffrn_source.voltage                     ? 
_diffrn_source.take-off_angle              ? 
_diffrn_source.pdbx_wavelength_list        1.5418 
_diffrn_source.pdbx_wavelength             ? 
_diffrn_source.pdbx_synchrotron_beamline   ? 
_diffrn_source.pdbx_synchrotron_site       ? 
# 
_reflns.B_iso_Wilson_estimate            ? 
_reflns.entry_id                         5DBR 
_reflns.data_reduction_details           ? 
_reflns.data_reduction_method            ? 
_reflns.d_resolution_high                2.25 
_reflns.d_resolution_low                 50.30 
_reflns.details                          ? 
_reflns.limit_h_max                      ? 
_reflns.limit_h_min                      ? 
_reflns.limit_k_max                      ? 
_reflns.limit_k_min                      ? 
_reflns.limit_l_max                      ? 
_reflns.limit_l_min                      ? 
_reflns.number_all                       ? 
_reflns.number_obs                       9401 
_reflns.observed_criterion               ? 
_reflns.observed_criterion_F_max         ? 
_reflns.observed_criterion_F_min         ? 
_reflns.observed_criterion_I_max         ? 
_reflns.observed_criterion_I_min         ? 
_reflns.observed_criterion_sigma_F       ? 
_reflns.observed_criterion_sigma_I       ? 
_reflns.percent_possible_obs             99.58 
_reflns.R_free_details                   ? 
_reflns.Rmerge_F_all                     ? 
_reflns.Rmerge_F_obs                     ? 
_reflns.Friedel_coverage                 ? 
_reflns.number_gt                        ? 
_reflns.threshold_expression             ? 
_reflns.pdbx_redundancy                  15.6 
_reflns.pdbx_Rmerge_I_obs                0.0905 
_reflns.pdbx_Rmerge_I_all                ? 
_reflns.pdbx_Rsym_value                  ? 
_reflns.pdbx_netI_over_av_sigmaI         ? 
_reflns.pdbx_netI_over_sigmaI            18.4 
_reflns.pdbx_res_netI_over_av_sigmaI_2   ? 
_reflns.pdbx_res_netI_over_sigmaI_2      ? 
_reflns.pdbx_chi_squared                 ? 
_reflns.pdbx_scaling_rejects             ? 
_reflns.pdbx_d_res_high_opt              ? 
_reflns.pdbx_d_res_low_opt               ? 
_reflns.pdbx_d_res_opt_method            ? 
_reflns.phase_calculation_details        ? 
_reflns.pdbx_Rrim_I_all                  ? 
_reflns.pdbx_Rpim_I_all                  ? 
_reflns.pdbx_d_opt                       ? 
_reflns.pdbx_number_measured_all         ? 
_reflns.pdbx_diffrn_id                   1 
_reflns.pdbx_ordinal                     1 
_reflns.pdbx_CC_half                     ? 
_reflns.pdbx_R_split                     ? 
# 
_reflns_shell.Rmerge_F_all                ? 
_reflns_shell.Rmerge_F_gt                 ? 
_reflns_shell.Rmerge_F_obs                ? 
_reflns_shell.Rmerge_I_all                ? 
_reflns_shell.Rmerge_I_gt                 ? 
_reflns_shell.Rmerge_I_obs                0.4455 
_reflns_shell.d_res_high                  2.25 
_reflns_shell.d_res_low                   2.3 
_reflns_shell.meanI_over_sigI_all         ? 
_reflns_shell.meanI_over_sigI_gt          ? 
_reflns_shell.meanI_over_sigI_obs         4.1 
_reflns_shell.meanI_over_uI_all           ? 
_reflns_shell.meanI_over_uI_gt            ? 
_reflns_shell.number_measured_all         ? 
_reflns_shell.number_measured_gt          ? 
_reflns_shell.number_measured_obs         ? 
_reflns_shell.number_possible             ? 
_reflns_shell.number_unique_all           ? 
_reflns_shell.number_unique_gt            ? 
_reflns_shell.number_unique_obs           ? 
_reflns_shell.pdbx_CC_half                ? 
_reflns_shell.pdbx_R_split                ? 
_reflns_shell.pdbx_Rpim_I_all             ? 
_reflns_shell.pdbx_Rrim_I_all             ? 
_reflns_shell.pdbx_Rsym_value             ? 
_reflns_shell.pdbx_chi_squared            ? 
_reflns_shell.pdbx_diffrn_id              ? 
_reflns_shell.pdbx_netI_over_sigmaI_all   ? 
_reflns_shell.pdbx_netI_over_sigmaI_obs   ? 
_reflns_shell.pdbx_ordinal                1 
_reflns_shell.pdbx_redundancy             10.56 
_reflns_shell.pdbx_rejects                ? 
_reflns_shell.percent_possible_all        100 
_reflns_shell.percent_possible_gt         ? 
_reflns_shell.percent_possible_obs        ? 
# 
_refine.aniso_B[1][1]                            1.2200 
_refine.aniso_B[1][2]                            0.6100 
_refine.aniso_B[1][3]                            0.0000 
_refine.aniso_B[2][2]                            1.2200 
_refine.aniso_B[2][3]                            -0.0000 
_refine.aniso_B[3][3]                            -3.9500 
_refine.B_iso_max                                82.680 
_refine.B_iso_mean                               39.9570 
_refine.B_iso_min                                20.000 
_refine.correlation_coeff_Fo_to_Fc               0.9430 
_refine.correlation_coeff_Fo_to_Fc_free          0.9000 
_refine.details                                  
'HYDROGENS HAVE BEEN ADDED IN THE RIDING POSITIONS U VALUES      : REFINED INDIVIDUALLY' 
_refine.diff_density_max                         ? 
_refine.diff_density_max_esd                     ? 
_refine.diff_density_min                         ? 
_refine.diff_density_min_esd                     ? 
_refine.diff_density_rms                         ? 
_refine.diff_density_rms_esd                     ? 
_refine.entry_id                                 5DBR 
_refine.pdbx_refine_id                           'X-RAY DIFFRACTION' 
_refine.ls_abs_structure_details                 ? 
_refine.ls_abs_structure_Flack                   ? 
_refine.ls_abs_structure_Flack_esd               ? 
_refine.ls_abs_structure_Rogers                  ? 
_refine.ls_abs_structure_Rogers_esd              ? 
_refine.ls_d_res_high                            2.2500 
_refine.ls_d_res_low                             50.3000 
_refine.ls_extinction_coef                       ? 
_refine.ls_extinction_coef_esd                   ? 
_refine.ls_extinction_expression                 ? 
_refine.ls_extinction_method                     ? 
_refine.ls_goodness_of_fit_all                   ? 
_refine.ls_goodness_of_fit_all_esd               ? 
_refine.ls_goodness_of_fit_obs                   ? 
_refine.ls_goodness_of_fit_obs_esd               ? 
_refine.ls_hydrogen_treatment                    ? 
_refine.ls_matrix_type                           ? 
_refine.ls_number_constraints                    ? 
_refine.ls_number_parameters                     ? 
_refine.ls_number_reflns_all                     ? 
_refine.ls_number_reflns_obs                     9401 
_refine.ls_number_reflns_R_free                  543 
_refine.ls_number_reflns_R_work                  ? 
_refine.ls_number_restraints                     ? 
_refine.ls_percent_reflns_obs                    99.5800 
_refine.ls_percent_reflns_R_free                 5.5000 
_refine.ls_R_factor_all                          ? 
_refine.ls_R_factor_obs                          0.2236 
_refine.ls_R_factor_R_free                       0.2842 
_refine.ls_R_factor_R_free_error                 ? 
_refine.ls_R_factor_R_free_error_details         ? 
_refine.ls_R_factor_R_work                       0.2200 
_refine.ls_R_Fsqd_factor_obs                     ? 
_refine.ls_R_I_factor_obs                        ? 
_refine.ls_redundancy_reflns_all                 ? 
_refine.ls_redundancy_reflns_obs                 ? 
_refine.ls_restrained_S_all                      ? 
_refine.ls_restrained_S_obs                      ? 
_refine.ls_shift_over_esd_max                    ? 
_refine.ls_shift_over_esd_mean                   ? 
_refine.ls_structure_factor_coef                 ? 
_refine.ls_weighting_details                     ? 
_refine.ls_weighting_scheme                      ? 
_refine.ls_wR_factor_all                         ? 
_refine.ls_wR_factor_obs                         ? 
_refine.ls_wR_factor_R_free                      ? 
_refine.ls_wR_factor_R_work                      ? 
_refine.occupancy_max                            ? 
_refine.occupancy_min                            ? 
_refine.solvent_model_details                    MASK 
_refine.solvent_model_param_bsol                 ? 
_refine.solvent_model_param_ksol                 ? 
_refine.ls_R_factor_gt                           ? 
_refine.ls_goodness_of_fit_gt                    ? 
_refine.ls_goodness_of_fit_ref                   ? 
_refine.ls_shift_over_su_max                     ? 
_refine.ls_shift_over_su_max_lt                  ? 
_refine.ls_shift_over_su_mean                    ? 
_refine.ls_shift_over_su_mean_lt                 ? 
_refine.pdbx_ls_sigma_I                          ? 
_refine.pdbx_ls_sigma_F                          0.000 
_refine.pdbx_ls_sigma_Fsqd                       ? 
_refine.pdbx_data_cutoff_high_absF               ? 
_refine.pdbx_data_cutoff_high_rms_absF           ? 
_refine.pdbx_data_cutoff_low_absF                ? 
_refine.pdbx_isotropic_thermal_model             ? 
_refine.pdbx_ls_cross_valid_method               THROUGHOUT 
_refine.pdbx_method_to_determine_struct          'MOLECULAR REPLACEMENT' 
_refine.pdbx_starting_model                      4DJC 
_refine.pdbx_stereochemistry_target_values       'MAXIMUM LIKELIHOOD' 
_refine.pdbx_R_Free_selection_details            RANDOM 
_refine.pdbx_stereochem_target_val_spec_case     ? 
_refine.pdbx_overall_ESU_R                       0.2610 
_refine.pdbx_overall_ESU_R_Free                  0.2340 
_refine.pdbx_solvent_vdw_probe_radii             1.2000 
_refine.pdbx_solvent_ion_probe_radii             0.8000 
_refine.pdbx_solvent_shrinkage_radii             0.8000 
_refine.pdbx_real_space_R                        ? 
_refine.pdbx_density_correlation                 ? 
_refine.pdbx_pd_number_of_powder_patterns        ? 
_refine.pdbx_pd_number_of_points                 ? 
_refine.pdbx_pd_meas_number_of_points            ? 
_refine.pdbx_pd_proc_ls_prof_R_factor            ? 
_refine.pdbx_pd_proc_ls_prof_wR_factor           ? 
_refine.pdbx_pd_Marquardt_correlation_coeff      ? 
_refine.pdbx_pd_Fsqrd_R_factor                   ? 
_refine.pdbx_pd_ls_matrix_band_width             ? 
_refine.pdbx_overall_phase_error                 ? 
_refine.pdbx_overall_SU_R_free_Cruickshank_DPI   ? 
_refine.pdbx_overall_SU_R_free_Blow_DPI          ? 
_refine.pdbx_overall_SU_R_Blow_DPI               ? 
_refine.pdbx_TLS_residual_ADP_flag               ? 
_refine.pdbx_diffrn_id                           1 
_refine.overall_SU_B                             7.1370 
_refine.overall_SU_ML                            0.1740 
_refine.overall_SU_R_Cruickshank_DPI             ? 
_refine.overall_SU_R_free                        ? 
_refine.overall_FOM_free_R_set                   ? 
_refine.overall_FOM_work_R_set                   ? 
_refine.pdbx_average_fsc_overall                 ? 
_refine.pdbx_average_fsc_work                    ? 
_refine.pdbx_average_fsc_free                    ? 
# 
_refine_hist.cycle_id                         final 
_refine_hist.pdbx_refine_id                   'X-RAY DIFFRACTION' 
_refine_hist.d_res_high                       2.2500 
_refine_hist.d_res_low                        50.3000 
_refine_hist.pdbx_number_atoms_ligand         4 
_refine_hist.number_atoms_solvent             12 
_refine_hist.number_atoms_total               1212 
_refine_hist.pdbx_number_residues_total       159 
_refine_hist.pdbx_B_iso_mean_ligand           38.59 
_refine_hist.pdbx_B_iso_mean_solvent          39.77 
_refine_hist.pdbx_number_atoms_protein        1196 
_refine_hist.pdbx_number_atoms_nucleic_acid   0 
# 
loop_
_refine_ls_restr.pdbx_refine_id 
_refine_ls_restr.criterion 
_refine_ls_restr.dev_ideal 
_refine_ls_restr.dev_ideal_target 
_refine_ls_restr.number 
_refine_ls_restr.rejects 
_refine_ls_restr.type 
_refine_ls_restr.weight 
_refine_ls_restr.pdbx_restraint_function 
'X-RAY DIFFRACTION' ? 0.018  0.019  1210 ? r_bond_refined_d       ? ? 
'X-RAY DIFFRACTION' ? 0.002  0.020  1077 ? r_bond_other_d         ? ? 
'X-RAY DIFFRACTION' ? 1.913  1.959  1635 ? r_angle_refined_deg    ? ? 
'X-RAY DIFFRACTION' ? 1.101  3.000  2475 ? r_angle_other_deg      ? ? 
'X-RAY DIFFRACTION' ? 6.420  5.000  157  ? r_dihedral_angle_1_deg ? ? 
'X-RAY DIFFRACTION' ? 27.785 26.393 61   ? r_dihedral_angle_2_deg ? ? 
'X-RAY DIFFRACTION' ? 17.830 15.000 198  ? r_dihedral_angle_3_deg ? ? 
'X-RAY DIFFRACTION' ? 29.800 15.000 4    ? r_dihedral_angle_4_deg ? ? 
'X-RAY DIFFRACTION' ? 0.105  0.200  188  ? r_chiral_restr         ? ? 
'X-RAY DIFFRACTION' ? 0.009  0.020  1411 ? r_gen_planes_refined   ? ? 
'X-RAY DIFFRACTION' ? 0.002  0.020  255  ? r_gen_planes_other     ? ? 
'X-RAY DIFFRACTION' ? 3.350  4.013  634  ? r_mcbond_it            ? ? 
'X-RAY DIFFRACTION' ? 3.338  4.008  633  ? r_mcbond_other         ? ? 
'X-RAY DIFFRACTION' ? 4.434  5.997  789  ? r_mcangle_it           ? ? 
# 
_refine_ls_shell.pdbx_refine_id                   'X-RAY DIFFRACTION' 
_refine_ls_shell.d_res_high                       2.2500 
_refine_ls_shell.d_res_low                        2.3080 
_refine_ls_shell.number_reflns_all                734 
_refine_ls_shell.number_reflns_obs                ? 
_refine_ls_shell.number_reflns_R_free             20 
_refine_ls_shell.number_reflns_R_work             714 
_refine_ls_shell.percent_reflns_obs               99.7300 
_refine_ls_shell.percent_reflns_R_free            ? 
_refine_ls_shell.R_factor_all                     ? 
_refine_ls_shell.R_factor_obs                     ? 
_refine_ls_shell.R_factor_R_free                  0.4050 
_refine_ls_shell.R_factor_R_free_error            ? 
_refine_ls_shell.R_factor_R_work                  0.2530 
_refine_ls_shell.redundancy_reflns_all            ? 
_refine_ls_shell.redundancy_reflns_obs            ? 
_refine_ls_shell.wR_factor_all                    ? 
_refine_ls_shell.wR_factor_obs                    ? 
_refine_ls_shell.wR_factor_R_free                 ? 
_refine_ls_shell.wR_factor_R_work                 ? 
_refine_ls_shell.pdbx_total_number_of_bins_used   20 
_refine_ls_shell.pdbx_phase_error                 ? 
_refine_ls_shell.pdbx_fsc_work                    ? 
_refine_ls_shell.pdbx_fsc_free                    ? 
# 
_struct.entry_id                     5DBR 
_struct.title                        'Ca2+ CaM with human cardiac Na+ channel (NaV1.5) inactivation gate' 
_struct.pdbx_model_details           ? 
_struct.pdbx_formula_weight          ? 
_struct.pdbx_formula_weight_method   ? 
_struct.pdbx_model_type_details      ? 
_struct.pdbx_CASP_flag               ? 
# 
_struct_keywords.entry_id        5DBR 
_struct_keywords.text            'Calmodulin, NaV1.5, Inactivation gate, Metal Binding Protein-Transport Protein complex' 
_struct_keywords.pdbx_keywords   'Metal Binding Protein/Transport Protein' 
# 
loop_
_struct_asym.id 
_struct_asym.pdbx_blank_PDB_chainid_flag 
_struct_asym.pdbx_modified 
_struct_asym.entity_id 
_struct_asym.details 
A N N 1 ? 
B N N 2 ? 
C N N 3 ? 
D N N 3 ? 
E N N 3 ? 
F N N 3 ? 
G N N 4 ? 
H N N 4 ? 
# 
loop_
_struct_conf.conf_type_id 
_struct_conf.id 
_struct_conf.pdbx_PDB_helix_id 
_struct_conf.beg_label_comp_id 
_struct_conf.beg_label_asym_id 
_struct_conf.beg_label_seq_id 
_struct_conf.pdbx_beg_PDB_ins_code 
_struct_conf.end_label_comp_id 
_struct_conf.end_label_asym_id 
_struct_conf.end_label_seq_id 
_struct_conf.pdbx_end_PDB_ins_code 
_struct_conf.beg_auth_comp_id 
_struct_conf.beg_auth_asym_id 
_struct_conf.beg_auth_seq_id 
_struct_conf.end_auth_comp_id 
_struct_conf.end_auth_asym_id 
_struct_conf.end_auth_seq_id 
_struct_conf.pdbx_PDB_helix_class 
_struct_conf.details 
_struct_conf.pdbx_PDB_helix_length 
HELX_P HELX_P1 AA1 THR A 2   ? ASP A 17  ? THR A 5    ASP A 20   1 ? 16 
HELX_P HELX_P2 AA2 THR A 25  ? LEU A 36  ? THR A 28   LEU A 39   1 ? 12 
HELX_P HELX_P3 AA3 THR A 41  ? ASP A 53  ? THR A 44   ASP A 56   1 ? 13 
HELX_P HELX_P4 AA4 PHE A 62  ? ASP A 90  ? PHE A 65   ASP A 93   1 ? 29 
HELX_P HELX_P5 AA5 SER A 98  ? LEU A 109 ? SER A 101  LEU A 112  1 ? 12 
HELX_P HELX_P6 AA6 THR A 114 ? ASP A 126 ? THR A 117  ASP A 129  1 ? 13 
HELX_P HELX_P7 AA7 ASN A 134 ? ALA A 144 ? ASN A 137  ALA A 147  1 ? 11 
HELX_P HELX_P8 AA8 ASN B 37  ? LYS B 49  ? ASN C 1515 LYS C 1527 1 ? 13 
# 
_struct_conf_type.id          HELX_P 
_struct_conf_type.criteria    ? 
_struct_conf_type.reference   ? 
# 
loop_
_struct_conn.id 
_struct_conn.conn_type_id 
_struct_conn.pdbx_leaving_atom_flag 
_struct_conn.pdbx_PDB_id 
_struct_conn.ptnr1_label_asym_id 
_struct_conn.ptnr1_label_comp_id 
_struct_conn.ptnr1_label_seq_id 
_struct_conn.ptnr1_label_atom_id 
_struct_conn.pdbx_ptnr1_label_alt_id 
_struct_conn.pdbx_ptnr1_PDB_ins_code 
_struct_conn.pdbx_ptnr1_standard_comp_id 
_struct_conn.ptnr1_symmetry 
_struct_conn.ptnr2_label_asym_id 
_struct_conn.ptnr2_label_comp_id 
_struct_conn.ptnr2_label_seq_id 
_struct_conn.ptnr2_label_atom_id 
_struct_conn.pdbx_ptnr2_label_alt_id 
_struct_conn.pdbx_ptnr2_PDB_ins_code 
_struct_conn.ptnr1_auth_asym_id 
_struct_conn.ptnr1_auth_comp_id 
_struct_conn.ptnr1_auth_seq_id 
_struct_conn.ptnr2_auth_asym_id 
_struct_conn.ptnr2_auth_comp_id 
_struct_conn.ptnr2_auth_seq_id 
_struct_conn.ptnr2_symmetry 
_struct_conn.pdbx_ptnr3_label_atom_id 
_struct_conn.pdbx_ptnr3_label_seq_id 
_struct_conn.pdbx_ptnr3_label_comp_id 
_struct_conn.pdbx_ptnr3_label_asym_id 
_struct_conn.pdbx_ptnr3_label_alt_id 
_struct_conn.pdbx_ptnr3_PDB_ins_code 
_struct_conn.details 
_struct_conn.pdbx_dist_value 
_struct_conn.pdbx_value_order 
_struct_conn.pdbx_role 
metalc1  metalc ? ? A ASP 17  OD1 ? ? ? 1_555 C CA  . CA ? ? A ASP 20  A CA  201 1_555 ? ? ? ? ? ? ? 2.249 ? ? 
metalc2  metalc ? ? A ASP 19  OD1 ? ? ? 1_555 C CA  . CA ? ? A ASP 22  A CA  201 1_555 ? ? ? ? ? ? ? 2.537 ? ? 
metalc3  metalc ? ? A ASP 21  OD1 ? ? ? 1_555 C CA  . CA ? ? A ASP 24  A CA  201 1_555 ? ? ? ? ? ? ? 2.262 ? ? 
metalc4  metalc ? ? A THR 23  O   ? ? ? 1_555 C CA  . CA ? ? A THR 26  A CA  201 1_555 ? ? ? ? ? ? ? 2.306 ? ? 
metalc5  metalc ? ? A GLU 28  OE1 ? ? ? 1_555 C CA  . CA ? ? A GLU 31  A CA  201 1_555 ? ? ? ? ? ? ? 2.493 ? ? 
metalc6  metalc ? ? A GLU 28  OE2 ? ? ? 1_555 C CA  . CA ? ? A GLU 31  A CA  201 1_555 ? ? ? ? ? ? ? 2.237 ? ? 
metalc7  metalc ? ? A ASP 53  OD1 ? ? ? 1_555 E CA  . CA ? ? A ASP 56  A CA  203 1_555 ? ? ? ? ? ? ? 2.142 ? ? 
metalc8  metalc ? ? A ASP 55  OD1 ? ? ? 1_555 E CA  . CA ? ? A ASP 58  A CA  203 1_555 ? ? ? ? ? ? ? 2.630 ? ? 
metalc9  metalc ? ? A ASN 57  OD1 ? ? ? 1_555 E CA  . CA ? ? A ASN 60  A CA  203 1_555 ? ? ? ? ? ? ? 2.567 ? ? 
metalc10 metalc ? ? A THR 59  O   ? ? ? 1_555 E CA  . CA ? ? A THR 62  A CA  203 1_555 ? ? ? ? ? ? ? 2.443 ? ? 
metalc11 metalc ? ? A GLU 64  OE1 ? ? ? 1_555 E CA  . CA ? ? A GLU 67  A CA  203 1_555 ? ? ? ? ? ? ? 2.506 ? ? 
metalc12 metalc ? ? A GLU 64  OE2 ? ? ? 1_555 E CA  . CA ? ? A GLU 67  A CA  203 1_555 ? ? ? ? ? ? ? 2.503 ? ? 
metalc13 metalc ? ? A ASP 90  OD1 ? ? ? 1_555 D CA  . CA ? ? A ASP 93  A CA  202 1_555 ? ? ? ? ? ? ? 2.403 ? ? 
metalc14 metalc ? ? A ASP 92  OD1 ? ? ? 1_555 D CA  . CA ? ? A ASP 95  A CA  202 1_555 ? ? ? ? ? ? ? 2.447 ? ? 
metalc15 metalc ? ? A ASN 94  OD1 ? ? ? 1_555 D CA  . CA ? ? A ASN 97  A CA  202 1_555 ? ? ? ? ? ? ? 2.100 ? ? 
metalc16 metalc ? ? A TYR 96  O   ? ? ? 1_555 D CA  . CA ? ? A TYR 99  A CA  202 1_555 ? ? ? ? ? ? ? 2.232 ? ? 
metalc17 metalc ? ? A GLU 101 OE1 ? ? ? 1_555 D CA  . CA ? ? A GLU 104 A CA  202 1_555 ? ? ? ? ? ? ? 2.473 ? ? 
metalc18 metalc ? ? A GLU 101 OE2 ? ? ? 1_555 D CA  . CA ? ? A GLU 104 A CA  202 1_555 ? ? ? ? ? ? ? 2.433 ? ? 
metalc19 metalc ? ? A ASP 126 OD1 ? ? ? 1_555 F CA  . CA ? ? A ASP 129 A CA  204 1_555 ? ? ? ? ? ? ? 2.280 ? ? 
metalc20 metalc ? ? A ASP 128 OD1 ? ? ? 1_555 F CA  . CA ? ? A ASP 131 A CA  204 1_555 ? ? ? ? ? ? ? 2.539 ? ? 
metalc21 metalc ? ? A ASP 130 OD1 ? ? ? 1_555 F CA  . CA ? ? A ASP 133 A CA  204 1_555 ? ? ? ? ? ? ? 2.348 ? ? 
metalc22 metalc ? ? A GLN 132 O   ? ? ? 1_555 F CA  . CA ? ? A GLN 135 A CA  204 1_555 ? ? ? ? ? ? ? 2.238 ? ? 
metalc23 metalc ? ? A GLU 137 OE1 ? ? ? 1_555 F CA  . CA ? ? A GLU 140 A CA  204 1_555 ? ? ? ? ? ? ? 2.436 ? ? 
metalc24 metalc ? ? A GLU 137 OE2 ? ? ? 1_555 F CA  . CA ? ? A GLU 140 A CA  204 1_555 ? ? ? ? ? ? ? 2.458 ? ? 
metalc25 metalc ? ? C CA  .   CA  ? ? ? 1_555 G HOH . O  ? ? A CA  201 A HOH 308 6_554 ? ? ? ? ? ? ? 2.411 ? ? 
metalc26 metalc ? ? D CA  .   CA  ? ? ? 1_555 G HOH . O  ? ? A CA  202 A HOH 310 1_555 ? ? ? ? ? ? ? 2.441 ? ? 
metalc27 metalc ? ? E CA  .   CA  ? ? ? 1_555 G HOH . O  ? ? A CA  203 A HOH 301 1_555 ? ? ? ? ? ? ? 2.381 ? ? 
metalc28 metalc ? ? F CA  .   CA  ? ? ? 1_555 G HOH . O  ? ? A CA  204 A HOH 302 1_555 ? ? ? ? ? ? ? 2.509 ? ? 
# 
_struct_conn_type.id          metalc 
_struct_conn_type.criteria    ? 
_struct_conn_type.reference   ? 
# 
_struct_sheet.id               AA1 
_struct_sheet.type             ? 
_struct_sheet.number_strands   2 
_struct_sheet.details          ? 
# 
_struct_sheet_order.sheet_id     AA1 
_struct_sheet_order.range_id_1   1 
_struct_sheet_order.range_id_2   2 
_struct_sheet_order.offset       ? 
_struct_sheet_order.sense        anti-parallel 
# 
loop_
_struct_sheet_range.sheet_id 
_struct_sheet_range.id 
_struct_sheet_range.beg_label_comp_id 
_struct_sheet_range.beg_label_asym_id 
_struct_sheet_range.beg_label_seq_id 
_struct_sheet_range.pdbx_beg_PDB_ins_code 
_struct_sheet_range.end_label_comp_id 
_struct_sheet_range.end_label_asym_id 
_struct_sheet_range.end_label_seq_id 
_struct_sheet_range.pdbx_end_PDB_ins_code 
_struct_sheet_range.beg_auth_comp_id 
_struct_sheet_range.beg_auth_asym_id 
_struct_sheet_range.beg_auth_seq_id 
_struct_sheet_range.end_auth_comp_id 
_struct_sheet_range.end_auth_asym_id 
_struct_sheet_range.end_auth_seq_id 
AA1 1 THR A 23 ? ILE A 24 ? THR A 26 ILE A 27 
AA1 2 ILE A 60 ? ASP A 61 ? ILE A 63 ASP A 64 
# 
_pdbx_struct_sheet_hbond.sheet_id                AA1 
_pdbx_struct_sheet_hbond.range_id_1              1 
_pdbx_struct_sheet_hbond.range_id_2              2 
_pdbx_struct_sheet_hbond.range_1_label_atom_id   N 
_pdbx_struct_sheet_hbond.range_1_label_comp_id   ILE 
_pdbx_struct_sheet_hbond.range_1_label_asym_id   A 
_pdbx_struct_sheet_hbond.range_1_label_seq_id    24 
_pdbx_struct_sheet_hbond.range_1_PDB_ins_code    ? 
_pdbx_struct_sheet_hbond.range_1_auth_atom_id    N 
_pdbx_struct_sheet_hbond.range_1_auth_comp_id    ILE 
_pdbx_struct_sheet_hbond.range_1_auth_asym_id    A 
_pdbx_struct_sheet_hbond.range_1_auth_seq_id     27 
_pdbx_struct_sheet_hbond.range_2_label_atom_id   O 
_pdbx_struct_sheet_hbond.range_2_label_comp_id   ILE 
_pdbx_struct_sheet_hbond.range_2_label_asym_id   A 
_pdbx_struct_sheet_hbond.range_2_label_seq_id    60 
_pdbx_struct_sheet_hbond.range_2_PDB_ins_code    ? 
_pdbx_struct_sheet_hbond.range_2_auth_atom_id    O 
_pdbx_struct_sheet_hbond.range_2_auth_comp_id    ILE 
_pdbx_struct_sheet_hbond.range_2_auth_asym_id    A 
_pdbx_struct_sheet_hbond.range_2_auth_seq_id     63 
# 
loop_
_struct_site.id 
_struct_site.pdbx_evidence_code 
_struct_site.pdbx_auth_asym_id 
_struct_site.pdbx_auth_comp_id 
_struct_site.pdbx_auth_seq_id 
_struct_site.pdbx_auth_ins_code 
_struct_site.pdbx_num_residues 
_struct_site.details 
AC1 Software A CA 201 ? 6 'binding site for residue CA A 201' 
AC2 Software A CA 202 ? 6 'binding site for residue CA A 202' 
AC3 Software A CA 203 ? 6 'binding site for residue CA A 203' 
AC4 Software A CA 204 ? 6 'binding site for residue CA A 204' 
# 
loop_
_struct_site_gen.id 
_struct_site_gen.site_id 
_struct_site_gen.pdbx_num_res 
_struct_site_gen.label_comp_id 
_struct_site_gen.label_asym_id 
_struct_site_gen.label_seq_id 
_struct_site_gen.pdbx_auth_ins_code 
_struct_site_gen.auth_comp_id 
_struct_site_gen.auth_asym_id 
_struct_site_gen.auth_seq_id 
_struct_site_gen.label_atom_id 
_struct_site_gen.label_alt_id 
_struct_site_gen.symmetry 
_struct_site_gen.details 
1  AC1 6 ASP A 17  ? ASP A 20  . ? 1_555 ? 
2  AC1 6 ASP A 19  ? ASP A 22  . ? 1_555 ? 
3  AC1 6 ASP A 21  ? ASP A 24  . ? 1_555 ? 
4  AC1 6 THR A 23  ? THR A 26  . ? 1_555 ? 
5  AC1 6 GLU A 28  ? GLU A 31  . ? 1_555 ? 
6  AC1 6 HOH G .   ? HOH A 308 . ? 6_554 ? 
7  AC2 6 ASP A 90  ? ASP A 93  . ? 1_555 ? 
8  AC2 6 ASP A 92  ? ASP A 95  . ? 1_555 ? 
9  AC2 6 ASN A 94  ? ASN A 97  . ? 1_555 ? 
10 AC2 6 TYR A 96  ? TYR A 99  . ? 1_555 ? 
11 AC2 6 GLU A 101 ? GLU A 104 . ? 1_555 ? 
12 AC2 6 HOH G .   ? HOH A 310 . ? 1_555 ? 
13 AC3 6 ASP A 53  ? ASP A 56  . ? 1_555 ? 
14 AC3 6 ASP A 55  ? ASP A 58  . ? 1_555 ? 
15 AC3 6 ASN A 57  ? ASN A 60  . ? 1_555 ? 
16 AC3 6 THR A 59  ? THR A 62  . ? 1_555 ? 
17 AC3 6 GLU A 64  ? GLU A 67  . ? 1_555 ? 
18 AC3 6 HOH G .   ? HOH A 301 . ? 1_555 ? 
19 AC4 6 ASP A 126 ? ASP A 129 . ? 1_555 ? 
20 AC4 6 ASP A 128 ? ASP A 131 . ? 1_555 ? 
21 AC4 6 ASP A 130 ? ASP A 133 . ? 1_555 ? 
22 AC4 6 GLN A 132 ? GLN A 135 . ? 1_555 ? 
23 AC4 6 GLU A 137 ? GLU A 140 . ? 1_555 ? 
24 AC4 6 HOH G .   ? HOH A 302 . ? 1_555 ? 
# 
_atom_sites.entry_id                    5DBR 
_atom_sites.fract_transf_matrix[1][1]   0.00299886 
_atom_sites.fract_transf_matrix[1][2]   -0.00751332 
_atom_sites.fract_transf_matrix[1][3]   0.01815905 
_atom_sites.fract_transf_matrix[2][1]   -0.01475267 
_atom_sites.fract_transf_matrix[2][2]   -0.00942505 
_atom_sites.fract_transf_matrix[2][3]   0.00941817 
_atom_sites.fract_transf_matrix[3][1]   0.00285791 
_atom_sites.fract_transf_matrix[3][2]   -0.00843063 
_atom_sites.fract_transf_matrix[3][3]   -0.00396015 
_atom_sites.fract_transf_vector[1]      0.197108 
_atom_sites.fract_transf_vector[2]      1.501700 
_atom_sites.fract_transf_vector[3]      0.085884 
# 
loop_
_atom_type.symbol 
C  
CA 
N  
O  
S  
# 
loop_
_atom_site.group_PDB 
_atom_site.id 
_atom_site.type_symbol 
_atom_site.label_atom_id 
_atom_site.label_alt_id 
_atom_site.label_comp_id 
_atom_site.label_asym_id 
_atom_site.label_entity_id 
_atom_site.label_seq_id 
_atom_site.pdbx_PDB_ins_code 
_atom_site.Cartn_x 
_atom_site.Cartn_y 
_atom_site.Cartn_z 
_atom_site.occupancy 
_atom_site.B_iso_or_equiv 
_atom_site.pdbx_formal_charge 
_atom_site.auth_seq_id 
_atom_site.auth_comp_id 
_atom_site.auth_asym_id 
_atom_site.auth_atom_id 
_atom_site.pdbx_PDB_model_num 
ATOM   1    N  N   . LEU A 1 1   ? -16.208 -1.529  -0.507  1.00 49.19 ? 4    LEU A N   1 
ATOM   2    C  CA  . LEU A 1 1   ? -15.921 -1.148  0.927   1.00 53.72 ? 4    LEU A CA  1 
ATOM   3    C  C   . LEU A 1 1   ? -17.063 -1.546  1.858   1.00 53.41 ? 4    LEU A C   1 
ATOM   4    O  O   . LEU A 1 1   ? -18.207 -1.147  1.623   1.00 65.93 ? 4    LEU A O   1 
ATOM   5    C  CB  . LEU A 1 1   ? -15.701 0.374   1.068   1.00 49.29 ? 4    LEU A CB  1 
ATOM   6    C  CG  . LEU A 1 1   ? -14.443 1.128   0.572   1.00 51.44 ? 4    LEU A CG  1 
ATOM   7    C  CD1 . LEU A 1 1   ? -14.415 2.525   1.204   1.00 51.05 ? 4    LEU A CD1 1 
ATOM   8    C  CD2 . LEU A 1 1   ? -13.108 0.426   0.833   1.00 48.98 ? 4    LEU A CD2 1 
ATOM   9    N  N   . THR A 1 2   ? -16.772 -2.273  2.935   1.00 50.84 ? 5    THR A N   1 
ATOM   10   C  CA  . THR A 1 2   ? -17.805 -2.642  3.935   1.00 51.19 ? 5    THR A CA  1 
ATOM   11   C  C   . THR A 1 2   ? -18.227 -1.426  4.788   1.00 55.43 ? 5    THR A C   1 
ATOM   12   O  O   . THR A 1 2   ? -17.512 -0.379  4.821   1.00 56.85 ? 5    THR A O   1 
ATOM   13   C  CB  . THR A 1 2   ? -17.313 -3.751  4.905   1.00 45.32 ? 5    THR A CB  1 
ATOM   14   O  OG1 . THR A 1 2   ? -16.051 -3.354  5.471   1.00 49.48 ? 5    THR A OG1 1 
ATOM   15   C  CG2 . THR A 1 2   ? -17.124 -5.084  4.187   1.00 43.03 ? 5    THR A CG2 1 
ATOM   16   N  N   . GLU A 1 3   ? -19.367 -1.587  5.474   1.00 50.95 ? 6    GLU A N   1 
ATOM   17   C  CA  . GLU A 1 3   ? -19.959 -0.569  6.374   1.00 53.74 ? 6    GLU A CA  1 
ATOM   18   C  C   . GLU A 1 3   ? -18.956 -0.184  7.470   1.00 50.27 ? 6    GLU A C   1 
ATOM   19   O  O   . GLU A 1 3   ? -18.601 0.976   7.636   1.00 51.87 ? 6    GLU A O   1 
ATOM   20   C  CB  . GLU A 1 3   ? -21.272 -1.100  7.003   1.00 48.32 ? 6    GLU A CB  1 
ATOM   21   N  N   . GLU A 1 4   ? -18.559 -1.200  8.226   1.00 53.50 ? 7    GLU A N   1 
ATOM   22   C  CA  . GLU A 1 4   ? -17.343 -1.270  9.044   1.00 50.44 ? 7    GLU A CA  1 
ATOM   23   C  C   . GLU A 1 4   ? -16.119 -0.369  8.609   1.00 53.77 ? 7    GLU A C   1 
ATOM   24   O  O   . GLU A 1 4   ? -15.537 0.417   9.407   1.00 45.95 ? 7    GLU A O   1 
ATOM   25   C  CB  . GLU A 1 4   ? -16.963 -2.739  8.954   1.00 55.42 ? 7    GLU A CB  1 
ATOM   26   C  CG  . GLU A 1 4   ? -15.885 -3.223  9.853   1.00 56.20 ? 7    GLU A CG  1 
ATOM   27   C  CD  . GLU A 1 4   ? -14.488 -3.115  9.262   1.00 49.62 ? 7    GLU A CD  1 
ATOM   28   O  OE1 . GLU A 1 4   ? -14.091 -3.882  8.334   1.00 50.68 ? 7    GLU A OE1 1 
ATOM   29   O  OE2 . GLU A 1 4   ? -13.756 -2.290  9.807   1.00 45.00 ? 7    GLU A OE2 1 
ATOM   30   N  N   . GLN A 1 5   ? -15.711 -0.524  7.349   1.00 47.56 ? 8    GLN A N   1 
ATOM   31   C  CA  . GLN A 1 5   ? -14.617 0.260   6.786   1.00 44.90 ? 8    GLN A CA  1 
ATOM   32   C  C   . GLN A 1 5   ? -15.011 1.726   6.649   1.00 41.66 ? 8    GLN A C   1 
ATOM   33   O  O   . GLN A 1 5   ? -14.340 2.619   7.182   1.00 36.72 ? 8    GLN A O   1 
ATOM   34   C  CB  . GLN A 1 5   ? -14.162 -0.326  5.436   1.00 42.80 ? 8    GLN A CB  1 
ATOM   35   C  CG  . GLN A 1 5   ? -13.395 -1.633  5.604   1.00 44.08 ? 8    GLN A CG  1 
ATOM   36   C  CD  . GLN A 1 5   ? -13.237 -2.464  4.315   1.00 43.29 ? 8    GLN A CD  1 
ATOM   37   O  OE1 . GLN A 1 5   ? -13.850 -2.214  3.288   1.00 44.65 ? 8    GLN A OE1 1 
ATOM   38   N  NE2 . GLN A 1 5   ? -12.394 -3.453  4.384   1.00 42.71 ? 8    GLN A NE2 1 
ATOM   39   N  N   . ILE A 1 6   ? -16.114 1.955   5.962   1.00 41.92 ? 9    ILE A N   1 
ATOM   40   C  CA  . ILE A 1 6   ? -16.623 3.307   5.759   1.00 44.88 ? 9    ILE A CA  1 
ATOM   41   C  C   . ILE A 1 6   ? -16.751 4.031   7.108   1.00 41.84 ? 9    ILE A C   1 
ATOM   42   O  O   . ILE A 1 6   ? -16.305 5.160   7.236   1.00 39.48 ? 9    ILE A O   1 
ATOM   43   C  CB  . ILE A 1 6   ? -18.012 3.278   5.058   1.00 49.43 ? 9    ILE A CB  1 
ATOM   44   C  CG1 . ILE A 1 6   ? -17.876 2.801   3.590   1.00 53.97 ? 9    ILE A CG1 1 
ATOM   45   C  CG2 . ILE A 1 6   ? -18.711 4.647   5.110   1.00 49.05 ? 9    ILE A CG2 1 
ATOM   46   C  CD1 . ILE A 1 6   ? -19.018 1.902   3.121   1.00 51.23 ? 9    ILE A CD1 1 
ATOM   47   N  N   . ALA A 1 7   ? -17.364 3.375   8.083   1.00 36.55 ? 10   ALA A N   1 
ATOM   48   C  CA  . ALA A 1 7   ? -17.482 3.918   9.424   1.00 36.15 ? 10   ALA A CA  1 
ATOM   49   C  C   . ALA A 1 7   ? -16.138 4.260   10.104  1.00 35.77 ? 10   ALA A C   1 
ATOM   50   O  O   . ALA A 1 7   ? -16.042 5.193   10.882  1.00 36.84 ? 10   ALA A O   1 
ATOM   51   C  CB  . ALA A 1 7   ? -18.231 2.952   10.303  1.00 33.44 ? 10   ALA A CB  1 
ATOM   52   N  N   . GLU A 1 8   ? -15.117 3.463   9.885   1.00 37.21 ? 11   GLU A N   1 
ATOM   53   C  CA  . GLU A 1 8   ? -13.791 3.813   10.419  1.00 39.31 ? 11   GLU A CA  1 
ATOM   54   C  C   . GLU A 1 8   ? -13.326 5.113   9.727   1.00 38.28 ? 11   GLU A C   1 
ATOM   55   O  O   . GLU A 1 8   ? -12.729 5.967   10.377  1.00 34.34 ? 11   GLU A O   1 
ATOM   56   C  CB  . GLU A 1 8   ? -12.776 2.693   10.165  1.00 37.04 ? 11   GLU A CB  1 
ATOM   57   C  CG  . GLU A 1 8   ? -11.330 2.961   10.597  1.00 37.58 ? 11   GLU A CG  1 
ATOM   58   C  CD  . GLU A 1 8   ? -11.196 3.215   12.072  1.00 39.05 ? 11   GLU A CD  1 
ATOM   59   O  OE1 . GLU A 1 8   ? -12.043 2.716   12.842  1.00 39.88 ? 11   GLU A OE1 1 
ATOM   60   O  OE2 . GLU A 1 8   ? -10.252 3.942   12.449  1.00 43.28 ? 11   GLU A OE2 1 
ATOM   61   N  N   . PHE A 1 9   ? -13.589 5.203   8.416   1.00 37.94 ? 12   PHE A N   1 
ATOM   62   C  CA  . PHE A 1 9   ? -13.164 6.329   7.590   1.00 35.62 ? 12   PHE A CA  1 
ATOM   63   C  C   . PHE A 1 9   ? -13.954 7.589   7.865   1.00 34.43 ? 12   PHE A C   1 
ATOM   64   O  O   . PHE A 1 9   ? -13.333 8.641   7.907   1.00 32.66 ? 12   PHE A O   1 
ATOM   65   C  CB  . PHE A 1 9   ? -13.154 5.998   6.107   1.00 37.25 ? 12   PHE A CB  1 
ATOM   66   C  CG  . PHE A 1 9   ? -12.263 4.828   5.738   1.00 41.62 ? 12   PHE A CG  1 
ATOM   67   C  CD1 . PHE A 1 9   ? -11.166 4.429   6.549   1.00 38.73 ? 12   PHE A CD1 1 
ATOM   68   C  CD2 . PHE A 1 9   ? -12.523 4.090   4.579   1.00 39.86 ? 12   PHE A CD2 1 
ATOM   69   C  CE1 . PHE A 1 9   ? -10.373 3.353   6.199   1.00 37.26 ? 12   PHE A CE1 1 
ATOM   70   C  CE2 . PHE A 1 9   ? -11.711 3.030   4.223   1.00 41.90 ? 12   PHE A CE2 1 
ATOM   71   C  CZ  . PHE A 1 9   ? -10.639 2.651   5.044   1.00 41.70 ? 12   PHE A CZ  1 
ATOM   72   N  N   . LYS A 1 10  ? -15.269 7.485   8.047   1.00 32.92 ? 13   LYS A N   1 
ATOM   73   C  CA  . LYS A 1 10  ? -16.093 8.532   8.679   1.00 37.54 ? 13   LYS A CA  1 
ATOM   74   C  C   . LYS A 1 10  ? -15.463 9.121   9.933   1.00 35.41 ? 13   LYS A C   1 
ATOM   75   O  O   . LYS A 1 10  ? -15.308 10.330  9.993   1.00 34.36 ? 13   LYS A O   1 
ATOM   76   C  CB  . LYS A 1 10  ? -17.463 8.030   9.142   1.00 43.13 ? 13   LYS A CB  1 
ATOM   77   C  CG  . LYS A 1 10  ? -18.407 7.573   8.053   1.00 53.91 ? 13   LYS A CG  1 
ATOM   78   C  CD  . LYS A 1 10  ? -19.287 8.702   7.547   1.00 59.72 ? 13   LYS A CD  1 
ATOM   79   C  CE  . LYS A 1 10  ? -20.077 8.241   6.330   1.00 63.59 ? 13   LYS A CE  1 
ATOM   80   N  NZ  . LYS A 1 10  ? -21.254 7.424   6.728   1.00 67.31 ? 13   LYS A NZ  1 
ATOM   81   N  N   . GLU A 1 11  ? -15.129 8.296   10.928  1.00 33.12 ? 14   GLU A N   1 
ATOM   82   C  CA  . GLU A 1 11  ? -14.435 8.836   12.136  1.00 37.01 ? 14   GLU A CA  1 
ATOM   83   C  C   . GLU A 1 11  ? -13.137 9.535   11.798  1.00 30.20 ? 14   GLU A C   1 
ATOM   84   O  O   . GLU A 1 11  ? -12.844 10.598  12.342  1.00 31.82 ? 14   GLU A O   1 
ATOM   85   C  CB  . GLU A 1 11  ? -14.091 7.779   13.193  1.00 39.41 ? 14   GLU A CB  1 
ATOM   86   C  CG  . GLU A 1 11  ? -15.282 7.083   13.821  1.00 49.05 ? 14   GLU A CG  1 
ATOM   87   C  CD  . GLU A 1 11  ? -16.234 7.999   14.607  1.00 52.37 ? 14   GLU A CD  1 
ATOM   88   O  OE1 . GLU A 1 11  ? -15.888 9.060   15.188  1.00 45.95 ? 14   GLU A OE1 1 
ATOM   89   O  OE2 . GLU A 1 11  ? -17.380 7.580   14.687  1.00 57.93 ? 14   GLU A OE2 1 
ATOM   90   N  N   . ALA A 1 12  ? -12.331 8.933   10.926  1.00 27.47 ? 15   ALA A N   1 
ATOM   91   C  CA  . ALA A 1 12  ? -11.068 9.545   10.582  1.00 25.87 ? 15   ALA A CA  1 
ATOM   92   C  C   . ALA A 1 12  ? -11.309 10.914  9.941   1.00 25.92 ? 15   ALA A C   1 
ATOM   93   O  O   . ALA A 1 12  ? -10.698 11.881  10.314  1.00 28.66 ? 15   ALA A O   1 
ATOM   94   C  CB  . ALA A 1 12  ? -10.268 8.638   9.671   1.00 26.15 ? 15   ALA A CB  1 
ATOM   95   N  N   . PHE A 1 13  ? -12.239 10.996  9.016   1.00 28.47 ? 16   PHE A N   1 
ATOM   96   C  CA  . PHE A 1 13  ? -12.614 12.298  8.376   1.00 32.49 ? 16   PHE A CA  1 
ATOM   97   C  C   . PHE A 1 13  ? -13.074 13.375  9.373   1.00 33.16 ? 16   PHE A C   1 
ATOM   98   O  O   . PHE A 1 13  ? -12.616 14.496  9.317   1.00 31.32 ? 16   PHE A O   1 
ATOM   99   C  CB  . PHE A 1 13  ? -13.706 12.060  7.306   1.00 33.96 ? 16   PHE A CB  1 
ATOM   100  C  CG  . PHE A 1 13  ? -14.015 13.257  6.483   1.00 35.45 ? 16   PHE A CG  1 
ATOM   101  C  CD1 . PHE A 1 13  ? -13.200 13.594  5.418   1.00 33.73 ? 16   PHE A CD1 1 
ATOM   102  C  CD2 . PHE A 1 13  ? -15.121 14.051  6.773   1.00 35.01 ? 16   PHE A CD2 1 
ATOM   103  C  CE1 . PHE A 1 13  ? -13.466 14.715  4.653   1.00 36.48 ? 16   PHE A CE1 1 
ATOM   104  C  CE2 . PHE A 1 13  ? -15.400 15.170  5.989   1.00 36.10 ? 16   PHE A CE2 1 
ATOM   105  C  CZ  . PHE A 1 13  ? -14.568 15.500  4.940   1.00 32.02 ? 16   PHE A CZ  1 
ATOM   106  N  N   . SER A 1 14  ? -13.944 12.983  10.298  1.00 32.88 ? 17   SER A N   1 
ATOM   107  C  CA  . SER A 1 14  ? -14.445 13.860  11.356  1.00 36.88 ? 17   SER A CA  1 
ATOM   108  C  C   . SER A 1 14  ? -13.413 14.538  12.185  1.00 34.09 ? 17   SER A C   1 
ATOM   109  O  O   . SER A 1 14  ? -13.589 15.692  12.562  1.00 32.31 ? 17   SER A O   1 
ATOM   110  C  CB  . SER A 1 14  ? -15.280 13.084  12.345  1.00 40.07 ? 17   SER A CB  1 
ATOM   111  O  OG  . SER A 1 14  ? -16.513 12.905  11.759  1.00 47.68 ? 17   SER A OG  1 
ATOM   112  N  N   . LEU A 1 15  ? -12.377 13.779  12.509  1.00 32.29 ? 18   LEU A N   1 
ATOM   113  C  CA  . LEU A 1 15  ? -11.259 14.284  13.244  1.00 33.72 ? 18   LEU A CA  1 
ATOM   114  C  C   . LEU A 1 15  ? -10.609 15.524  12.561  1.00 34.24 ? 18   LEU A C   1 
ATOM   115  O  O   . LEU A 1 15  ? -10.195 16.481  13.242  1.00 29.25 ? 18   LEU A O   1 
ATOM   116  C  CB  . LEU A 1 15  ? -10.243 13.169  13.423  1.00 34.67 ? 18   LEU A CB  1 
ATOM   117  C  CG  . LEU A 1 15  ? -8.892  13.548  14.031  1.00 38.95 ? 18   LEU A CG  1 
ATOM   118  C  CD1 . LEU A 1 15  ? -9.082  13.879  15.505  1.00 42.50 ? 18   LEU A CD1 1 
ATOM   119  C  CD2 . LEU A 1 15  ? -7.930  12.398  13.888  1.00 39.00 ? 18   LEU A CD2 1 
ATOM   120  N  N   . PHE A 1 16  ? -10.493 15.475  11.233  1.00 32.58 ? 19   PHE A N   1 
ATOM   121  C  CA  . PHE A 1 16  ? -9.873  16.565  10.475  1.00 32.20 ? 19   PHE A CA  1 
ATOM   122  C  C   . PHE A 1 16  ? -10.877 17.636  10.074  1.00 32.59 ? 19   PHE A C   1 
ATOM   123  O  O   . PHE A 1 16  ? -10.499 18.800  10.023  1.00 30.34 ? 19   PHE A O   1 
ATOM   124  C  CB  . PHE A 1 16  ? -9.055  16.026  9.276   1.00 34.18 ? 19   PHE A CB  1 
ATOM   125  C  CG  . PHE A 1 16  ? -7.857  15.188  9.695   1.00 35.12 ? 19   PHE A CG  1 
ATOM   126  C  CD1 . PHE A 1 16  ? -6.716  15.797  10.192  1.00 37.16 ? 19   PHE A CD1 1 
ATOM   127  C  CD2 . PHE A 1 16  ? -7.926  13.783  9.699   1.00 35.98 ? 19   PHE A CD2 1 
ATOM   128  C  CE1 . PHE A 1 16  ? -5.628  15.054  10.626  1.00 40.19 ? 19   PHE A CE1 1 
ATOM   129  C  CE2 . PHE A 1 16  ? -6.850  13.025  10.149  1.00 38.45 ? 19   PHE A CE2 1 
ATOM   130  C  CZ  . PHE A 1 16  ? -5.702  13.653  10.614  1.00 44.03 ? 19   PHE A CZ  1 
ATOM   131  N  N   . ASP A 1 17  ? -12.130 17.250  9.790   1.00 30.30 ? 20   ASP A N   1 
ATOM   132  C  CA  . ASP A 1 17  ? -13.172 18.178  9.430   1.00 33.83 ? 20   ASP A CA  1 
ATOM   133  C  C   . ASP A 1 17  ? -13.724 18.785  10.746  1.00 36.75 ? 20   ASP A C   1 
ATOM   134  O  O   . ASP A 1 17  ? -14.851 18.507  11.153  1.00 39.55 ? 20   ASP A O   1 
ATOM   135  C  CB  . ASP A 1 17  ? -14.275 17.446  8.667   1.00 31.78 ? 20   ASP A CB  1 
ATOM   136  C  CG  . ASP A 1 17  ? -15.430 18.378  8.225   1.00 32.79 ? 20   ASP A CG  1 
ATOM   137  O  OD1 . ASP A 1 17  ? -15.231 19.616  8.162   1.00 30.86 ? 20   ASP A OD1 1 
ATOM   138  O  OD2 . ASP A 1 17  ? -16.517 17.882  7.879   1.00 32.65 ? 20   ASP A OD2 1 
ATOM   139  N  N   . LYS A 1 18  ? -12.930 19.653  11.366  1.00 37.82 ? 21   LYS A N   1 
ATOM   140  C  CA  . LYS A 1 18  ? -13.256 20.236  12.669  1.00 38.62 ? 21   LYS A CA  1 
ATOM   141  C  C   . LYS A 1 18  ? -14.661 20.799  12.738  1.00 39.99 ? 21   LYS A C   1 
ATOM   142  O  O   . LYS A 1 18  ? -15.347 20.518  13.701  1.00 39.88 ? 21   LYS A O   1 
ATOM   143  C  CB  . LYS A 1 18  ? -12.252 21.315  13.066  1.00 36.70 ? 21   LYS A CB  1 
ATOM   144  N  N   . ASP A 1 19  ? -15.132 21.540  11.720  1.00 38.17 ? 22   ASP A N   1 
ATOM   145  C  CA  . ASP A 1 19  ? -16.466 22.180  11.837  1.00 34.60 ? 22   ASP A CA  1 
ATOM   146  C  C   . ASP A 1 19  ? -17.590 21.367  11.332  1.00 37.75 ? 22   ASP A C   1 
ATOM   147  O  O   . ASP A 1 19  ? -18.759 21.769  11.462  1.00 41.77 ? 22   ASP A O   1 
ATOM   148  C  CB  . ASP A 1 19  ? -16.525 23.557  11.198  1.00 37.26 ? 22   ASP A CB  1 
ATOM   149  C  CG  . ASP A 1 19  ? -16.523 23.517  9.692   1.00 38.70 ? 22   ASP A CG  1 
ATOM   150  O  OD1 . ASP A 1 19  ? -16.511 22.433  9.035   1.00 39.07 ? 22   ASP A OD1 1 
ATOM   151  O  OD2 . ASP A 1 19  ? -16.535 24.616  9.161   1.00 45.91 ? 22   ASP A OD2 1 
ATOM   152  N  N   . GLY A 1 20  ? -17.296 20.233  10.735  1.00 36.02 ? 23   GLY A N   1 
ATOM   153  C  CA  . GLY A 1 20  ? -18.394 19.371  10.318  1.00 37.12 ? 23   GLY A CA  1 
ATOM   154  C  C   . GLY A 1 20  ? -19.070 19.787  9.032   1.00 40.24 ? 23   GLY A C   1 
ATOM   155  O  O   . GLY A 1 20  ? -20.100 19.190  8.676   1.00 42.93 ? 23   GLY A O   1 
ATOM   156  N  N   . ASP A 1 21  ? -18.496 20.739  8.286   1.00 37.12 ? 24   ASP A N   1 
ATOM   157  C  CA  . ASP A 1 21  ? -19.140 21.174  7.040   1.00 36.20 ? 24   ASP A CA  1 
ATOM   158  C  C   . ASP A 1 21  ? -18.936 20.247  5.850   1.00 39.95 ? 24   ASP A C   1 
ATOM   159  O  O   . ASP A 1 21  ? -19.395 20.572  4.756   1.00 46.29 ? 24   ASP A O   1 
ATOM   160  C  CB  . ASP A 1 21  ? -18.772 22.634  6.680   1.00 33.29 ? 24   ASP A CB  1 
ATOM   161  C  CG  . ASP A 1 21  ? -17.408 22.773  6.097   1.00 35.64 ? 24   ASP A CG  1 
ATOM   162  O  OD1 . ASP A 1 21  ? -16.505 22.005  6.405   1.00 40.91 ? 24   ASP A OD1 1 
ATOM   163  O  OD2 . ASP A 1 21  ? -17.196 23.695  5.325   1.00 43.51 ? 24   ASP A OD2 1 
ATOM   164  N  N   . GLY A 1 22  ? -18.286 19.092  6.030   1.00 42.61 ? 25   GLY A N   1 
ATOM   165  C  CA  . GLY A 1 22  ? -18.134 18.086  4.933   1.00 39.78 ? 25   GLY A CA  1 
ATOM   166  C  C   . GLY A 1 22  ? -16.865 18.207  4.106   1.00 36.46 ? 25   GLY A C   1 
ATOM   167  O  O   . GLY A 1 22  ? -16.663 17.472  3.131   1.00 38.23 ? 25   GLY A O   1 
ATOM   168  N  N   . THR A 1 23  ? -16.001 19.129  4.517   1.00 37.96 ? 26   THR A N   1 
ATOM   169  C  CA  . THR A 1 23  ? -14.863 19.571  3.753   1.00 37.24 ? 26   THR A CA  1 
ATOM   170  C  C   . THR A 1 23  ? -13.689 19.809  4.735   1.00 37.37 ? 26   THR A C   1 
ATOM   171  O  O   . THR A 1 23  ? -13.890 20.343  5.819   1.00 35.61 ? 26   THR A O   1 
ATOM   172  C  CB  . THR A 1 23  ? -15.222 20.844  2.927   1.00 46.46 ? 26   THR A CB  1 
ATOM   173  O  OG1 . THR A 1 23  ? -14.406 20.881  1.762   1.00 56.21 ? 26   THR A OG1 1 
ATOM   174  C  CG2 . THR A 1 23  ? -14.999 22.180  3.681   1.00 48.32 ? 26   THR A CG2 1 
ATOM   175  N  N   . ILE A 1 24  ? -12.485 19.464  4.324   1.00 34.89 ? 27   ILE A N   1 
ATOM   176  C  CA  . ILE A 1 24  ? -11.292 19.679  5.111   1.00 32.39 ? 27   ILE A CA  1 
ATOM   177  C  C   . ILE A 1 24  ? -10.443 20.722  4.411   1.00 31.51 ? 27   ILE A C   1 
ATOM   178  O  O   . ILE A 1 24  ? -10.073 20.525  3.314   1.00 35.60 ? 27   ILE A O   1 
ATOM   179  C  CB  . ILE A 1 24  ? -10.466 18.395  5.245   1.00 28.74 ? 27   ILE A CB  1 
ATOM   180  C  CG1 . ILE A 1 24  ? -11.254 17.303  5.939   1.00 28.98 ? 27   ILE A CG1 1 
ATOM   181  C  CG2 . ILE A 1 24  ? -9.133  18.669  5.897   1.00 29.44 ? 27   ILE A CG2 1 
ATOM   182  C  CD1 . ILE A 1 24  ? -10.533 16.002  6.058   1.00 29.78 ? 27   ILE A CD1 1 
ATOM   183  N  N   . THR A 1 25  ? -10.133 21.822  5.058   1.00 30.48 ? 28   THR A N   1 
ATOM   184  C  CA  . THR A 1 25  ? -9.328  22.866  4.448   1.00 33.29 ? 28   THR A CA  1 
ATOM   185  C  C   . THR A 1 25  ? -7.943  22.884  5.000   1.00 33.33 ? 28   THR A C   1 
ATOM   186  O  O   . THR A 1 25  ? -7.656  22.133  5.882   1.00 32.02 ? 28   THR A O   1 
ATOM   187  C  CB  . THR A 1 25  ? -9.911  24.260  4.682   1.00 36.33 ? 28   THR A CB  1 
ATOM   188  O  OG1 . THR A 1 25  ? -9.821  24.588  6.055   1.00 49.88 ? 28   THR A OG1 1 
ATOM   189  C  CG2 . THR A 1 25  ? -11.320 24.307  4.278   1.00 33.66 ? 28   THR A CG2 1 
ATOM   190  N  N   . THR A 1 26  ? -7.090  23.742  4.472   1.00 31.42 ? 29   THR A N   1 
ATOM   191  C  CA  . THR A 1 26  ? -5.742  23.855  4.987   1.00 41.44 ? 29   THR A CA  1 
ATOM   192  C  C   . THR A 1 26  ? -5.744  24.454  6.382   1.00 40.87 ? 29   THR A C   1 
ATOM   193  O  O   . THR A 1 26  ? -5.137  23.922  7.244   1.00 46.76 ? 29   THR A O   1 
ATOM   194  C  CB  . THR A 1 26  ? -4.816  24.692  4.107   1.00 41.41 ? 29   THR A CB  1 
ATOM   195  O  OG1 . THR A 1 26  ? -5.250  26.038  4.136   1.00 42.04 ? 29   THR A OG1 1 
ATOM   196  C  CG2 . THR A 1 26  ? -4.817  24.219  2.728   1.00 39.21 ? 29   THR A CG2 1 
ATOM   197  N  N   . LYS A 1 27  ? -6.433  25.564  6.594   1.00 47.66 ? 30   LYS A N   1 
ATOM   198  C  CA  . LYS A 1 27  ? -6.541  26.204  7.971   1.00 47.41 ? 30   LYS A CA  1 
ATOM   199  C  C   . LYS A 1 27  ? -6.939  25.144  8.983   1.00 47.21 ? 30   LYS A C   1 
ATOM   200  O  O   . LYS A 1 27  ? -6.176  24.836  9.866   1.00 54.55 ? 30   LYS A O   1 
ATOM   201  C  CB  . LYS A 1 27  ? -7.526  27.403  8.038   1.00 39.78 ? 30   LYS A CB  1 
ATOM   202  N  N   . GLU A 1 28  ? -8.134  24.576  8.818   1.00 45.33 ? 31   GLU A N   1 
ATOM   203  C  CA  . GLU A 1 28  ? -8.625  23.393  9.554   1.00 42.49 ? 31   GLU A CA  1 
ATOM   204  C  C   . GLU A 1 28  ? -7.596  22.340  9.834   1.00 43.11 ? 31   GLU A C   1 
ATOM   205  O  O   . GLU A 1 28  ? -7.468  21.920  10.948  1.00 52.08 ? 31   GLU A O   1 
ATOM   206  C  CB  . GLU A 1 28  ? -9.859  22.729  8.860   1.00 39.74 ? 31   GLU A CB  1 
ATOM   207  C  CG  . GLU A 1 28  ? -11.142 22.794  9.638   1.00 34.94 ? 31   GLU A CG  1 
ATOM   208  C  CD  . GLU A 1 28  ? -12.298 22.221  8.897   1.00 34.46 ? 31   GLU A CD  1 
ATOM   209  O  OE1 . GLU A 1 28  ? -12.131 21.446  7.922   1.00 36.08 ? 31   GLU A OE1 1 
ATOM   210  O  OE2 . GLU A 1 28  ? -13.425 22.519  9.281   1.00 34.87 ? 31   GLU A OE2 1 
ATOM   211  N  N   . LEU A 1 29  ? -6.904  21.876  8.800   1.00 45.34 ? 32   LEU A N   1 
ATOM   212  C  CA  . LEU A 1 29  ? -5.874  20.875  8.957   1.00 42.92 ? 32   LEU A CA  1 
ATOM   213  C  C   . LEU A 1 29  ? -4.690  21.337  9.822   1.00 50.41 ? 32   LEU A C   1 
ATOM   214  O  O   . LEU A 1 29  ? -4.035  20.524  10.477  1.00 50.81 ? 32   LEU A O   1 
ATOM   215  C  CB  . LEU A 1 29  ? -5.329  20.475  7.577   1.00 44.35 ? 32   LEU A CB  1 
ATOM   216  C  CG  . LEU A 1 29  ? -4.293  19.354  7.551   1.00 42.52 ? 32   LEU A CG  1 
ATOM   217  C  CD1 . LEU A 1 29  ? -4.900  18.162  8.291   1.00 48.45 ? 32   LEU A CD1 1 
ATOM   218  C  CD2 . LEU A 1 29  ? -3.827  18.972  6.157   1.00 39.93 ? 32   LEU A CD2 1 
ATOM   219  N  N   . GLY A 1 30  ? -4.358  22.621  9.745   1.00 45.35 ? 33   GLY A N   1 
ATOM   220  C  CA  . GLY A 1 30  ? -3.334  23.181  10.610  1.00 50.68 ? 33   GLY A CA  1 
ATOM   221  C  C   . GLY A 1 30  ? -3.807  23.163  12.049  1.00 52.18 ? 33   GLY A C   1 
ATOM   222  O  O   . GLY A 1 30  ? -3.178  22.537  12.867  1.00 58.23 ? 33   GLY A O   1 
ATOM   223  N  N   . THR A 1 31  ? -4.937  23.838  12.312  1.00 57.06 ? 34   THR A N   1 
ATOM   224  C  CA  . THR A 1 31  ? -5.589  23.982  13.653  1.00 52.96 ? 34   THR A CA  1 
ATOM   225  C  C   . THR A 1 31  ? -5.765  22.685  14.413  1.00 51.61 ? 34   THR A C   1 
ATOM   226  O  O   . THR A 1 31  ? -5.620  22.626  15.638  1.00 52.00 ? 34   THR A O   1 
ATOM   227  C  CB  . THR A 1 31  ? -7.011  24.563  13.553  1.00 50.59 ? 34   THR A CB  1 
ATOM   228  O  OG1 . THR A 1 31  ? -7.002  25.716  12.717  1.00 52.52 ? 34   THR A OG1 1 
ATOM   229  C  CG2 . THR A 1 31  ? -7.564  24.968  14.949  1.00 55.82 ? 34   THR A CG2 1 
ATOM   230  N  N   . VAL A 1 32  ? -6.159  21.673  13.675  1.00 49.62 ? 35   VAL A N   1 
ATOM   231  C  CA  . VAL A 1 32  ? -6.306  20.347  14.212  1.00 47.27 ? 35   VAL A CA  1 
ATOM   232  C  C   . VAL A 1 32  ? -4.906  19.829  14.554  1.00 47.34 ? 35   VAL A C   1 
ATOM   233  O  O   . VAL A 1 32  ? -4.669  19.442  15.687  1.00 45.91 ? 35   VAL A O   1 
ATOM   234  C  CB  . VAL A 1 32  ? -7.035  19.453  13.198  1.00 48.32 ? 35   VAL A CB  1 
ATOM   235  C  CG1 . VAL A 1 32  ? -6.832  17.961  13.517  1.00 51.39 ? 35   VAL A CG1 1 
ATOM   236  C  CG2 . VAL A 1 32  ? -8.514  19.896  13.095  1.00 46.56 ? 35   VAL A CG2 1 
ATOM   237  N  N   . MET A 1 33  ? -3.984  19.838  13.607  1.00 44.31 ? 36   MET A N   1 
ATOM   238  C  CA  . MET A 1 33  ? -2.645  19.275  13.871  1.00 53.40 ? 36   MET A CA  1 
ATOM   239  C  C   . MET A 1 33  ? -1.953  20.061  15.028  1.00 57.08 ? 36   MET A C   1 
ATOM   240  O  O   . MET A 1 33  ? -1.255  19.473  15.887  1.00 47.62 ? 36   MET A O   1 
ATOM   241  C  CB  . MET A 1 33  ? -1.796  19.229  12.593  1.00 56.79 ? 36   MET A CB  1 
ATOM   242  C  CG  . MET A 1 33  ? -1.841  17.898  11.850  1.00 65.34 ? 36   MET A CG  1 
ATOM   243  S  SD  . MET A 1 33  ? -0.968  18.040  10.274  1.00 79.14 ? 36   MET A SD  1 
ATOM   244  C  CE  . MET A 1 33  ? -0.076  16.486  10.042  1.00 58.92 ? 36   MET A CE  1 
ATOM   245  N  N   . ARG A 1 34  ? -2.228  21.363  15.121  1.00 54.24 ? 37   ARG A N   1 
ATOM   246  C  CA  . ARG A 1 34  ? -1.760  22.151  16.279  1.00 56.32 ? 37   ARG A CA  1 
ATOM   247  C  C   . ARG A 1 34  ? -2.505  21.865  17.594  1.00 52.90 ? 37   ARG A C   1 
ATOM   248  O  O   . ARG A 1 34  ? -1.859  21.743  18.660  1.00 49.74 ? 37   ARG A O   1 
ATOM   249  C  CB  . ARG A 1 34  ? -1.756  23.640  15.980  1.00 64.91 ? 37   ARG A CB  1 
ATOM   250  C  CG  . ARG A 1 34  ? -0.395  24.104  15.494  1.00 69.34 ? 37   ARG A CG  1 
ATOM   251  C  CD  . ARG A 1 34  ? -0.415  25.582  15.184  1.00 66.93 ? 37   ARG A CD  1 
ATOM   252  N  NE  . ARG A 1 34  ? -0.634  25.698  13.765  1.00 68.00 ? 37   ARG A NE  1 
ATOM   253  C  CZ  . ARG A 1 34  ? -1.727  26.135  13.156  1.00 58.42 ? 37   ARG A CZ  1 
ATOM   254  N  NH1 . ARG A 1 34  ? -2.779  26.603  13.817  1.00 61.82 ? 37   ARG A NH1 1 
ATOM   255  N  NH2 . ARG A 1 34  ? -1.729  26.135  11.832  1.00 57.67 ? 37   ARG A NH2 1 
ATOM   256  N  N   . SER A 1 35  ? -3.836  21.749  17.544  1.00 45.28 ? 38   SER A N   1 
ATOM   257  C  CA  . SER A 1 35  ? -4.575  21.169  18.667  1.00 49.08 ? 38   SER A CA  1 
ATOM   258  C  C   . SER A 1 35  ? -3.886  19.895  19.186  1.00 56.30 ? 38   SER A C   1 
ATOM   259  O  O   . SER A 1 35  ? -4.014  19.659  20.367  1.00 54.08 ? 38   SER A O   1 
ATOM   260  C  CB  . SER A 1 35  ? -6.039  20.848  18.327  1.00 50.01 ? 38   SER A CB  1 
ATOM   261  O  OG  . SER A 1 35  ? -6.806  22.011  18.573  1.00 56.51 ? 38   SER A OG  1 
ATOM   262  N  N   . LEU A 1 36  ? -3.177  19.137  18.293  1.00 54.67 ? 39   LEU A N   1 
ATOM   263  C  CA  . LEU A 1 36  ? -2.455  17.881  18.553  1.00 50.98 ? 39   LEU A CA  1 
ATOM   264  C  C   . LEU A 1 36  ? -0.893  17.895  18.522  1.00 50.45 ? 39   LEU A C   1 
ATOM   265  O  O   . LEU A 1 36  ? -0.294  16.823  18.493  1.00 42.52 ? 39   LEU A O   1 
ATOM   266  C  CB  . LEU A 1 36  ? -2.912  16.849  17.505  1.00 47.24 ? 39   LEU A CB  1 
ATOM   267  C  CG  . LEU A 1 36  ? -4.402  16.495  17.415  1.00 51.09 ? 39   LEU A CG  1 
ATOM   268  C  CD1 . LEU A 1 36  ? -4.628  15.613  16.195  1.00 49.71 ? 39   LEU A CD1 1 
ATOM   269  C  CD2 . LEU A 1 36  ? -4.893  15.759  18.650  1.00 47.27 ? 39   LEU A CD2 1 
ATOM   270  N  N   . GLY A 1 37  ? -0.241  19.066  18.524  1.00 58.65 ? 40   GLY A N   1 
ATOM   271  C  CA  . GLY A 1 37  ? 1.245   19.181  18.364  1.00 54.67 ? 40   GLY A CA  1 
ATOM   272  C  C   . GLY A 1 37  ? 1.604   19.507  16.924  1.00 58.74 ? 40   GLY A C   1 
ATOM   273  O  O   . GLY A 1 37  ? 1.211   20.556  16.407  1.00 65.09 ? 40   GLY A O   1 
ATOM   274  N  N   . GLN A 1 38  ? 2.360   18.635  16.261  1.00 68.05 ? 41   GLN A N   1 
ATOM   275  C  CA  . GLN A 1 38  ? 2.535   18.703  14.793  1.00 71.14 ? 41   GLN A CA  1 
ATOM   276  C  C   . GLN A 1 38  ? 3.355   19.921  14.216  1.00 74.11 ? 41   GLN A C   1 
ATOM   277  O  O   . GLN A 1 38  ? 4.334   19.697  13.479  1.00 69.62 ? 41   GLN A O   1 
ATOM   278  C  CB  . GLN A 1 38  ? 1.149   18.579  14.111  1.00 62.78 ? 41   GLN A CB  1 
ATOM   279  N  N   . ASN A 1 39  ? 2.941   21.169  14.528  1.00 66.91 ? 42   ASN A N   1 
ATOM   280  C  CA  . ASN A 1 39  ? 3.504   22.440  13.975  1.00 68.17 ? 42   ASN A CA  1 
ATOM   281  C  C   . ASN A 1 39  ? 4.030   22.528  12.519  1.00 65.92 ? 42   ASN A C   1 
ATOM   282  O  O   . ASN A 1 39  ? 5.053   23.151  12.282  1.00 67.14 ? 42   ASN A O   1 
ATOM   283  C  CB  . ASN A 1 39  ? 4.562   23.027  14.930  1.00 70.86 ? 42   ASN A CB  1 
ATOM   284  N  N   . PRO A 1 40  ? 3.268   22.015  11.528  1.00 73.79 ? 43   PRO A N   1 
ATOM   285  C  CA  . PRO A 1 40  ? 3.684   22.107  10.132  1.00 66.31 ? 43   PRO A CA  1 
ATOM   286  C  C   . PRO A 1 40  ? 3.442   23.488  9.533   1.00 61.30 ? 43   PRO A C   1 
ATOM   287  O  O   . PRO A 1 40  ? 2.786   24.327  10.154  1.00 54.40 ? 43   PRO A O   1 
ATOM   288  C  CB  . PRO A 1 40  ? 2.747   21.124  9.441   1.00 68.18 ? 43   PRO A CB  1 
ATOM   289  C  CG  . PRO A 1 40  ? 1.460   21.316  10.162  1.00 72.78 ? 43   PRO A CG  1 
ATOM   290  C  CD  . PRO A 1 40  ? 1.834   21.640  11.607  1.00 77.81 ? 43   PRO A CD  1 
ATOM   291  N  N   . THR A 1 41  ? 3.907   23.624  8.296   1.00 53.67 ? 44   THR A N   1 
ATOM   292  C  CA  . THR A 1 41  ? 3.993   24.851  7.507   1.00 57.82 ? 44   THR A CA  1 
ATOM   293  C  C   . THR A 1 41  ? 2.901   24.964  6.404   1.00 58.45 ? 44   THR A C   1 
ATOM   294  O  O   . THR A 1 41  ? 2.405   23.938  5.938   1.00 62.91 ? 44   THR A O   1 
ATOM   295  C  CB  . THR A 1 41  ? 5.382   24.829  6.786   1.00 59.99 ? 44   THR A CB  1 
ATOM   296  O  OG1 . THR A 1 41  ? 5.439   23.774  5.787   1.00 50.56 ? 44   THR A OG1 1 
ATOM   297  C  CG2 . THR A 1 41  ? 6.513   24.610  7.828   1.00 58.95 ? 44   THR A CG2 1 
ATOM   298  N  N   . GLU A 1 42  ? 2.563   26.176  5.934   1.00 57.85 ? 45   GLU A N   1 
ATOM   299  C  CA  . GLU A 1 42  ? 1.516   26.328  4.893   1.00 54.63 ? 45   GLU A CA  1 
ATOM   300  C  C   . GLU A 1 42  ? 1.921   25.612  3.569   1.00 59.98 ? 45   GLU A C   1 
ATOM   301  O  O   . GLU A 1 42  ? 1.062   25.266  2.731   1.00 66.14 ? 45   GLU A O   1 
ATOM   302  C  CB  . GLU A 1 42  ? 1.101   27.805  4.692   1.00 49.14 ? 45   GLU A CB  1 
ATOM   303  N  N   . ALA A 1 43  ? 3.227   25.362  3.412   1.00 60.55 ? 46   ALA A N   1 
ATOM   304  C  CA  . ALA A 1 43  ? 3.755   24.510  2.341   1.00 64.34 ? 46   ALA A CA  1 
ATOM   305  C  C   . ALA A 1 43  ? 3.290   23.068  2.504   1.00 60.41 ? 46   ALA A C   1 
ATOM   306  O  O   . ALA A 1 43  ? 2.514   22.579  1.693   1.00 58.25 ? 46   ALA A O   1 
ATOM   307  C  CB  . ALA A 1 43  ? 5.287   24.582  2.297   1.00 64.99 ? 46   ALA A CB  1 
ATOM   308  N  N   . GLU A 1 44  ? 3.777   22.415  3.562   1.00 66.13 ? 47   GLU A N   1 
ATOM   309  C  CA  . GLU A 1 44  ? 3.339   21.073  3.966   1.00 65.85 ? 47   GLU A CA  1 
ATOM   310  C  C   . GLU A 1 44  ? 1.812   20.918  3.847   1.00 64.32 ? 47   GLU A C   1 
ATOM   311  O  O   . GLU A 1 44  ? 1.318   20.020  3.153   1.00 64.04 ? 47   GLU A O   1 
ATOM   312  C  CB  . GLU A 1 44  ? 3.800   20.783  5.402   1.00 64.01 ? 47   GLU A CB  1 
ATOM   313  N  N   . LEU A 1 45  ? 1.078   21.846  4.463   1.00 60.23 ? 48   LEU A N   1 
ATOM   314  C  CA  . LEU A 1 45  ? -0.391  21.803  4.473   1.00 54.18 ? 48   LEU A CA  1 
ATOM   315  C  C   . LEU A 1 45  ? -1.039  21.895  3.072   1.00 58.03 ? 48   LEU A C   1 
ATOM   316  O  O   . LEU A 1 45  ? -1.955  21.107  2.757   1.00 53.13 ? 48   LEU A O   1 
ATOM   317  C  CB  . LEU A 1 45  ? -0.944  22.866  5.416   1.00 49.86 ? 48   LEU A CB  1 
ATOM   318  C  CG  . LEU A 1 45  ? -0.684  22.690  6.911   1.00 49.88 ? 48   LEU A CG  1 
ATOM   319  C  CD1 . LEU A 1 45  ? -1.272  23.829  7.721   1.00 47.15 ? 48   LEU A CD1 1 
ATOM   320  C  CD2 . LEU A 1 45  ? -1.271  21.379  7.412   1.00 50.96 ? 48   LEU A CD2 1 
ATOM   321  N  N   . GLN A 1 46  ? -0.547  22.804  2.227   1.00 55.37 ? 49   GLN A N   1 
ATOM   322  C  CA  . GLN A 1 46  ? -1.064  22.951  0.859   1.00 50.57 ? 49   GLN A CA  1 
ATOM   323  C  C   . GLN A 1 46  ? -0.876  21.618  0.103   1.00 47.57 ? 49   GLN A C   1 
ATOM   324  O  O   . GLN A 1 46  ? -1.789  21.134  -0.574  1.00 39.41 ? 49   GLN A O   1 
ATOM   325  C  CB  . GLN A 1 46  ? -0.395  24.146  0.158   1.00 47.43 ? 49   GLN A CB  1 
ATOM   326  N  N   . ASP A 1 47  ? 0.271   20.981  0.303   1.00 46.01 ? 50   ASP A N   1 
ATOM   327  C  CA  . ASP A 1 47  ? 0.582   19.702  -0.392  1.00 52.97 ? 50   ASP A CA  1 
ATOM   328  C  C   . ASP A 1 47  ? -0.333  18.530  -0.006  1.00 46.60 ? 50   ASP A C   1 
ATOM   329  O  O   . ASP A 1 47  ? -0.868  17.782  -0.875  1.00 48.91 ? 50   ASP A O   1 
ATOM   330  C  CB  . ASP A 1 47  ? 2.057   19.277  -0.140  1.00 57.36 ? 50   ASP A CB  1 
ATOM   331  C  CG  . ASP A 1 47  ? 3.078   20.378  -0.529  1.00 65.65 ? 50   ASP A CG  1 
ATOM   332  O  OD1 . ASP A 1 47  ? 2.770   21.222  -1.413  1.00 59.89 ? 50   ASP A OD1 1 
ATOM   333  O  OD2 . ASP A 1 47  ? 4.186   20.407  0.061   1.00 69.12 ? 50   ASP A OD2 1 
ATOM   334  N  N   . MET A 1 48  ? -0.477  18.363  1.305   1.00 44.83 ? 51   MET A N   1 
ATOM   335  C  CA  . MET A 1 48  ? -1.327  17.330  1.884   1.00 45.19 ? 51   MET A CA  1 
ATOM   336  C  C   . MET A 1 48  ? -2.710  17.451  1.277   1.00 48.57 ? 51   MET A C   1 
ATOM   337  O  O   . MET A 1 48  ? -3.260  16.437  0.782   1.00 49.61 ? 51   MET A O   1 
ATOM   338  C  CB  . MET A 1 48  ? -1.375  17.424  3.410   1.00 47.80 ? 51   MET A CB  1 
ATOM   339  C  CG  . MET A 1 48  ? -0.029  17.183  4.127   1.00 48.85 ? 51   MET A CG  1 
ATOM   340  S  SD  . MET A 1 48  ? -0.285  17.207  5.908   1.00 56.65 ? 51   MET A SD  1 
ATOM   341  C  CE  . MET A 1 48  ? 0.843   18.476  6.443   1.00 54.02 ? 51   MET A CE  1 
ATOM   342  N  N   . ILE A 1 49  ? -3.233  18.689  1.207   1.00 46.93 ? 52   ILE A N   1 
ATOM   343  C  CA  . ILE A 1 49  ? -4.514  18.906  0.548   1.00 44.68 ? 52   ILE A CA  1 
ATOM   344  C  C   . ILE A 1 49  ? -4.456  18.545  -0.964  1.00 46.25 ? 52   ILE A C   1 
ATOM   345  O  O   . ILE A 1 49  ? -5.307  17.789  -1.472  1.00 42.06 ? 52   ILE A O   1 
ATOM   346  C  CB  . ILE A 1 49  ? -5.079  20.345  0.713   1.00 48.26 ? 52   ILE A CB  1 
ATOM   347  C  CG1 . ILE A 1 49  ? -5.222  20.765  2.186   1.00 50.61 ? 52   ILE A CG1 1 
ATOM   348  C  CG2 . ILE A 1 49  ? -6.407  20.479  -0.043  1.00 45.98 ? 52   ILE A CG2 1 
ATOM   349  C  CD1 . ILE A 1 49  ? -6.323  20.109  2.997   1.00 52.00 ? 52   ILE A CD1 1 
ATOM   350  N  N   . ASN A 1 50  ? -3.474  19.068  -1.684  1.00 47.39 ? 53   ASN A N   1 
ATOM   351  C  CA  . ASN A 1 50  ? -3.434  18.837  -3.137  1.00 47.86 ? 53   ASN A CA  1 
ATOM   352  C  C   . ASN A 1 50  ? -3.362  17.355  -3.481  1.00 46.23 ? 53   ASN A C   1 
ATOM   353  O  O   . ASN A 1 50  ? -4.058  16.898  -4.399  1.00 48.95 ? 53   ASN A O   1 
ATOM   354  C  CB  . ASN A 1 50  ? -2.240  19.565  -3.796  1.00 53.63 ? 53   ASN A CB  1 
ATOM   355  C  CG  . ASN A 1 50  ? -2.376  21.094  -3.783  1.00 52.00 ? 53   ASN A CG  1 
ATOM   356  O  OD1 . ASN A 1 50  ? -3.473  21.649  -3.924  1.00 48.00 ? 53   ASN A OD1 1 
ATOM   357  N  ND2 . ASN A 1 50  ? -1.255  21.773  -3.617  1.00 49.21 ? 53   ASN A ND2 1 
ATOM   358  N  N   . GLU A 1 51  ? -2.526  16.614  -2.743  1.00 48.10 ? 54   GLU A N   1 
ATOM   359  C  CA  . GLU A 1 51  ? -2.352  15.154  -2.961  1.00 46.53 ? 54   GLU A CA  1 
ATOM   360  C  C   . GLU A 1 51  ? -3.680  14.420  -2.904  1.00 46.09 ? 54   GLU A C   1 
ATOM   361  O  O   . GLU A 1 51  ? -3.811  13.374  -3.490  1.00 47.01 ? 54   GLU A O   1 
ATOM   362  C  CB  . GLU A 1 51  ? -1.369  14.541  -1.957  1.00 41.58 ? 54   GLU A CB  1 
ATOM   363  N  N   . VAL A 1 52  ? -4.679  14.975  -2.222  1.00 44.67 ? 55   VAL A N   1 
ATOM   364  C  CA  . VAL A 1 52  ? -5.961  14.275  -2.090  1.00 47.16 ? 55   VAL A CA  1 
ATOM   365  C  C   . VAL A 1 52  ? -7.141  14.948  -2.843  1.00 43.09 ? 55   VAL A C   1 
ATOM   366  O  O   . VAL A 1 52  ? -8.125  14.299  -3.111  1.00 42.90 ? 55   VAL A O   1 
ATOM   367  C  CB  . VAL A 1 52  ? -6.291  14.048  -0.589  1.00 43.66 ? 55   VAL A CB  1 
ATOM   368  C  CG1 . VAL A 1 52  ? -7.445  13.068  -0.442  1.00 46.93 ? 55   VAL A CG1 1 
ATOM   369  C  CG2 . VAL A 1 52  ? -5.084  13.529  0.161   1.00 43.32 ? 55   VAL A CG2 1 
ATOM   370  N  N   . ASP A 1 53  ? -7.025  16.221  -3.220  1.00 45.30 ? 56   ASP A N   1 
ATOM   371  C  CA  . ASP A 1 53  ? -8.145  16.992  -3.788  1.00 43.35 ? 56   ASP A CA  1 
ATOM   372  C  C   . ASP A 1 53  ? -8.339  16.643  -5.276  1.00 46.65 ? 56   ASP A C   1 
ATOM   373  O  O   . ASP A 1 53  ? -7.848  17.353  -6.133  1.00 49.05 ? 56   ASP A O   1 
ATOM   374  C  CB  . ASP A 1 53  ? -7.785  18.466  -3.620  1.00 40.87 ? 56   ASP A CB  1 
ATOM   375  C  CG  . ASP A 1 53  ? -8.823  19.429  -4.198  1.00 36.24 ? 56   ASP A CG  1 
ATOM   376  O  OD1 . ASP A 1 53  ? -10.073 19.142  -4.240  1.00 27.63 ? 56   ASP A OD1 1 
ATOM   377  O  OD2 . ASP A 1 53  ? -8.346  20.542  -4.485  1.00 34.80 ? 56   ASP A OD2 1 
ATOM   378  N  N   . ALA A 1 54  ? -9.053  15.550  -5.562  1.00 52.39 ? 57   ALA A N   1 
ATOM   379  C  CA  . ALA A 1 54  ? -9.301  15.022  -6.968  1.00 52.57 ? 57   ALA A CA  1 
ATOM   380  C  C   . ALA A 1 54  ? -9.880  16.044  -7.902  1.00 50.43 ? 57   ALA A C   1 
ATOM   381  O  O   . ALA A 1 54  ? -9.391  16.195  -9.018  1.00 53.00 ? 57   ALA A O   1 
ATOM   382  C  CB  . ALA A 1 54  ? -10.240 13.785  -6.980  1.00 47.00 ? 57   ALA A CB  1 
ATOM   383  N  N   . ASP A 1 55  ? -10.928 16.732  -7.449  1.00 47.54 ? 58   ASP A N   1 
ATOM   384  C  CA  . ASP A 1 55  ? -11.594 17.752  -8.277  1.00 44.27 ? 58   ASP A CA  1 
ATOM   385  C  C   . ASP A 1 55  ? -10.939 19.141  -8.290  1.00 42.74 ? 58   ASP A C   1 
ATOM   386  O  O   . ASP A 1 55  ? -11.481 20.042  -8.929  1.00 38.11 ? 58   ASP A O   1 
ATOM   387  C  CB  . ASP A 1 55  ? -13.081 17.854  -7.917  1.00 41.70 ? 58   ASP A CB  1 
ATOM   388  C  CG  . ASP A 1 55  ? -13.306 18.565  -6.608  1.00 41.68 ? 58   ASP A CG  1 
ATOM   389  O  OD1 . ASP A 1 55  ? -12.365 19.243  -6.148  1.00 43.83 ? 58   ASP A OD1 1 
ATOM   390  O  OD2 . ASP A 1 55  ? -14.391 18.435  -6.027  1.00 38.24 ? 58   ASP A OD2 1 
ATOM   391  N  N   . GLY A 1 56  ? -9.832  19.336  -7.575  1.00 40.80 ? 59   GLY A N   1 
ATOM   392  C  CA  . GLY A 1 56  ? -9.101  20.625  -7.628  1.00 40.47 ? 59   GLY A CA  1 
ATOM   393  C  C   . GLY A 1 56  ? -9.829  21.826  -6.978  1.00 42.02 ? 59   GLY A C   1 
ATOM   394  O  O   . GLY A 1 56  ? -9.372  22.973  -7.061  1.00 38.63 ? 59   GLY A O   1 
ATOM   395  N  N   . ASN A 1 57  ? -10.961 21.599  -6.308  1.00 39.05 ? 60   ASN A N   1 
ATOM   396  C  CA  . ASN A 1 57  ? -11.767 22.740  -5.819  1.00 36.41 ? 60   ASN A CA  1 
ATOM   397  C  C   . ASN A 1 57  ? -11.218 23.407  -4.564  1.00 37.87 ? 60   ASN A C   1 
ATOM   398  O  O   . ASN A 1 57  ? -11.856 24.319  -4.073  1.00 40.63 ? 60   ASN A O   1 
ATOM   399  C  CB  . ASN A 1 57  ? -13.190 22.311  -5.519  1.00 37.03 ? 60   ASN A CB  1 
ATOM   400  C  CG  . ASN A 1 57  ? -13.264 21.521  -4.248  1.00 37.95 ? 60   ASN A CG  1 
ATOM   401  O  OD1 . ASN A 1 57  ? -12.213 21.183  -3.679  1.00 37.04 ? 60   ASN A OD1 1 
ATOM   402  N  ND2 . ASN A 1 57  ? -14.454 21.220  -3.799  1.00 37.35 ? 60   ASN A ND2 1 
ATOM   403  N  N   . GLY A 1 58  ? -10.133 22.860  -3.999  1.00 38.81 ? 61   GLY A N   1 
ATOM   404  C  CA  . GLY A 1 58  ? -9.322  23.509  -2.976  1.00 40.13 ? 61   GLY A CA  1 
ATOM   405  C  C   . GLY A 1 58  ? -9.373  22.819  -1.597  1.00 41.01 ? 61   GLY A C   1 
ATOM   406  O  O   . GLY A 1 58  ? -8.457  22.980  -0.823  1.00 39.55 ? 61   GLY A O   1 
ATOM   407  N  N   . THR A 1 59  ? -10.456 22.105  -1.289  1.00 38.24 ? 62   THR A N   1 
ATOM   408  C  CA  . THR A 1 59  ? -10.570 21.323  -0.086  1.00 44.46 ? 62   THR A CA  1 
ATOM   409  C  C   . THR A 1 59  ? -10.826 19.806  -0.362  1.00 43.50 ? 62   THR A C   1 
ATOM   410  O  O   . THR A 1 59  ? -11.230 19.416  -1.454  1.00 39.94 ? 62   THR A O   1 
ATOM   411  C  CB  . THR A 1 59  ? -11.778 21.815  0.725   1.00 47.80 ? 62   THR A CB  1 
ATOM   412  O  OG1 . THR A 1 59  ? -12.949 21.582  -0.056  1.00 44.56 ? 62   THR A OG1 1 
ATOM   413  C  CG2 . THR A 1 59  ? -11.651 23.321  1.094   1.00 49.71 ? 62   THR A CG2 1 
ATOM   414  N  N   . ILE A 1 60  ? -10.684 18.999  0.684   1.00 32.98 ? 63   ILE A N   1 
ATOM   415  C  CA  . ILE A 1 60  ? -10.960 17.605  0.627   1.00 32.39 ? 63   ILE A CA  1 
ATOM   416  C  C   . ILE A 1 60  ? -12.385 17.306  1.099   1.00 32.47 ? 63   ILE A C   1 
ATOM   417  O  O   . ILE A 1 60  ? -12.693 17.576  2.271   1.00 33.76 ? 63   ILE A O   1 
ATOM   418  C  CB  . ILE A 1 60  ? -9.959  16.823  1.544   1.00 35.30 ? 63   ILE A CB  1 
ATOM   419  C  CG1 . ILE A 1 60  ? -8.503  17.112  1.139   1.00 37.83 ? 63   ILE A CG1 1 
ATOM   420  C  CG2 . ILE A 1 60  ? -10.229 15.311  1.514   1.00 39.00 ? 63   ILE A CG2 1 
ATOM   421  C  CD1 . ILE A 1 60  ? -7.427  16.550  2.070   1.00 35.07 ? 63   ILE A CD1 1 
ATOM   422  N  N   . ASP A 1 61  ? -13.230 16.687  0.259   1.00 30.34 ? 64   ASP A N   1 
ATOM   423  C  CA  . ASP A 1 61  ? -14.549 16.129  0.749   1.00 29.02 ? 64   ASP A CA  1 
ATOM   424  C  C   . ASP A 1 61  ? -14.526 14.651  1.131   1.00 26.24 ? 64   ASP A C   1 
ATOM   425  O  O   . ASP A 1 61  ? -13.516 13.992  1.008   1.00 27.85 ? 64   ASP A O   1 
ATOM   426  C  CB  . ASP A 1 61  ? -15.685 16.419  -0.236  1.00 33.42 ? 64   ASP A CB  1 
ATOM   427  C  CG  . ASP A 1 61  ? -15.512 15.718  -1.578  1.00 36.55 ? 64   ASP A CG  1 
ATOM   428  O  OD1 . ASP A 1 61  ? -14.738 14.728  -1.699  1.00 35.42 ? 64   ASP A OD1 1 
ATOM   429  O  OD2 . ASP A 1 61  ? -16.163 16.204  -2.514  1.00 37.48 ? 64   ASP A OD2 1 
ATOM   430  N  N   . PHE A 1 62  ? -15.596 14.124  1.666   1.00 30.89 ? 65   PHE A N   1 
ATOM   431  C  CA  . PHE A 1 62  ? -15.565 12.753  2.063   1.00 32.59 ? 65   PHE A CA  1 
ATOM   432  C  C   . PHE A 1 62  ? -15.339 11.799  0.915   1.00 36.83 ? 65   PHE A C   1 
ATOM   433  O  O   . PHE A 1 62  ? -14.577 10.914  1.041   1.00 31.73 ? 65   PHE A O   1 
ATOM   434  C  CB  . PHE A 1 62  ? -16.777 12.373  2.846   1.00 39.16 ? 65   PHE A CB  1 
ATOM   435  C  CG  . PHE A 1 62  ? -16.650 11.053  3.517   1.00 47.02 ? 65   PHE A CG  1 
ATOM   436  C  CD1 . PHE A 1 62  ? -15.585 10.795  4.331   1.00 41.52 ? 65   PHE A CD1 1 
ATOM   437  C  CD2 . PHE A 1 62  ? -17.571 10.070  3.312   1.00 46.51 ? 65   PHE A CD2 1 
ATOM   438  C  CE1 . PHE A 1 62  ? -15.445 9.593   4.937   1.00 44.11 ? 65   PHE A CE1 1 
ATOM   439  C  CE2 . PHE A 1 62  ? -17.438 8.856   3.929   1.00 50.74 ? 65   PHE A CE2 1 
ATOM   440  C  CZ  . PHE A 1 62  ? -16.373 8.619   4.753   1.00 44.05 ? 65   PHE A CZ  1 
ATOM   441  N  N   . PRO A 1 63  ? -16.081 12.009  -0.240  1.00 37.71 ? 66   PRO A N   1 
ATOM   442  C  CA  . PRO A 1 63  ? -15.771 11.129  -1.369  1.00 34.44 ? 66   PRO A CA  1 
ATOM   443  C  C   . PRO A 1 63  ? -14.295 11.014  -1.728  1.00 33.73 ? 66   PRO A C   1 
ATOM   444  O  O   . PRO A 1 63  ? -13.808 9.954   -1.987  1.00 34.96 ? 66   PRO A O   1 
ATOM   445  C  CB  . PRO A 1 63  ? -16.505 11.792  -2.490  1.00 36.83 ? 66   PRO A CB  1 
ATOM   446  C  CG  . PRO A 1 63  ? -17.785 12.086  -1.885  1.00 35.83 ? 66   PRO A CG  1 
ATOM   447  C  CD  . PRO A 1 63  ? -17.393 12.711  -0.601  1.00 39.10 ? 66   PRO A CD  1 
ATOM   448  N  N   . GLU A 1 64  ? -13.602 12.117  -1.746  1.00 35.78 ? 67   GLU A N   1 
ATOM   449  C  CA  . GLU A 1 64  ? -12.149 12.139  -2.034  1.00 34.95 ? 67   GLU A CA  1 
ATOM   450  C  C   . GLU A 1 64  ? -11.305 11.497  -0.906  1.00 34.77 ? 67   GLU A C   1 
ATOM   451  O  O   . GLU A 1 64  ? -10.353 10.774  -1.155  1.00 32.71 ? 67   GLU A O   1 
ATOM   452  C  CB  . GLU A 1 64  ? -11.691 13.564  -2.198  1.00 33.56 ? 67   GLU A CB  1 
ATOM   453  C  CG  . GLU A 1 64  ? -12.250 14.263  -3.432  1.00 39.15 ? 67   GLU A CG  1 
ATOM   454  C  CD  . GLU A 1 64  ? -11.980 15.778  -3.472  1.00 41.29 ? 67   GLU A CD  1 
ATOM   455  O  OE1 . GLU A 1 64  ? -11.853 16.438  -2.399  1.00 38.51 ? 67   GLU A OE1 1 
ATOM   456  O  OE2 . GLU A 1 64  ? -11.860 16.328  -4.595  1.00 40.61 ? 67   GLU A OE2 1 
ATOM   457  N  N   . PHE A 1 65  ? -11.671 11.756  0.339   1.00 36.10 ? 68   PHE A N   1 
ATOM   458  C  CA  . PHE A 1 65  ? -10.995 11.138  1.474   1.00 34.97 ? 68   PHE A CA  1 
ATOM   459  C  C   . PHE A 1 65  ? -11.084 9.604   1.388   1.00 34.11 ? 68   PHE A C   1 
ATOM   460  O  O   . PHE A 1 65  ? -10.085 8.901   1.479   1.00 34.13 ? 68   PHE A O   1 
ATOM   461  C  CB  . PHE A 1 65  ? -11.619 11.660  2.754   1.00 34.76 ? 68   PHE A CB  1 
ATOM   462  C  CG  . PHE A 1 65  ? -10.896 11.243  4.003   1.00 33.43 ? 68   PHE A CG  1 
ATOM   463  C  CD1 . PHE A 1 65  ? -9.753  11.861  4.374   1.00 35.04 ? 68   PHE A CD1 1 
ATOM   464  C  CD2 . PHE A 1 65  ? -11.415 10.236  4.813   1.00 34.45 ? 68   PHE A CD2 1 
ATOM   465  C  CE1 . PHE A 1 65  ? -9.096  11.513  5.560   1.00 36.97 ? 68   PHE A CE1 1 
ATOM   466  C  CE2 . PHE A 1 65  ? -10.774 9.841   5.957   1.00 35.32 ? 68   PHE A CE2 1 
ATOM   467  C  CZ  . PHE A 1 65  ? -9.598  10.480  6.336   1.00 34.18 ? 68   PHE A CZ  1 
ATOM   468  N  N   . LEU A 1 66  ? -12.297 9.137   1.134   1.00 36.03 ? 69   LEU A N   1 
ATOM   469  C  CA  . LEU A 1 66  ? -12.651 7.743   0.970   1.00 42.99 ? 69   LEU A CA  1 
ATOM   470  C  C   . LEU A 1 66  ? -11.841 7.027   -0.109  1.00 39.73 ? 69   LEU A C   1 
ATOM   471  O  O   . LEU A 1 66  ? -11.314 5.921   0.120   1.00 39.92 ? 69   LEU A O   1 
ATOM   472  C  CB  . LEU A 1 66  ? -14.138 7.662   0.652   1.00 46.77 ? 69   LEU A CB  1 
ATOM   473  C  CG  . LEU A 1 66  ? -15.001 6.568   1.229   1.00 53.03 ? 69   LEU A CG  1 
ATOM   474  C  CD1 . LEU A 1 66  ? -14.744 6.289   2.700   1.00 54.12 ? 69   LEU A CD1 1 
ATOM   475  C  CD2 . LEU A 1 66  ? -16.438 7.034   1.036   1.00 56.94 ? 69   LEU A CD2 1 
ATOM   476  N  N   . THR A 1 67  ? -11.722 7.673   -1.259  1.00 36.77 ? 70   THR A N   1 
ATOM   477  C  CA  . THR A 1 67  ? -10.863 7.208   -2.353  1.00 37.50 ? 70   THR A CA  1 
ATOM   478  C  C   . THR A 1 67  ? -9.436  7.050   -1.902  1.00 37.59 ? 70   THR A C   1 
ATOM   479  O  O   . THR A 1 67  ? -8.740  6.099   -2.270  1.00 40.93 ? 70   THR A O   1 
ATOM   480  C  CB  . THR A 1 67  ? -10.918 8.195   -3.548  1.00 41.24 ? 70   THR A CB  1 
ATOM   481  O  OG1 . THR A 1 67  ? -12.274 8.248   -4.000  1.00 44.58 ? 70   THR A OG1 1 
ATOM   482  C  CG2 . THR A 1 67  ? -10.035 7.760   -4.690  1.00 41.19 ? 70   THR A CG2 1 
ATOM   483  N  N   . MET A 1 68  ? -8.966  7.992   -1.118  1.00 34.59 ? 71   MET A N   1 
ATOM   484  C  CA  . MET A 1 68  ? -7.554  7.929   -0.671  1.00 36.42 ? 71   MET A CA  1 
ATOM   485  C  C   . MET A 1 68  ? -7.340  6.794   0.388   1.00 34.28 ? 71   MET A C   1 
ATOM   486  O  O   . MET A 1 68  ? -6.336  6.061   0.368   1.00 30.93 ? 71   MET A O   1 
ATOM   487  C  CB  . MET A 1 68  ? -7.114  9.298   -0.184  1.00 34.34 ? 71   MET A CB  1 
ATOM   488  C  CG  . MET A 1 68  ? -5.688  9.369   0.321   1.00 37.96 ? 71   MET A CG  1 
ATOM   489  S  SD  . MET A 1 68  ? -5.672  9.116   2.112   1.00 42.73 ? 71   MET A SD  1 
ATOM   490  C  CE  . MET A 1 68  ? -6.439  10.574  2.752   1.00 35.86 ? 71   MET A CE  1 
ATOM   491  N  N   . MET A 1 69  ? -8.307  6.643   1.283   1.00 32.98 ? 72   MET A N   1 
ATOM   492  C  CA  . MET A 1 69  ? -8.180  5.667   2.350   1.00 31.58 ? 72   MET A CA  1 
ATOM   493  C  C   . MET A 1 69  ? -8.319  4.257   1.765   1.00 34.48 ? 72   MET A C   1 
ATOM   494  O  O   . MET A 1 69  ? -7.535  3.362   2.122   1.00 31.91 ? 72   MET A O   1 
ATOM   495  C  CB  . MET A 1 69  ? -9.191  5.934   3.476   1.00 32.32 ? 72   MET A CB  1 
ATOM   496  C  CG  . MET A 1 69  ? -8.955  7.249   4.201   1.00 33.44 ? 72   MET A CG  1 
ATOM   497  S  SD  . MET A 1 69  ? -7.333  7.470   5.021   1.00 39.26 ? 72   MET A SD  1 
ATOM   498  C  CE  . MET A 1 69  ? -7.512  6.297   6.385   1.00 38.39 ? 72   MET A CE  1 
ATOM   499  N  N   . ALA A 1 70  ? -9.263  4.089   0.831   1.00 32.83 ? 73   ALA A N   1 
ATOM   500  C  CA  . ALA A 1 70  ? -9.430  2.833   0.063   1.00 33.72 ? 73   ALA A CA  1 
ATOM   501  C  C   . ALA A 1 70  ? -8.190  2.380   -0.692  1.00 36.10 ? 73   ALA A C   1 
ATOM   502  O  O   . ALA A 1 70  ? -7.803  1.205   -0.627  1.00 37.83 ? 73   ALA A O   1 
ATOM   503  C  CB  . ALA A 1 70  ? -10.620 2.934   -0.902  1.00 34.30 ? 73   ALA A CB  1 
ATOM   504  N  N   . ARG A 1 71  ? -7.543  3.316   -1.361  1.00 35.16 ? 74   ARG A N   1 
ATOM   505  C  CA  . ARG A 1 71  ? -6.381  3.028   -2.155  1.00 35.60 ? 74   ARG A CA  1 
ATOM   506  C  C   . ARG A 1 71  ? -5.238  2.541   -1.277  1.00 36.25 ? 74   ARG A C   1 
ATOM   507  O  O   . ARG A 1 71  ? -4.542  1.571   -1.594  1.00 35.97 ? 74   ARG A O   1 
ATOM   508  C  CB  . ARG A 1 71  ? -5.927  4.304   -2.921  1.00 37.55 ? 74   ARG A CB  1 
ATOM   509  C  CG  . ARG A 1 71  ? -4.840  4.069   -3.992  1.00 38.46 ? 74   ARG A CG  1 
ATOM   510  N  N   . LYS A 1 72  ? -4.998  3.267   -0.201  1.00 37.54 ? 75   LYS A N   1 
ATOM   511  C  CA  . LYS A 1 72  ? -3.955  2.922   0.776   1.00 34.67 ? 75   LYS A CA  1 
ATOM   512  C  C   . LYS A 1 72  ? -4.208  1.566   1.481   1.00 31.75 ? 75   LYS A C   1 
ATOM   513  O  O   . LYS A 1 72  ? -3.302  0.813   1.707   1.00 31.96 ? 75   LYS A O   1 
ATOM   514  C  CB  . LYS A 1 72  ? -3.920  4.035   1.776   1.00 41.38 ? 75   LYS A CB  1 
ATOM   515  C  CG  . LYS A 1 72  ? -2.825  3.970   2.809   1.00 46.53 ? 75   LYS A CG  1 
ATOM   516  C  CD  . LYS A 1 72  ? -3.031  5.004   3.931   1.00 44.68 ? 75   LYS A CD  1 
ATOM   517  C  CE  . LYS A 1 72  ? -3.382  6.411   3.461   1.00 46.41 ? 75   LYS A CE  1 
ATOM   518  N  NZ  . LYS A 1 72  ? -3.989  7.202   4.547   1.00 43.41 ? 75   LYS A NZ  1 
ATOM   519  N  N   . MET A 1 73  ? -5.439  1.246   1.816   1.00 32.65 ? 76   MET A N   1 
ATOM   520  C  CA  . MET A 1 73  ? -5.752  -0.040  2.428   1.00 35.47 ? 76   MET A CA  1 
ATOM   521  C  C   . MET A 1 73  ? -5.515  -1.149  1.411   1.00 36.87 ? 76   MET A C   1 
ATOM   522  O  O   . MET A 1 73  ? -4.892  -2.140  1.753   1.00 37.88 ? 76   MET A O   1 
ATOM   523  C  CB  . MET A 1 73  ? -7.182  -0.093  2.913   1.00 36.98 ? 76   MET A CB  1 
ATOM   524  C  CG  . MET A 1 73  ? -7.525  -1.305  3.792   1.00 41.67 ? 76   MET A CG  1 
ATOM   525  S  SD  . MET A 1 73  ? -9.311  -1.303  4.083   1.00 41.60 ? 76   MET A SD  1 
ATOM   526  C  CE  . MET A 1 73  ? -9.730  -2.191  2.590   1.00 47.50 ? 76   MET A CE  1 
ATOM   527  N  N   . LYS A 1 74  ? -6.029  -0.979  0.183   1.00 39.82 ? 77   LYS A N   1 
ATOM   528  C  CA  . LYS A 1 74  ? -5.846  -1.928  -0.919  1.00 35.11 ? 77   LYS A CA  1 
ATOM   529  C  C   . LYS A 1 74  ? -4.363  -2.080  -1.226  1.00 32.42 ? 77   LYS A C   1 
ATOM   530  O  O   . LYS A 1 74  ? -3.896  -3.190  -1.318  1.00 34.48 ? 77   LYS A O   1 
ATOM   531  C  CB  . LYS A 1 74  ? -6.613  -1.492  -2.172  1.00 39.08 ? 77   LYS A CB  1 
ATOM   532  N  N   . ASP A 1 75  ? -3.608  -0.987  -1.297  1.00 33.09 ? 78   ASP A N   1 
ATOM   533  C  CA  . ASP A 1 75  ? -2.166  -1.045  -1.606  1.00 33.22 ? 78   ASP A CA  1 
ATOM   534  C  C   . ASP A 1 75  ? -1.409  -1.874  -0.610  1.00 35.42 ? 78   ASP A C   1 
ATOM   535  O  O   . ASP A 1 75  ? -0.614  -2.723  -0.987  1.00 34.08 ? 78   ASP A O   1 
ATOM   536  C  CB  . ASP A 1 75  ? -1.503  0.313   -1.588  1.00 37.97 ? 78   ASP A CB  1 
ATOM   537  C  CG  . ASP A 1 75  ? -1.818  1.155   -2.807  1.00 45.13 ? 78   ASP A CG  1 
ATOM   538  O  OD1 . ASP A 1 75  ? -2.313  0.611   -3.814  1.00 46.28 ? 78   ASP A OD1 1 
ATOM   539  O  OD2 . ASP A 1 75  ? -1.570  2.388   -2.736  1.00 51.36 ? 78   ASP A OD2 1 
ATOM   540  N  N   . THR A 1 76  ? -1.675  -1.634  0.663   1.00 34.25 ? 79   THR A N   1 
ATOM   541  C  CA  . THR A 1 76  ? -1.020  -2.379  1.730   1.00 38.09 ? 79   THR A CA  1 
ATOM   542  C  C   . THR A 1 76  ? -1.390  -3.863  1.739   1.00 36.69 ? 79   THR A C   1 
ATOM   543  O  O   . THR A 1 76  ? -0.508  -4.691  1.953   1.00 33.73 ? 79   THR A O   1 
ATOM   544  C  CB  . THR A 1 76  ? -1.339  -1.772  3.099   1.00 37.61 ? 79   THR A CB  1 
ATOM   545  O  OG1 . THR A 1 76  ? -0.769  -0.467  3.150   1.00 36.18 ? 79   THR A OG1 1 
ATOM   546  C  CG2 . THR A 1 76  ? -0.787  -2.627  4.291   1.00 35.04 ? 79   THR A CG2 1 
ATOM   547  N  N   . ASP A 1 77  ? -2.685  -4.145  1.598   1.00 35.63 ? 80   ASP A N   1 
ATOM   548  C  CA  . ASP A 1 77  ? -3.225  -5.492  1.502   1.00 37.59 ? 80   ASP A CA  1 
ATOM   549  C  C   . ASP A 1 77  ? -2.511  -6.243  0.383   1.00 37.12 ? 80   ASP A C   1 
ATOM   550  O  O   . ASP A 1 77  ? -1.952  -7.304  0.641   1.00 37.12 ? 80   ASP A O   1 
ATOM   551  C  CB  . ASP A 1 77  ? -4.742  -5.507  1.184   1.00 37.93 ? 80   ASP A CB  1 
ATOM   552  C  CG  . ASP A 1 77  ? -5.646  -5.225  2.403   1.00 40.58 ? 80   ASP A CG  1 
ATOM   553  O  OD1 . ASP A 1 77  ? -5.134  -4.995  3.483   1.00 39.65 ? 80   ASP A OD1 1 
ATOM   554  O  OD2 . ASP A 1 77  ? -6.905  -5.207  2.273   1.00 50.76 ? 80   ASP A OD2 1 
ATOM   555  N  N   . SER A 1 78  ? -2.517  -5.685  -0.830  1.00 34.98 ? 81   SER A N   1 
ATOM   556  C  CA  . SER A 1 78  ? -1.766  -6.283  -1.949  1.00 38.56 ? 81   SER A CA  1 
ATOM   557  C  C   . SER A 1 78  ? -0.330  -6.558  -1.660  1.00 35.81 ? 81   SER A C   1 
ATOM   558  O  O   . SER A 1 78  ? 0.156   -7.633  -2.023  1.00 32.97 ? 81   SER A O   1 
ATOM   559  C  CB  . SER A 1 78  ? -1.800  -5.446  -3.204  1.00 38.41 ? 81   SER A CB  1 
ATOM   560  O  OG  . SER A 1 78  ? -3.135  -5.326  -3.526  1.00 48.43 ? 81   SER A OG  1 
ATOM   561  N  N   . GLU A 1 79  ? 0.348   -5.591  -1.055  1.00 33.33 ? 82   GLU A N   1 
ATOM   562  C  CA  . GLU A 1 79  ? 1.772   -5.736  -0.772  1.00 36.63 ? 82   GLU A CA  1 
ATOM   563  C  C   . GLU A 1 79  ? 1.954   -6.950  0.135   1.00 36.51 ? 82   GLU A C   1 
ATOM   564  O  O   . GLU A 1 79  ? 2.813   -7.787  -0.122  1.00 36.89 ? 82   GLU A O   1 
ATOM   565  C  CB  . GLU A 1 79  ? 2.350   -4.484  -0.097  1.00 39.21 ? 82   GLU A CB  1 
ATOM   566  C  CG  . GLU A 1 79  ? 3.898   -4.332  -0.129  1.00 55.05 ? 82   GLU A CG  1 
ATOM   567  C  CD  . GLU A 1 79  ? 4.732   -5.192  0.864   1.00 64.46 ? 82   GLU A CD  1 
ATOM   568  O  OE1 . GLU A 1 79  ? 4.323   -5.372  2.042   1.00 71.17 ? 82   GLU A OE1 1 
ATOM   569  O  OE2 . GLU A 1 79  ? 5.845   -5.676  0.476   1.00 71.36 ? 82   GLU A OE2 1 
ATOM   570  N  N   . GLU A 1 80  ? 1.155   -7.028  1.199   1.00 35.82 ? 83   GLU A N   1 
ATOM   571  C  CA  . GLU A 1 80  ? 1.268   -8.089  2.212   1.00 35.38 ? 83   GLU A CA  1 
ATOM   572  C  C   . GLU A 1 80  ? 0.949   -9.441  1.601   1.00 31.82 ? 83   GLU A C   1 
ATOM   573  O  O   . GLU A 1 80  ? 1.597   -10.446 1.903   1.00 29.87 ? 83   GLU A O   1 
ATOM   574  C  CB  . GLU A 1 80  ? 0.294   -7.855  3.370   1.00 36.50 ? 83   GLU A CB  1 
ATOM   575  C  CG  . GLU A 1 80  ? 0.641   -6.671  4.253   1.00 42.84 ? 83   GLU A CG  1 
ATOM   576  C  CD  . GLU A 1 80  ? -0.470  -6.291  5.257   1.00 48.43 ? 83   GLU A CD  1 
ATOM   577  O  OE1 . GLU A 1 80  ? -1.656  -6.708  5.090   1.00 48.70 ? 83   GLU A OE1 1 
ATOM   578  O  OE2 . GLU A 1 80  ? -0.148  -5.546  6.214   1.00 50.92 ? 83   GLU A OE2 1 
ATOM   579  N  N   . GLU A 1 81  ? -0.049  -9.482  0.732   1.00 27.37 ? 84   GLU A N   1 
ATOM   580  C  CA  . GLU A 1 81  ? -0.353  -10.727 0.021   1.00 31.40 ? 84   GLU A CA  1 
ATOM   581  C  C   . GLU A 1 81  ? 0.758   -11.153 -0.905  1.00 31.98 ? 84   GLU A C   1 
ATOM   582  O  O   . GLU A 1 81  ? 1.116   -12.293 -0.907  1.00 32.14 ? 84   GLU A O   1 
ATOM   583  C  CB  . GLU A 1 81  ? -1.697  -10.703 -0.728  1.00 35.41 ? 84   GLU A CB  1 
ATOM   584  C  CG  . GLU A 1 81  ? -2.908  -10.795 0.253   1.00 48.05 ? 84   GLU A CG  1 
ATOM   585  C  CD  . GLU A 1 81  ? -3.142  -12.218 0.845   1.00 51.58 ? 84   GLU A CD  1 
ATOM   586  O  OE1 . GLU A 1 81  ? -2.963  -13.199 0.105   1.00 73.14 ? 84   GLU A OE1 1 
ATOM   587  O  OE2 . GLU A 1 81  ? -3.520  -12.397 2.019   1.00 51.94 ? 84   GLU A OE2 1 
ATOM   588  N  N   . ILE A 1 82  ? 1.333   -10.237 -1.663  1.00 32.28 ? 85   ILE A N   1 
ATOM   589  C  CA  . ILE A 1 82  ? 2.432   -10.579 -2.566  1.00 29.80 ? 85   ILE A CA  1 
ATOM   590  C  C   . ILE A 1 82  ? 3.694   -11.052 -1.814  1.00 29.92 ? 85   ILE A C   1 
ATOM   591  O  O   . ILE A 1 82  ? 4.204   -12.097 -2.156  1.00 32.50 ? 85   ILE A O   1 
ATOM   592  C  CB  . ILE A 1 82  ? 2.691   -9.447  -3.613  1.00 29.40 ? 85   ILE A CB  1 
ATOM   593  C  CG1 . ILE A 1 82  ? 1.407   -9.309  -4.503  1.00 30.96 ? 85   ILE A CG1 1 
ATOM   594  C  CG2 . ILE A 1 82  ? 3.911   -9.810  -4.453  1.00 27.31 ? 85   ILE A CG2 1 
ATOM   595  C  CD1 . ILE A 1 82  ? 1.341   -8.117  -5.406  1.00 34.38 ? 85   ILE A CD1 1 
ATOM   596  N  N   . ARG A 1 83  ? 4.135   -10.336 -0.788  1.00 26.51 ? 86   ARG A N   1 
ATOM   597  C  CA  . ARG A 1 83  ? 5.128   -10.852 0.168   1.00 29.74 ? 86   ARG A CA  1 
ATOM   598  C  C   . ARG A 1 83  ? 4.815   -12.301 0.629   1.00 34.57 ? 86   ARG A C   1 
ATOM   599  O  O   . ARG A 1 83  ? 5.696   -13.170 0.587   1.00 37.99 ? 86   ARG A O   1 
ATOM   600  C  CB  . ARG A 1 83  ? 5.308   -9.889  1.357   1.00 27.68 ? 86   ARG A CB  1 
ATOM   601  N  N   . GLU A 1 84  ? 3.568   -12.586 1.016   1.00 34.84 ? 87   GLU A N   1 
ATOM   602  C  CA  . GLU A 1 84  ? 3.156   -13.959 1.453   1.00 38.19 ? 87   GLU A CA  1 
ATOM   603  C  C   . GLU A 1 84  ? 3.276   -14.986 0.312   1.00 34.79 ? 87   GLU A C   1 
ATOM   604  O  O   . GLU A 1 84  ? 3.747   -16.093 0.475   1.00 31.85 ? 87   GLU A O   1 
ATOM   605  C  CB  . GLU A 1 84  ? 1.720   -13.984 2.000   1.00 42.11 ? 87   GLU A CB  1 
ATOM   606  C  CG  . GLU A 1 84  ? 1.595   -13.648 3.480   1.00 51.92 ? 87   GLU A CG  1 
ATOM   607  C  CD  . GLU A 1 84  ? 0.150   -13.347 3.958   1.00 55.23 ? 87   GLU A CD  1 
ATOM   608  O  OE1 . GLU A 1 84  ? -0.878  -13.594 3.281   1.00 56.95 ? 87   GLU A OE1 1 
ATOM   609  O  OE2 . GLU A 1 84  ? 0.038   -12.832 5.070   1.00 63.63 ? 87   GLU A OE2 1 
ATOM   610  N  N   . ALA A 1 85  ? 2.837   -14.589 -0.862  1.00 33.44 ? 88   ALA A N   1 
ATOM   611  C  CA  . ALA A 1 85  ? 2.970   -15.410 -2.070  1.00 32.11 ? 88   ALA A CA  1 
ATOM   612  C  C   . ALA A 1 85  ? 4.432   -15.749 -2.374  1.00 33.37 ? 88   ALA A C   1 
ATOM   613  O  O   . ALA A 1 85  ? 4.750   -16.870 -2.759  1.00 34.36 ? 88   ALA A O   1 
ATOM   614  C  CB  . ALA A 1 85  ? 2.335   -14.690 -3.248  1.00 30.36 ? 88   ALA A CB  1 
ATOM   615  N  N   . PHE A 1 86  ? 5.301   -14.768 -2.185  1.00 30.51 ? 89   PHE A N   1 
ATOM   616  C  CA  . PHE A 1 86  ? 6.705   -14.922 -2.433  1.00 33.47 ? 89   PHE A CA  1 
ATOM   617  C  C   . PHE A 1 86  ? 7.298   -16.002 -1.525  1.00 37.55 ? 89   PHE A C   1 
ATOM   618  O  O   . PHE A 1 86  ? 8.137   -16.817 -1.984  1.00 38.36 ? 89   PHE A O   1 
ATOM   619  C  CB  . PHE A 1 86  ? 7.418   -13.560 -2.257  1.00 30.62 ? 89   PHE A CB  1 
ATOM   620  C  CG  . PHE A 1 86  ? 8.897   -13.566 -2.637  1.00 34.26 ? 89   PHE A CG  1 
ATOM   621  C  CD1 . PHE A 1 86  ? 9.298   -13.683 -3.990  1.00 37.45 ? 89   PHE A CD1 1 
ATOM   622  C  CD2 . PHE A 1 86  ? 9.901   -13.440 -1.660  1.00 32.37 ? 89   PHE A CD2 1 
ATOM   623  C  CE1 . PHE A 1 86  ? 10.660  -13.703 -4.364  1.00 34.91 ? 89   PHE A CE1 1 
ATOM   624  C  CE2 . PHE A 1 86  ? 11.259  -13.473 -2.033  1.00 38.81 ? 89   PHE A CE2 1 
ATOM   625  C  CZ  . PHE A 1 86  ? 11.631  -13.591 -3.397  1.00 38.20 ? 89   PHE A CZ  1 
ATOM   626  N  N   . ARG A 1 87  ? 6.851   -16.030 -0.268  1.00 35.30 ? 90   ARG A N   1 
ATOM   627  C  CA  . ARG A 1 87  ? 7.366   -16.985 0.722   1.00 36.90 ? 90   ARG A CA  1 
ATOM   628  C  C   . ARG A 1 87  ? 6.972   -18.414 0.411   1.00 35.02 ? 90   ARG A C   1 
ATOM   629  O  O   . ARG A 1 87  ? 7.669   -19.298 0.755   1.00 38.44 ? 90   ARG A O   1 
ATOM   630  C  CB  . ARG A 1 87  ? 6.890   -16.640 2.137   1.00 42.55 ? 90   ARG A CB  1 
ATOM   631  C  CG  . ARG A 1 87  ? 7.455   -15.314 2.653   1.00 47.52 ? 90   ARG A CG  1 
ATOM   632  C  CD  . ARG A 1 87  ? 6.824   -14.954 3.996   1.00 51.18 ? 90   ARG A CD  1 
ATOM   633  N  NE  . ARG A 1 87  ? 7.341   -13.655 4.417   1.00 59.14 ? 90   ARG A NE  1 
ATOM   634  C  CZ  . ARG A 1 87  ? 6.620   -12.569 4.701   1.00 68.85 ? 90   ARG A CZ  1 
ATOM   635  N  NH1 . ARG A 1 87  ? 5.279   -12.574 4.642   1.00 69.91 ? 90   ARG A NH1 1 
ATOM   636  N  NH2 . ARG A 1 87  ? 7.257   -11.453 5.078   1.00 74.11 ? 90   ARG A NH2 1 
ATOM   637  N  N   . VAL A 1 88  ? 5.827   -18.624 -0.207  1.00 34.10 ? 91   VAL A N   1 
ATOM   638  C  CA  . VAL A 1 88  ? 5.398   -19.934 -0.756  1.00 30.65 ? 91   VAL A CA  1 
ATOM   639  C  C   . VAL A 1 88  ? 6.438   -20.514 -1.736  1.00 32.87 ? 91   VAL A C   1 
ATOM   640  O  O   . VAL A 1 88  ? 6.642   -21.743 -1.783  1.00 31.15 ? 91   VAL A O   1 
ATOM   641  C  CB  . VAL A 1 88  ? 4.010   -19.768 -1.437  1.00 29.02 ? 91   VAL A CB  1 
ATOM   642  C  CG1 . VAL A 1 88  ? 3.629   -20.982 -2.279  1.00 32.31 ? 91   VAL A CG1 1 
ATOM   643  C  CG2 . VAL A 1 88  ? 2.960   -19.492 -0.361  1.00 32.82 ? 91   VAL A CG2 1 
ATOM   644  N  N   . PHE A 1 89  ? 7.131   -19.632 -2.471  1.00 35.10 ? 92   PHE A N   1 
ATOM   645  C  CA  . PHE A 1 89  ? 8.194   -20.062 -3.400  1.00 30.98 ? 92   PHE A CA  1 
ATOM   646  C  C   . PHE A 1 89  ? 9.610   -20.038 -2.806  1.00 32.82 ? 92   PHE A C   1 
ATOM   647  O  O   . PHE A 1 89  ? 10.413  -20.944 -3.061  1.00 27.95 ? 92   PHE A O   1 
ATOM   648  C  CB  . PHE A 1 89  ? 8.208   -19.183 -4.620  1.00 30.93 ? 92   PHE A CB  1 
ATOM   649  C  CG  . PHE A 1 89  ? 7.010   -19.311 -5.461  1.00 27.89 ? 92   PHE A CG  1 
ATOM   650  C  CD1 . PHE A 1 89  ? 6.951   -20.267 -6.447  1.00 30.15 ? 92   PHE A CD1 1 
ATOM   651  C  CD2 . PHE A 1 89  ? 5.935   -18.476 -5.272  1.00 28.08 ? 92   PHE A CD2 1 
ATOM   652  C  CE1 . PHE A 1 89  ? 5.819   -20.403 -7.248  1.00 30.72 ? 92   PHE A CE1 1 
ATOM   653  C  CE2 . PHE A 1 89  ? 4.832   -18.577 -6.068  1.00 26.01 ? 92   PHE A CE2 1 
ATOM   654  C  CZ  . PHE A 1 89  ? 4.754   -19.545 -7.057  1.00 26.94 ? 92   PHE A CZ  1 
ATOM   655  N  N   . ASP A 1 90  ? 9.922   -18.985 -2.064  1.00 30.89 ? 93   ASP A N   1 
ATOM   656  C  CA  . ASP A 1 90  ? 11.250  -18.761 -1.622  1.00 29.90 ? 93   ASP A CA  1 
ATOM   657  C  C   . ASP A 1 90  ? 11.450  -19.543 -0.310  1.00 34.77 ? 93   ASP A C   1 
ATOM   658  O  O   . ASP A 1 90  ? 11.460  -18.951 0.753   1.00 36.50 ? 93   ASP A O   1 
ATOM   659  C  CB  . ASP A 1 90  ? 11.495  -17.275 -1.410  1.00 32.30 ? 93   ASP A CB  1 
ATOM   660  C  CG  . ASP A 1 90  ? 12.845  -16.994 -0.683  1.00 38.48 ? 93   ASP A CG  1 
ATOM   661  O  OD1 . ASP A 1 90  ? 13.787  -17.819 -0.748  1.00 43.67 ? 93   ASP A OD1 1 
ATOM   662  O  OD2 . ASP A 1 90  ? 12.961  -15.937 -0.059  1.00 39.18 ? 93   ASP A OD2 1 
ATOM   663  N  N   . LYS A 1 91  ? 11.550  -20.857 -0.420  1.00 32.60 ? 94   LYS A N   1 
ATOM   664  C  CA  . LYS A 1 91  ? 11.656  -21.822 0.643   1.00 38.49 ? 94   LYS A CA  1 
ATOM   665  C  C   . LYS A 1 91  ? 12.633  -21.555 1.783   1.00 40.22 ? 94   LYS A C   1 
ATOM   666  O  O   . LYS A 1 91  ? 12.306  -21.722 2.908   1.00 36.59 ? 94   LYS A O   1 
ATOM   667  C  CB  . LYS A 1 91  ? 11.867  -23.205 0.054   1.00 40.27 ? 94   LYS A CB  1 
ATOM   668  C  CG  . LYS A 1 91  ? 10.787  -24.190 0.422   1.00 50.62 ? 94   LYS A CG  1 
ATOM   669  C  CD  . LYS A 1 91  ? 10.824  -24.506 1.907   1.00 54.39 ? 94   LYS A CD  1 
ATOM   670  C  CE  . LYS A 1 91  ? 9.664   -25.358 2.385   1.00 53.52 ? 94   LYS A CE  1 
ATOM   671  N  NZ  . LYS A 1 91  ? 9.691   -26.734 1.853   1.00 54.66 ? 94   LYS A NZ  1 
ATOM   672  N  N   . ASP A 1 92  ? 13.824  -21.131 1.461   1.00 38.61 ? 95   ASP A N   1 
ATOM   673  C  CA  . ASP A 1 92  ? 14.800  -20.847 2.496   1.00 39.37 ? 95   ASP A CA  1 
ATOM   674  C  C   . ASP A 1 92  ? 14.784  -19.419 2.934   1.00 40.98 ? 95   ASP A C   1 
ATOM   675  O  O   . ASP A 1 92  ? 15.564  -19.030 3.786   1.00 41.43 ? 95   ASP A O   1 
ATOM   676  C  CB  . ASP A 1 92  ? 16.219  -21.240 2.054   1.00 45.82 ? 95   ASP A CB  1 
ATOM   677  C  CG  . ASP A 1 92  ? 16.779  -20.357 0.953   1.00 42.91 ? 95   ASP A CG  1 
ATOM   678  O  OD1 . ASP A 1 92  ? 16.147  -19.372 0.574   1.00 44.63 ? 95   ASP A OD1 1 
ATOM   679  O  OD2 . ASP A 1 92  ? 17.862  -20.661 0.437   1.00 48.66 ? 95   ASP A OD2 1 
ATOM   680  N  N   . GLY A 1 93  ? 13.893  -18.623 2.363   1.00 43.62 ? 96   GLY A N   1 
ATOM   681  C  CA  . GLY A 1 93  ? 13.700  -17.260 2.821   1.00 40.81 ? 96   GLY A CA  1 
ATOM   682  C  C   . GLY A 1 93  ? 14.932  -16.371 2.676   1.00 44.00 ? 96   GLY A C   1 
ATOM   683  O  O   . GLY A 1 93  ? 15.074  -15.392 3.401   1.00 45.44 ? 96   GLY A O   1 
ATOM   684  N  N   . ASN A 1 94  ? 15.806  -16.682 1.724   1.00 46.78 ? 97   ASN A N   1 
ATOM   685  C  CA  . ASN A 1 94  ? 16.993  -15.868 1.458   1.00 48.43 ? 97   ASN A CA  1 
ATOM   686  C  C   . ASN A 1 94  ? 16.756  -14.653 0.506   1.00 48.23 ? 97   ASN A C   1 
ATOM   687  O  O   . ASN A 1 94  ? 17.716  -13.979 0.102   1.00 42.95 ? 97   ASN A O   1 
ATOM   688  C  CB  . ASN A 1 94  ? 18.090  -16.774 0.910   1.00 49.37 ? 97   ASN A CB  1 
ATOM   689  C  CG  . ASN A 1 94  ? 17.972  -17.023 -0.594  1.00 53.34 ? 97   ASN A CG  1 
ATOM   690  O  OD1 . ASN A 1 94  ? 16.911  -17.368 -1.131  1.00 51.69 ? 97   ASN A OD1 1 
ATOM   691  N  ND2 . ASN A 1 94  ? 19.067  -16.823 -1.284  1.00 52.71 ? 97   ASN A ND2 1 
ATOM   692  N  N   . GLY A 1 95  ? 15.501  -14.412 0.098   1.00 43.32 ? 98   GLY A N   1 
ATOM   693  C  CA  . GLY A 1 95  ? 15.181  -13.314 -0.837  1.00 38.92 ? 98   GLY A CA  1 
ATOM   694  C  C   . GLY A 1 95  ? 15.229  -13.612 -2.351  1.00 36.27 ? 98   GLY A C   1 
ATOM   695  O  O   . GLY A 1 95  ? 14.954  -12.737 -3.139  1.00 42.26 ? 98   GLY A O   1 
ATOM   696  N  N   . TYR A 1 96  ? 15.614  -14.816 -2.743  1.00 35.91 ? 99   TYR A N   1 
ATOM   697  C  CA  . TYR A 1 96  ? 15.706  -15.240 -4.152  1.00 37.84 ? 99   TYR A CA  1 
ATOM   698  C  C   . TYR A 1 96  ? 15.118  -16.603 -4.285  1.00 33.56 ? 99   TYR A C   1 
ATOM   699  O  O   . TYR A 1 96  ? 15.354  -17.462 -3.441  1.00 36.55 ? 99   TYR A O   1 
ATOM   700  C  CB  . TYR A 1 96  ? 17.154  -15.393 -4.632  1.00 40.17 ? 99   TYR A CB  1 
ATOM   701  C  CG  . TYR A 1 96  ? 17.884  -14.142 -4.562  1.00 43.78 ? 99   TYR A CG  1 
ATOM   702  C  CD1 . TYR A 1 96  ? 17.805  -13.212 -5.586  1.00 46.13 ? 99   TYR A CD1 1 
ATOM   703  C  CD2 . TYR A 1 96  ? 18.631  -13.843 -3.413  1.00 49.14 ? 99   TYR A CD2 1 
ATOM   704  C  CE1 . TYR A 1 96  ? 18.503  -12.012 -5.496  1.00 52.58 ? 99   TYR A CE1 1 
ATOM   705  C  CE2 . TYR A 1 96  ? 19.339  -12.665 -3.310  1.00 51.76 ? 99   TYR A CE2 1 
ATOM   706  C  CZ  . TYR A 1 96  ? 19.278  -11.756 -4.338  1.00 51.27 ? 99   TYR A CZ  1 
ATOM   707  O  OH  . TYR A 1 96  ? 19.963  -10.606 -4.163  1.00 52.07 ? 99   TYR A OH  1 
ATOM   708  N  N   . ILE A 1 97  ? 14.371  -16.794 -5.360  1.00 40.25 ? 100  ILE A N   1 
ATOM   709  C  CA  . ILE A 1 97  ? 13.791  -18.090 -5.722  1.00 35.51 ? 100  ILE A CA  1 
ATOM   710  C  C   . ILE A 1 97  ? 14.758  -18.692 -6.710  1.00 32.98 ? 100  ILE A C   1 
ATOM   711  O  O   . ILE A 1 97  ? 14.941  -18.154 -7.811  1.00 30.53 ? 100  ILE A O   1 
ATOM   712  C  CB  . ILE A 1 97  ? 12.406  -17.947 -6.411  1.00 33.29 ? 100  ILE A CB  1 
ATOM   713  C  CG1 . ILE A 1 97  ? 11.411  -17.258 -5.463  1.00 36.38 ? 100  ILE A CG1 1 
ATOM   714  C  CG2 . ILE A 1 97  ? 11.870  -19.309 -6.847  1.00 30.94 ? 100  ILE A CG2 1 
ATOM   715  C  CD1 . ILE A 1 97  ? 10.262  -16.598 -6.205  1.00 34.08 ? 100  ILE A CD1 1 
ATOM   716  N  N   . SER A 1 98  ? 15.366  -19.808 -6.323  1.00 32.17 ? 101  SER A N   1 
ATOM   717  C  CA  . SER A 1 98  ? 16.265  -20.514 -7.248  1.00 33.95 ? 101  SER A CA  1 
ATOM   718  C  C   . SER A 1 98  ? 15.454  -21.527 -8.049  1.00 36.05 ? 101  SER A C   1 
ATOM   719  O  O   . SER A 1 98  ? 14.303  -21.876 -7.683  1.00 29.37 ? 101  SER A O   1 
ATOM   720  C  CB  . SER A 1 98  ? 17.320  -21.264 -6.463  1.00 33.13 ? 101  SER A CB  1 
ATOM   721  O  OG  . SER A 1 98  ? 16.731  -22.270 -5.638  1.00 41.43 ? 101  SER A OG  1 
ATOM   722  N  N   . ALA A 1 99  ? 16.057  -21.986 -9.139  1.00 30.24 ? 102  ALA A N   1 
ATOM   723  C  CA  . ALA A 1 99  ? 15.494  -23.072 -9.909  1.00 33.89 ? 102  ALA A CA  1 
ATOM   724  C  C   . ALA A 1 99  ? 15.194  -24.340 -9.068  1.00 35.13 ? 102  ALA A C   1 
ATOM   725  O  O   . ALA A 1 99  ? 14.150  -25.025 -9.226  1.00 27.41 ? 102  ALA A O   1 
ATOM   726  C  CB  . ALA A 1 99  ? 16.436  -23.407 -11.071 1.00 32.65 ? 102  ALA A CB  1 
ATOM   727  N  N   . ALA A 1 100 ? 16.113  -24.645 -8.159  1.00 37.53 ? 103  ALA A N   1 
ATOM   728  C  CA  . ALA A 1 100 ? 15.968  -25.768 -7.234  1.00 37.56 ? 103  ALA A CA  1 
ATOM   729  C  C   . ALA A 1 100 ? 14.801  -25.583 -6.303  1.00 34.63 ? 103  ALA A C   1 
ATOM   730  O  O   . ALA A 1 100 ? 13.970  -26.470 -6.135  1.00 37.24 ? 103  ALA A O   1 
ATOM   731  C  CB  . ALA A 1 100 ? 17.228  -25.925 -6.426  1.00 36.03 ? 103  ALA A CB  1 
ATOM   732  N  N   . GLU A 1 101 ? 14.728  -24.418 -5.701  1.00 36.97 ? 104  GLU A N   1 
ATOM   733  C  CA  . GLU A 1 101 ? 13.541  -24.106 -4.902  1.00 36.10 ? 104  GLU A CA  1 
ATOM   734  C  C   . GLU A 1 101 ? 12.229  -24.213 -5.741  1.00 32.44 ? 104  GLU A C   1 
ATOM   735  O  O   . GLU A 1 101 ? 11.302  -24.904 -5.375  1.00 26.22 ? 104  GLU A O   1 
ATOM   736  C  CB  . GLU A 1 101 ? 13.645  -22.713 -4.320  1.00 38.03 ? 104  GLU A CB  1 
ATOM   737  C  CG  . GLU A 1 101 ? 14.341  -22.702 -2.998  1.00 40.28 ? 104  GLU A CG  1 
ATOM   738  C  CD  . GLU A 1 101 ? 14.527  -21.330 -2.503  1.00 39.77 ? 104  GLU A CD  1 
ATOM   739  O  OE1 . GLU A 1 101 ? 14.360  -20.384 -3.297  1.00 40.38 ? 104  GLU A OE1 1 
ATOM   740  O  OE2 . GLU A 1 101 ? 14.873  -21.179 -1.324  1.00 43.41 ? 104  GLU A OE2 1 
ATOM   741  N  N   . LEU A 1 102 ? 12.175  -23.565 -6.883  1.00 31.40 ? 105  LEU A N   1 
ATOM   742  C  CA  . LEU A 1 102 ? 10.941  -23.627 -7.676  1.00 30.62 ? 105  LEU A CA  1 
ATOM   743  C  C   . LEU A 1 102 ? 10.512  -25.077 -7.987  1.00 32.07 ? 105  LEU A C   1 
ATOM   744  O  O   . LEU A 1 102 ? 9.356   -25.474 -7.803  1.00 35.96 ? 105  LEU A O   1 
ATOM   745  C  CB  . LEU A 1 102 ? 11.102  -22.848 -8.983  1.00 29.89 ? 105  LEU A CB  1 
ATOM   746  C  CG  . LEU A 1 102 ? 9.834   -22.677 -9.824  1.00 28.33 ? 105  LEU A CG  1 
ATOM   747  C  CD1 . LEU A 1 102 ? 8.706   -22.160 -8.940  1.00 27.36 ? 105  LEU A CD1 1 
ATOM   748  C  CD2 . LEU A 1 102 ? 10.133  -21.695 -10.957 1.00 29.78 ? 105  LEU A CD2 1 
ATOM   749  N  N   . ARG A 1 103 ? 11.453  -25.869 -8.446  1.00 31.83 ? 106  ARG A N   1 
ATOM   750  C  CA  . ARG A 1 103 ? 11.195  -27.248 -8.751  1.00 34.20 ? 106  ARG A CA  1 
ATOM   751  C  C   . ARG A 1 103 ? 10.619  -28.086 -7.593  1.00 33.71 ? 106  ARG A C   1 
ATOM   752  O  O   . ARG A 1 103 ? 9.702   -28.915 -7.792  1.00 27.56 ? 106  ARG A O   1 
ATOM   753  C  CB  . ARG A 1 103 ? 12.497  -27.884 -9.205  1.00 36.51 ? 106  ARG A CB  1 
ATOM   754  C  CG  . ARG A 1 103 ? 12.349  -29.342 -9.572  1.00 45.57 ? 106  ARG A CG  1 
ATOM   755  C  CD  . ARG A 1 103 ? 13.452  -29.770 -10.535 1.00 58.03 ? 106  ARG A CD  1 
ATOM   756  N  NE  . ARG A 1 103 ? 13.986  -31.112 -10.260 1.00 68.25 ? 106  ARG A NE  1 
ATOM   757  C  CZ  . ARG A 1 103 ? 13.323  -32.269 -10.367 1.00 77.06 ? 106  ARG A CZ  1 
ATOM   758  N  NH1 . ARG A 1 103 ? 12.039  -32.320 -10.727 1.00 79.57 ? 106  ARG A NH1 1 
ATOM   759  N  NH2 . ARG A 1 103 ? 13.957  -33.403 -10.095 1.00 82.68 ? 106  ARG A NH2 1 
ATOM   760  N  N   . HIS A 1 104 ? 11.199  -27.908 -6.406  1.00 34.52 ? 107  HIS A N   1 
ATOM   761  C  CA  . HIS A 1 104 ? 10.708  -28.650 -5.259  1.00 38.42 ? 107  HIS A CA  1 
ATOM   762  C  C   . HIS A 1 104 ? 9.342   -28.102 -4.773  1.00 33.47 ? 107  HIS A C   1 
ATOM   763  O  O   . HIS A 1 104 ? 8.526   -28.824 -4.257  1.00 33.91 ? 107  HIS A O   1 
ATOM   764  C  CB  . HIS A 1 104 ? 11.753  -28.733 -4.107  1.00 39.10 ? 107  HIS A CB  1 
ATOM   765  C  CG  . HIS A 1 104 ? 11.391  -29.781 -3.091  1.00 41.63 ? 107  HIS A CG  1 
ATOM   766  N  ND1 . HIS A 1 104 ? 11.179  -31.104 -3.448  1.00 40.01 ? 107  HIS A ND1 1 
ATOM   767  C  CD2 . HIS A 1 104 ? 11.095  -29.691 -1.765  1.00 38.38 ? 107  HIS A CD2 1 
ATOM   768  C  CE1 . HIS A 1 104 ? 10.779  -31.783 -2.387  1.00 40.28 ? 107  HIS A CE1 1 
ATOM   769  N  NE2 . HIS A 1 104 ? 10.737  -30.952 -1.349  1.00 39.23 ? 107  HIS A NE2 1 
ATOM   770  N  N   . VAL A 1 105 ? 9.129   -26.819 -4.941  1.00 30.18 ? 108  VAL A N   1 
ATOM   771  C  CA  . VAL A 1 105 ? 7.820   -26.193 -4.626  1.00 31.01 ? 108  VAL A CA  1 
ATOM   772  C  C   . VAL A 1 105 ? 6.751   -26.795 -5.564  1.00 30.26 ? 108  VAL A C   1 
ATOM   773  O  O   . VAL A 1 105 ? 5.691   -27.159 -5.114  1.00 28.47 ? 108  VAL A O   1 
ATOM   774  C  CB  . VAL A 1 105 ? 7.905   -24.637 -4.757  1.00 29.10 ? 108  VAL A CB  1 
ATOM   775  C  CG1 . VAL A 1 105 ? 6.549   -23.987 -4.907  1.00 28.73 ? 108  VAL A CG1 1 
ATOM   776  C  CG2 . VAL A 1 105 ? 8.647   -24.013 -3.579  1.00 30.48 ? 108  VAL A CG2 1 
ATOM   777  N  N   . MET A 1 106 ? 7.104   -26.935 -6.829  1.00 29.33 ? 109  MET A N   1 
ATOM   778  C  CA  . MET A 1 106 ? 6.282   -27.522 -7.842  1.00 31.56 ? 109  MET A CA  1 
ATOM   779  C  C   . MET A 1 106 ? 5.899   -28.938 -7.442  1.00 31.87 ? 109  MET A C   1 
ATOM   780  O  O   . MET A 1 106 ? 4.778   -29.307 -7.540  1.00 29.83 ? 109  MET A O   1 
ATOM   781  C  CB  . MET A 1 106 ? 6.987   -27.505 -9.186  1.00 35.09 ? 109  MET A CB  1 
ATOM   782  C  CG  . MET A 1 106 ? 6.311   -28.318 -10.274 1.00 41.34 ? 109  MET A CG  1 
ATOM   783  S  SD  . MET A 1 106 ? 7.245   -29.708 -10.910 1.00 52.10 ? 109  MET A SD  1 
ATOM   784  C  CE  . MET A 1 106 ? 6.272   -31.058 -10.382 1.00 47.93 ? 109  MET A CE  1 
ATOM   785  N  N   . THR A 1 107 ? 6.848   -29.712 -6.974  1.00 31.99 ? 110  THR A N   1 
ATOM   786  C  CA  . THR A 1 107 ? 6.559   -31.073 -6.565  1.00 30.23 ? 110  THR A CA  1 
ATOM   787  C  C   . THR A 1 107 ? 5.656   -31.109 -5.310  1.00 32.57 ? 110  THR A C   1 
ATOM   788  O  O   . THR A 1 107 ? 4.686   -31.857 -5.280  1.00 31.25 ? 110  THR A O   1 
ATOM   789  C  CB  . THR A 1 107 ? 7.858   -31.830 -6.303  1.00 33.42 ? 110  THR A CB  1 
ATOM   790  O  OG1 . THR A 1 107 ? 8.664   -31.739 -7.475  1.00 34.33 ? 110  THR A OG1 1 
ATOM   791  C  CG2 . THR A 1 107 ? 7.564   -33.311 -5.988  1.00 33.90 ? 110  THR A CG2 1 
ATOM   792  N  N   . ASN A 1 108 ? 5.956   -30.276 -4.319  1.00 30.82 ? 111  ASN A N   1 
ATOM   793  C  CA  . ASN A 1 108 ? 5.138   -30.166 -3.104  1.00 33.19 ? 111  ASN A CA  1 
ATOM   794  C  C   . ASN A 1 108 ? 3.705   -29.789 -3.428  1.00 34.17 ? 111  ASN A C   1 
ATOM   795  O  O   . ASN A 1 108 ? 2.753   -30.408 -2.900  1.00 34.04 ? 111  ASN A O   1 
ATOM   796  C  CB  . ASN A 1 108 ? 5.725   -29.125 -2.120  1.00 34.43 ? 111  ASN A CB  1 
ATOM   797  C  CG  . ASN A 1 108 ? 6.943   -29.649 -1.352  1.00 37.24 ? 111  ASN A CG  1 
ATOM   798  O  OD1 . ASN A 1 108 ? 7.203   -30.850 -1.291  1.00 42.45 ? 111  ASN A OD1 1 
ATOM   799  N  ND2 . ASN A 1 108 ? 7.638   -28.742 -0.701  1.00 38.53 ? 111  ASN A ND2 1 
ATOM   800  N  N   . LEU A 1 109 ? 3.520   -28.817 -4.320  1.00 29.95 ? 112  LEU A N   1 
ATOM   801  C  CA  . LEU A 1 109 ? 2.133   -28.373 -4.651  1.00 31.38 ? 112  LEU A CA  1 
ATOM   802  C  C   . LEU A 1 109 ? 1.399   -29.338 -5.590  1.00 29.53 ? 112  LEU A C   1 
ATOM   803  O  O   . LEU A 1 109 ? 0.263   -29.101 -5.986  1.00 26.95 ? 112  LEU A O   1 
ATOM   804  C  CB  . LEU A 1 109 ? 2.152   -26.967 -5.289  1.00 33.40 ? 112  LEU A CB  1 
ATOM   805  C  CG  . LEU A 1 109 ? 2.823   -25.866 -4.431  1.00 35.87 ? 112  LEU A CG  1 
ATOM   806  C  CD1 . LEU A 1 109 ? 2.752   -24.493 -5.108  1.00 32.98 ? 112  LEU A CD1 1 
ATOM   807  C  CD2 . LEU A 1 109 ? 2.210   -25.820 -3.047  1.00 34.33 ? 112  LEU A CD2 1 
ATOM   808  N  N   . GLY A 1 110 ? 2.063   -30.398 -6.010  1.00 29.13 ? 113  GLY A N   1 
ATOM   809  C  CA  . GLY A 1 110 ? 1.430   -31.393 -6.822  1.00 29.74 ? 113  GLY A CA  1 
ATOM   810  C  C   . GLY A 1 110 ? 1.338   -30.909 -8.237  1.00 33.79 ? 113  GLY A C   1 
ATOM   811  O  O   . GLY A 1 110 ? 0.517   -31.413 -8.968  1.00 32.57 ? 113  GLY A O   1 
ATOM   812  N  N   . GLU A 1 111 ? 2.172   -29.935 -8.643  1.00 36.63 ? 114  GLU A N   1 
ATOM   813  C  CA  . GLU A 1 111 ? 2.228   -29.491 -10.063 1.00 36.68 ? 114  GLU A CA  1 
ATOM   814  C  C   . GLU A 1 111 ? 3.156   -30.438 -10.841 1.00 35.69 ? 114  GLU A C   1 
ATOM   815  O  O   . GLU A 1 111 ? 3.785   -31.343 -10.244 1.00 40.48 ? 114  GLU A O   1 
ATOM   816  C  CB  . GLU A 1 111 ? 2.655   -27.997 -10.196 1.00 37.28 ? 114  GLU A CB  1 
ATOM   817  C  CG  . GLU A 1 111 ? 1.782   -26.940 -9.454  1.00 34.05 ? 114  GLU A CG  1 
ATOM   818  C  CD  . GLU A 1 111 ? 0.496   -26.523 -10.174 1.00 37.43 ? 114  GLU A CD  1 
ATOM   819  O  OE1 . GLU A 1 111 ? 0.286   -26.981 -11.300 1.00 36.17 ? 114  GLU A OE1 1 
ATOM   820  O  OE2 . GLU A 1 111 ? -0.343  -25.753 -9.619  1.00 34.33 ? 114  GLU A OE2 1 
ATOM   821  N  N   . LYS A 1 112 ? 3.182   -30.308 -12.163 1.00 35.24 ? 115  LYS A N   1 
ATOM   822  C  CA  . LYS A 1 112 ? 3.946   -31.209 -13.022 1.00 39.14 ? 115  LYS A CA  1 
ATOM   823  C  C   . LYS A 1 112 ? 4.642   -30.390 -14.093 1.00 42.42 ? 115  LYS A C   1 
ATOM   824  O  O   . LYS A 1 112 ? 4.084   -30.093 -15.150 1.00 37.87 ? 115  LYS A O   1 
ATOM   825  C  CB  . LYS A 1 112 ? 3.057   -32.282 -13.663 1.00 38.83 ? 115  LYS A CB  1 
ATOM   826  N  N   . LEU A 1 113 ? 5.877   -30.017 -13.788 1.00 43.63 ? 116  LEU A N   1 
ATOM   827  C  CA  . LEU A 1 113 ? 6.766   -29.479 -14.784 1.00 45.55 ? 116  LEU A CA  1 
ATOM   828  C  C   . LEU A 1 113 ? 8.053   -30.302 -14.942 1.00 43.17 ? 116  LEU A C   1 
ATOM   829  O  O   . LEU A 1 113 ? 8.654   -30.787 -13.967 1.00 40.88 ? 116  LEU A O   1 
ATOM   830  C  CB  . LEU A 1 113 ? 7.116   -28.016 -14.469 1.00 44.59 ? 116  LEU A CB  1 
ATOM   831  C  CG  . LEU A 1 113 ? 5.965   -27.001 -14.396 1.00 44.70 ? 116  LEU A CG  1 
ATOM   832  C  CD1 . LEU A 1 113 ? 6.564   -25.693 -13.936 1.00 48.15 ? 116  LEU A CD1 1 
ATOM   833  C  CD2 . LEU A 1 113 ? 5.232   -26.813 -15.719 1.00 44.30 ? 116  LEU A CD2 1 
ATOM   834  N  N   . THR A 1 114 ? 8.503   -30.364 -16.189 1.00 40.84 ? 117  THR A N   1 
ATOM   835  C  CA  . THR A 1 114 ? 9.837   -30.856 -16.486 1.00 41.92 ? 117  THR A CA  1 
ATOM   836  C  C   . THR A 1 114 ? 10.853  -29.830 -16.026 1.00 40.25 ? 117  THR A C   1 
ATOM   837  O  O   . THR A 1 114 ? 10.494  -28.687 -15.742 1.00 40.02 ? 117  THR A O   1 
ATOM   838  C  CB  . THR A 1 114 ? 10.026  -31.035 -17.990 1.00 38.48 ? 117  THR A CB  1 
ATOM   839  O  OG1 . THR A 1 114 ? 10.053  -29.735 -18.591 1.00 39.65 ? 117  THR A OG1 1 
ATOM   840  C  CG2 . THR A 1 114 ? 8.916   -31.913 -18.585 1.00 33.95 ? 117  THR A CG2 1 
ATOM   841  N  N   . ASP A 1 115 ? 12.113  -30.220 -16.003 1.00 39.81 ? 118  ASP A N   1 
ATOM   842  C  CA  . ASP A 1 115 ? 13.183  -29.304 -15.590 1.00 47.84 ? 118  ASP A CA  1 
ATOM   843  C  C   . ASP A 1 115 ? 13.391  -28.084 -16.513 1.00 48.45 ? 118  ASP A C   1 
ATOM   844  O  O   . ASP A 1 115 ? 13.754  -27.000 -16.037 1.00 45.46 ? 118  ASP A O   1 
ATOM   845  C  CB  . ASP A 1 115 ? 14.518  -30.057 -15.495 1.00 50.65 ? 118  ASP A CB  1 
ATOM   846  C  CG  . ASP A 1 115 ? 14.516  -31.141 -14.431 1.00 52.38 ? 118  ASP A CG  1 
ATOM   847  O  OD1 . ASP A 1 115 ? 13.733  -31.089 -13.468 1.00 53.80 ? 118  ASP A OD1 1 
ATOM   848  O  OD2 . ASP A 1 115 ? 15.338  -32.046 -14.554 1.00 57.51 ? 118  ASP A OD2 1 
ATOM   849  N  N   . GLU A 1 116 ? 13.234  -28.308 -17.821 1.00 47.69 ? 119  GLU A N   1 
ATOM   850  C  CA  . GLU A 1 116 ? 13.331  -27.260 -18.828 1.00 45.91 ? 119  GLU A CA  1 
ATOM   851  C  C   . GLU A 1 116 ? 12.191  -26.294 -18.636 1.00 38.00 ? 119  GLU A C   1 
ATOM   852  O  O   . GLU A 1 116 ? 12.415  -25.117 -18.737 1.00 38.76 ? 119  GLU A O   1 
ATOM   853  C  CB  . GLU A 1 116 ? 13.392  -27.840 -20.284 1.00 52.86 ? 119  GLU A CB  1 
ATOM   854  C  CG  . GLU A 1 116 ? 13.034  -26.934 -21.495 1.00 57.65 ? 119  GLU A CG  1 
ATOM   855  C  CD  . GLU A 1 116 ? 13.920  -25.687 -21.723 1.00 67.19 ? 119  GLU A CD  1 
ATOM   856  O  OE1 . GLU A 1 116 ? 14.985  -25.582 -21.102 1.00 65.58 ? 119  GLU A OE1 1 
ATOM   857  O  OE2 . GLU A 1 116 ? 13.548  -24.780 -22.537 1.00 74.33 ? 119  GLU A OE2 1 
ATOM   858  N  N   . GLU A 1 117 ? 10.980  -26.781 -18.338 1.00 34.92 ? 120  GLU A N   1 
ATOM   859  C  CA  . GLU A 1 117 ? 9.865   -25.888 -17.989 1.00 32.06 ? 120  GLU A CA  1 
ATOM   860  C  C   . GLU A 1 117 ? 10.070  -25.098 -16.678 1.00 31.44 ? 120  GLU A C   1 
ATOM   861  O  O   . GLU A 1 117 ? 9.644   -23.967 -16.570 1.00 32.37 ? 120  GLU A O   1 
ATOM   862  C  CB  . GLU A 1 117 ? 8.546   -26.623 -17.916 1.00 32.35 ? 120  GLU A CB  1 
ATOM   863  C  CG  . GLU A 1 117 ? 8.079   -27.119 -19.288 1.00 36.59 ? 120  GLU A CG  1 
ATOM   864  C  CD  . GLU A 1 117 ? 7.119   -28.306 -19.230 1.00 39.35 ? 120  GLU A CD  1 
ATOM   865  O  OE1 . GLU A 1 117 ? 6.838   -28.872 -18.145 1.00 39.94 ? 120  GLU A OE1 1 
ATOM   866  O  OE2 . GLU A 1 117 ? 6.648   -28.714 -20.300 1.00 47.18 ? 120  GLU A OE2 1 
ATOM   867  N  N   . VAL A 1 118 ? 10.697  -25.699 -15.686 1.00 30.77 ? 121  VAL A N   1 
ATOM   868  C  CA  . VAL A 1 118 ? 11.103  -24.976 -14.490 1.00 34.02 ? 121  VAL A CA  1 
ATOM   869  C  C   . VAL A 1 118 ? 12.042  -23.842 -14.892 1.00 34.18 ? 121  VAL A C   1 
ATOM   870  O  O   . VAL A 1 118 ? 11.871  -22.712 -14.442 1.00 34.71 ? 121  VAL A O   1 
ATOM   871  C  CB  . VAL A 1 118 ? 11.725  -25.927 -13.426 1.00 33.15 ? 121  VAL A CB  1 
ATOM   872  C  CG1 . VAL A 1 118 ? 12.352  -25.150 -12.274 1.00 36.18 ? 121  VAL A CG1 1 
ATOM   873  C  CG2 . VAL A 1 118 ? 10.659  -26.869 -12.922 1.00 34.69 ? 121  VAL A CG2 1 
ATOM   874  N  N   . ASP A 1 119 ? 13.007  -24.134 -15.760 1.00 36.46 ? 122  ASP A N   1 
ATOM   875  C  CA  . ASP A 1 119 ? 13.922  -23.086 -16.254 1.00 39.27 ? 122  ASP A CA  1 
ATOM   876  C  C   . ASP A 1 119 ? 13.237  -21.974 -17.034 1.00 33.70 ? 122  ASP A C   1 
ATOM   877  O  O   . ASP A 1 119 ? 13.607  -20.810 -16.907 1.00 36.77 ? 122  ASP A O   1 
ATOM   878  C  CB  . ASP A 1 119 ? 15.035  -23.672 -17.162 1.00 44.78 ? 122  ASP A CB  1 
ATOM   879  C  CG  . ASP A 1 119 ? 16.036  -24.514 -16.416 1.00 43.92 ? 122  ASP A CG  1 
ATOM   880  O  OD1 . ASP A 1 119 ? 16.107  -24.463 -15.180 1.00 47.38 ? 122  ASP A OD1 1 
ATOM   881  O  OD2 . ASP A 1 119 ? 16.785  -25.220 -17.095 1.00 53.18 ? 122  ASP A OD2 1 
ATOM   882  N  N   . GLU A 1 120 ? 12.263  -22.322 -17.856 1.00 30.44 ? 123  GLU A N   1 
ATOM   883  C  CA  . GLU A 1 120 ? 11.456  -21.302 -18.591 1.00 30.99 ? 123  GLU A CA  1 
ATOM   884  C  C   . GLU A 1 120 ? 10.788  -20.312 -17.654 1.00 28.72 ? 123  GLU A C   1 
ATOM   885  O  O   . GLU A 1 120 ? 10.749  -19.114 -17.903 1.00 31.35 ? 123  GLU A O   1 
ATOM   886  C  CB  . GLU A 1 120 ? 10.424  -21.971 -19.533 1.00 31.34 ? 123  GLU A CB  1 
ATOM   887  C  CG  . GLU A 1 120 ? 11.115  -22.688 -20.679 1.00 34.57 ? 123  GLU A CG  1 
ATOM   888  C  CD  . GLU A 1 120 ? 10.294  -23.781 -21.335 1.00 39.13 ? 123  GLU A CD  1 
ATOM   889  O  OE1 . GLU A 1 120 ? 9.149   -24.026 -20.910 1.00 39.32 ? 123  GLU A OE1 1 
ATOM   890  O  OE2 . GLU A 1 120 ? 10.841  -24.419 -22.260 1.00 40.04 ? 123  GLU A OE2 1 
ATOM   891  N  N   . MET A 1 121 ? 10.357  -20.827 -16.533 1.00 28.43 ? 124  MET A N   1 
ATOM   892  C  CA  . MET A 1 121 ? 9.583   -20.115 -15.516 1.00 27.49 ? 124  MET A CA  1 
ATOM   893  C  C   . MET A 1 121 ? 10.461  -19.179 -14.773 1.00 27.16 ? 124  MET A C   1 
ATOM   894  O  O   . MET A 1 121 ? 10.114  -17.992 -14.510 1.00 23.22 ? 124  MET A O   1 
ATOM   895  C  CB  . MET A 1 121 ? 8.973   -21.177 -14.611 1.00 28.19 ? 124  MET A CB  1 
ATOM   896  C  CG  . MET A 1 121 ? 7.790   -20.709 -13.823 1.00 33.59 ? 124  MET A CG  1 
ATOM   897  S  SD  . MET A 1 121 ? 6.841   -22.005 -12.979 1.00 33.42 ? 124  MET A SD  1 
ATOM   898  C  CE  . MET A 1 121 ? 6.083   -20.872 -11.835 1.00 33.54 ? 124  MET A CE  1 
ATOM   899  N  N   . ILE A 1 122 ? 11.663  -19.667 -14.457 1.00 27.79 ? 125  ILE A N   1 
ATOM   900  C  CA  . ILE A 1 122 ? 12.689  -18.759 -13.909 1.00 28.32 ? 125  ILE A CA  1 
ATOM   901  C  C   . ILE A 1 122 ? 13.085  -17.641 -14.868 1.00 26.25 ? 125  ILE A C   1 
ATOM   902  O  O   . ILE A 1 122 ? 13.099  -16.483 -14.460 1.00 30.82 ? 125  ILE A O   1 
ATOM   903  C  CB  . ILE A 1 122 ? 13.965  -19.486 -13.435 1.00 30.69 ? 125  ILE A CB  1 
ATOM   904  C  CG1 . ILE A 1 122 ? 13.663  -20.446 -12.281 1.00 30.13 ? 125  ILE A CG1 1 
ATOM   905  C  CG2 . ILE A 1 122 ? 15.041  -18.479 -13.012 1.00 31.49 ? 125  ILE A CG2 1 
ATOM   906  C  CD1 . ILE A 1 122 ? 13.361  -19.821 -10.929 1.00 32.68 ? 125  ILE A CD1 1 
ATOM   907  N  N   . ARG A 1 123 ? 13.469  -17.991 -16.091 1.00 29.83 ? 126  ARG A N   1 
ATOM   908  C  CA  . ARG A 1 123 ? 13.880  -16.996 -17.158 1.00 31.58 ? 126  ARG A CA  1 
ATOM   909  C  C   . ARG A 1 123 ? 12.826  -15.908 -17.413 1.00 33.17 ? 126  ARG A C   1 
ATOM   910  O  O   . ARG A 1 123 ? 13.147  -14.742 -17.510 1.00 30.17 ? 126  ARG A O   1 
ATOM   911  C  CB  . ARG A 1 123 ? 14.113  -17.716 -18.494 1.00 34.86 ? 126  ARG A CB  1 
ATOM   912  C  CG  . ARG A 1 123 ? 15.529  -18.177 -18.883 1.00 33.99 ? 126  ARG A CG  1 
ATOM   913  C  CD  . ARG A 1 123 ? 15.585  -18.804 -20.318 1.00 32.96 ? 126  ARG A CD  1 
ATOM   914  N  NE  . ARG A 1 123 ? 15.833  -20.244 -20.174 1.00 41.94 ? 126  ARG A NE  1 
ATOM   915  C  CZ  . ARG A 1 123 ? 15.157  -21.249 -20.716 1.00 45.12 ? 126  ARG A CZ  1 
ATOM   916  N  NH1 . ARG A 1 123 ? 14.194  -21.054 -21.588 1.00 47.67 ? 126  ARG A NH1 1 
ATOM   917  N  NH2 . ARG A 1 123 ? 15.487  -22.493 -20.387 1.00 55.97 ? 126  ARG A NH2 1 
ATOM   918  N  N   . GLU A 1 124 ? 11.570  -16.337 -17.558 1.00 31.86 ? 127  GLU A N   1 
ATOM   919  C  CA  . GLU A 1 124 ? 10.397  -15.482 -17.650 1.00 32.01 ? 127  GLU A CA  1 
ATOM   920  C  C   . GLU A 1 124 ? 10.456  -14.277 -16.726 1.00 30.80 ? 127  GLU A C   1 
ATOM   921  O  O   . GLU A 1 124 ? 10.081  -13.125 -17.101 1.00 23.96 ? 127  GLU A O   1 
ATOM   922  C  CB  . GLU A 1 124 ? 9.182   -16.279 -17.131 1.00 34.73 ? 127  GLU A CB  1 
ATOM   923  C  CG  . GLU A 1 124 ? 8.027   -16.240 -18.021 1.00 41.02 ? 127  GLU A CG  1 
ATOM   924  C  CD  . GLU A 1 124 ? 6.749   -16.766 -17.381 1.00 40.27 ? 127  GLU A CD  1 
ATOM   925  O  OE1 . GLU A 1 124 ? 6.725   -17.605 -16.451 1.00 37.97 ? 127  GLU A OE1 1 
ATOM   926  O  OE2 . GLU A 1 124 ? 5.739   -16.249 -17.831 1.00 50.38 ? 127  GLU A OE2 1 
ATOM   927  N  N   . ALA A 1 125 ? 10.770  -14.580 -15.467 1.00 27.51 ? 128  ALA A N   1 
ATOM   928  C  CA  . ALA A 1 125 ? 10.686  -13.564 -14.432 1.00 31.20 ? 128  ALA A CA  1 
ATOM   929  C  C   . ALA A 1 125 ? 12.040  -12.893 -14.176 1.00 33.88 ? 128  ALA A C   1 
ATOM   930  O  O   . ALA A 1 125 ? 12.074  -11.850 -13.505 1.00 35.36 ? 128  ALA A O   1 
ATOM   931  C  CB  . ALA A 1 125 ? 10.120  -14.148 -13.142 1.00 29.64 ? 128  ALA A CB  1 
ATOM   932  N  N   . ASP A 1 126 ? 13.123  -13.458 -14.716 1.00 33.22 ? 129  ASP A N   1 
ATOM   933  C  CA  . ASP A 1 126 ? 14.457  -13.068 -14.302 1.00 38.40 ? 129  ASP A CA  1 
ATOM   934  C  C   . ASP A 1 126 ? 14.905  -11.874 -15.115 1.00 39.21 ? 129  ASP A C   1 
ATOM   935  O  O   . ASP A 1 126 ? 15.677  -12.023 -16.014 1.00 39.74 ? 129  ASP A O   1 
ATOM   936  C  CB  . ASP A 1 126 ? 15.446  -14.237 -14.442 1.00 38.44 ? 129  ASP A CB  1 
ATOM   937  C  CG  . ASP A 1 126 ? 16.874  -13.846 -14.040 1.00 40.30 ? 129  ASP A CG  1 
ATOM   938  O  OD1 . ASP A 1 126 ? 17.033  -12.848 -13.295 1.00 40.02 ? 129  ASP A OD1 1 
ATOM   939  O  OD2 . ASP A 1 126 ? 17.822  -14.558 -14.408 1.00 42.27 ? 129  ASP A OD2 1 
ATOM   940  N  N   . ILE A 1 127 ? 14.399  -10.701 -14.762 1.00 41.23 ? 130  ILE A N   1 
ATOM   941  C  CA  . ILE A 1 127 ? 14.690  -9.446  -15.450 1.00 46.87 ? 130  ILE A CA  1 
ATOM   942  C  C   . ILE A 1 127 ? 16.172  -9.068  -15.464 1.00 47.27 ? 130  ILE A C   1 
ATOM   943  O  O   . ILE A 1 127 ? 16.627  -8.497  -16.433 1.00 58.05 ? 130  ILE A O   1 
ATOM   944  C  CB  . ILE A 1 127 ? 13.864  -8.271  -14.872 1.00 44.18 ? 130  ILE A CB  1 
ATOM   945  C  CG1 . ILE A 1 127 ? 12.376  -8.449  -15.205 1.00 42.23 ? 130  ILE A CG1 1 
ATOM   946  C  CG2 . ILE A 1 127 ? 14.344  -6.921  -15.430 1.00 46.85 ? 130  ILE A CG2 1 
ATOM   947  C  CD1 . ILE A 1 127 ? 11.440  -7.543  -14.399 1.00 39.50 ? 130  ILE A CD1 1 
ATOM   948  N  N   . ASP A 1 128 ? 16.914  -9.360  -14.414 1.00 49.34 ? 131  ASP A N   1 
ATOM   949  C  CA  . ASP A 1 128 ? 18.310  -8.932  -14.348 1.00 49.85 ? 131  ASP A CA  1 
ATOM   950  C  C   . ASP A 1 128 ? 19.290  -10.007 -14.775 1.00 53.19 ? 131  ASP A C   1 
ATOM   951  O  O   . ASP A 1 128 ? 20.476  -9.788  -14.742 1.00 61.83 ? 131  ASP A O   1 
ATOM   952  C  CB  . ASP A 1 128 ? 18.679  -8.359  -12.968 1.00 47.91 ? 131  ASP A CB  1 
ATOM   953  C  CG  . ASP A 1 128 ? 18.623  -9.377  -11.844 1.00 51.28 ? 131  ASP A CG  1 
ATOM   954  O  OD1 . ASP A 1 128 ? 18.814  -10.598 -12.046 1.00 51.33 ? 131  ASP A OD1 1 
ATOM   955  O  OD2 . ASP A 1 128 ? 18.389  -8.934  -10.709 1.00 53.28 ? 131  ASP A OD2 1 
ATOM   956  N  N   . GLY A 1 129 ? 18.820  -11.179 -15.146 1.00 48.94 ? 132  GLY A N   1 
ATOM   957  C  CA  . GLY A 1 129 ? 19.708  -12.177 -15.657 1.00 46.41 ? 132  GLY A CA  1 
ATOM   958  C  C   . GLY A 1 129 ? 20.590  -12.903 -14.671 1.00 46.48 ? 132  GLY A C   1 
ATOM   959  O  O   . GLY A 1 129 ? 21.387  -13.717 -15.097 1.00 43.05 ? 132  GLY A O   1 
ATOM   960  N  N   . ASP A 1 130 ? 20.429  -12.704 -13.358 1.00 47.03 ? 133  ASP A N   1 
ATOM   961  C  CA  . ASP A 1 130 ? 21.271  -13.458 -12.391 1.00 46.99 ? 133  ASP A CA  1 
ATOM   962  C  C   . ASP A 1 130 ? 20.918  -14.944 -12.227 1.00 41.47 ? 133  ASP A C   1 
ATOM   963  O  O   . ASP A 1 130 ? 21.500  -15.614 -11.380 1.00 44.70 ? 133  ASP A O   1 
ATOM   964  C  CB  . ASP A 1 130 ? 21.336  -12.765 -11.010 1.00 51.59 ? 133  ASP A CB  1 
ATOM   965  C  CG  . ASP A 1 130 ? 20.024  -12.858 -10.193 1.00 55.06 ? 133  ASP A CG  1 
ATOM   966  O  OD1 . ASP A 1 130 ? 18.964  -13.319 -10.700 1.00 50.16 ? 133  ASP A OD1 1 
ATOM   967  O  OD2 . ASP A 1 130 ? 20.045  -12.402 -9.024  1.00 49.73 ? 133  ASP A OD2 1 
ATOM   968  N  N   . GLY A 1 131 ? 19.959  -15.462 -13.000 1.00 40.42 ? 134  GLY A N   1 
ATOM   969  C  CA  . GLY A 1 131 ? 19.481  -16.840 -12.842 1.00 39.51 ? 134  GLY A CA  1 
ATOM   970  C  C   . GLY A 1 131 ? 18.614  -17.086 -11.606 1.00 40.17 ? 134  GLY A C   1 
ATOM   971  O  O   . GLY A 1 131 ? 18.333  -18.227 -11.282 1.00 42.12 ? 134  GLY A O   1 
ATOM   972  N  N   . GLN A 1 132 ? 18.178  -16.046 -10.905 1.00 38.66 ? 135  GLN A N   1 
ATOM   973  C  CA  . GLN A 1 132 ? 17.200  -16.210 -9.822  1.00 41.17 ? 135  GLN A CA  1 
ATOM   974  C  C   . GLN A 1 132 ? 16.124  -15.151 -9.899  1.00 40.25 ? 135  GLN A C   1 
ATOM   975  O  O   . GLN A 1 132 ? 16.227  -14.159 -10.635 1.00 36.49 ? 135  GLN A O   1 
ATOM   976  C  CB  . GLN A 1 132 ? 17.891  -16.094 -8.494  1.00 45.32 ? 135  GLN A CB  1 
ATOM   977  C  CG  . GLN A 1 132 ? 18.719  -17.301 -8.114  1.00 46.97 ? 135  GLN A CG  1 
ATOM   978  C  CD  . GLN A 1 132 ? 19.389  -17.040 -6.800  1.00 57.90 ? 135  GLN A CD  1 
ATOM   979  O  OE1 . GLN A 1 132 ? 19.980  -15.966 -6.590  1.00 59.29 ? 135  GLN A OE1 1 
ATOM   980  N  NE2 . GLN A 1 132 ? 19.245  -17.971 -5.878  1.00 65.69 ? 135  GLN A NE2 1 
ATOM   981  N  N   . VAL A 1 133 ? 15.076  -15.365 -9.109  1.00 37.75 ? 136  VAL A N   1 
ATOM   982  C  CA  . VAL A 1 133 ? 13.966  -14.417 -9.044  1.00 32.92 ? 136  VAL A CA  1 
ATOM   983  C  C   . VAL A 1 133 ? 13.944  -13.811 -7.652  1.00 32.07 ? 136  VAL A C   1 
ATOM   984  O  O   . VAL A 1 133 ? 13.640  -14.500 -6.665  1.00 35.03 ? 136  VAL A O   1 
ATOM   985  C  CB  . VAL A 1 133 ? 12.599  -15.079 -9.403  1.00 27.90 ? 136  VAL A CB  1 
ATOM   986  C  CG1 . VAL A 1 133 ? 11.540  -14.048 -9.529  1.00 28.16 ? 136  VAL A CG1 1 
ATOM   987  C  CG2 . VAL A 1 133 ? 12.707  -15.825 -10.703 1.00 29.74 ? 136  VAL A CG2 1 
ATOM   988  N  N   . ASN A 1 134 ? 14.294  -12.537 -7.595  1.00 36.71 ? 137  ASN A N   1 
ATOM   989  C  CA  . ASN A 1 134 ? 14.104  -11.701 -6.403  1.00 38.56 ? 137  ASN A CA  1 
ATOM   990  C  C   . ASN A 1 134 ? 12.689  -11.110 -6.336  1.00 37.78 ? 137  ASN A C   1 
ATOM   991  O  O   . ASN A 1 134 ? 11.814  -11.425 -7.205  1.00 34.60 ? 137  ASN A O   1 
ATOM   992  C  CB  . ASN A 1 134 ? 15.174  -10.606 -6.361  1.00 39.92 ? 137  ASN A CB  1 
ATOM   993  C  CG  . ASN A 1 134 ? 14.919  -9.460  -7.336  1.00 40.57 ? 137  ASN A CG  1 
ATOM   994  O  OD1 . ASN A 1 134 ? 13.847  -9.275  -7.884  1.00 44.47 ? 137  ASN A OD1 1 
ATOM   995  N  ND2 . ASN A 1 134 ? 15.944  -8.697  -7.564  1.00 42.53 ? 137  ASN A ND2 1 
ATOM   996  N  N   . TYR A 1 135 ? 12.471  -10.268 -5.315  1.00 32.73 ? 138  TYR A N   1 
ATOM   997  C  CA  . TYR A 1 135 ? 11.149  -9.877  -4.903  1.00 36.37 ? 138  TYR A CA  1 
ATOM   998  C  C   . TYR A 1 135 ? 10.433  -8.992  -5.899  1.00 35.15 ? 138  TYR A C   1 
ATOM   999  O  O   . TYR A 1 135 ? 9.227   -9.199  -6.165  1.00 35.66 ? 138  TYR A O   1 
ATOM   1000 C  CB  . TYR A 1 135 ? 11.152  -9.191  -3.510  1.00 37.06 ? 138  TYR A CB  1 
ATOM   1001 C  CG  . TYR A 1 135 ? 9.766   -8.737  -3.101  1.00 34.83 ? 138  TYR A CG  1 
ATOM   1002 C  CD1 . TYR A 1 135 ? 8.769   -9.673  -2.884  1.00 33.52 ? 138  TYR A CD1 1 
ATOM   1003 C  CD2 . TYR A 1 135 ? 9.434   -7.377  -2.970  1.00 39.47 ? 138  TYR A CD2 1 
ATOM   1004 C  CE1 . TYR A 1 135 ? 7.492   -9.301  -2.526  1.00 34.91 ? 138  TYR A CE1 1 
ATOM   1005 C  CE2 . TYR A 1 135 ? 8.134   -6.990  -2.600  1.00 37.52 ? 138  TYR A CE2 1 
ATOM   1006 C  CZ  . TYR A 1 135 ? 7.179   -7.977  -2.353  1.00 36.59 ? 138  TYR A CZ  1 
ATOM   1007 O  OH  . TYR A 1 135 ? 5.864   -7.683  -2.016  1.00 43.40 ? 138  TYR A OH  1 
ATOM   1008 N  N   . GLU A 1 136 ? 11.159  -8.008  -6.418  1.00 37.23 ? 139  GLU A N   1 
ATOM   1009 C  CA  . GLU A 1 136 ? 10.614  -7.055  -7.407  1.00 38.09 ? 139  GLU A CA  1 
ATOM   1010 C  C   . GLU A 1 136 ? 10.298  -7.789  -8.698  1.00 44.64 ? 139  GLU A C   1 
ATOM   1011 O  O   . GLU A 1 136 ? 9.262   -7.572  -9.315  1.00 45.51 ? 139  GLU A O   1 
ATOM   1012 C  CB  . GLU A 1 136 ? 11.634  -5.961  -7.699  1.00 40.91 ? 139  GLU A CB  1 
ATOM   1013 N  N   . GLU A 1 137 ? 11.189  -8.696  -9.099  1.00 47.11 ? 140  GLU A N   1 
ATOM   1014 C  CA  . GLU A 1 137 ? 10.925  -9.500  -10.274 1.00 39.11 ? 140  GLU A CA  1 
ATOM   1015 C  C   . GLU A 1 137 ? 9.633   -10.279 -10.040 1.00 38.62 ? 140  GLU A C   1 
ATOM   1016 O  O   . GLU A 1 137 ? 8.735   -10.314 -10.889 1.00 35.55 ? 140  GLU A O   1 
ATOM   1017 C  CB  . GLU A 1 137 ? 12.100  -10.449 -10.533 1.00 41.22 ? 140  GLU A CB  1 
ATOM   1018 C  CG  . GLU A 1 137 ? 13.344  -9.764  -11.078 1.00 39.99 ? 140  GLU A CG  1 
ATOM   1019 C  CD  . GLU A 1 137 ? 14.595  -10.634 -11.099 1.00 39.81 ? 140  GLU A CD  1 
ATOM   1020 O  OE1 . GLU A 1 137 ? 14.740  -11.632 -10.351 1.00 39.89 ? 140  GLU A OE1 1 
ATOM   1021 O  OE2 . GLU A 1 137 ? 15.504  -10.307 -11.873 1.00 43.42 ? 140  GLU A OE2 1 
ATOM   1022 N  N   . PHE A 1 138 ? 9.518   -10.891 -8.861  1.00 37.22 ? 141  PHE A N   1 
ATOM   1023 C  CA  . PHE A 1 138 ? 8.304   -11.641 -8.539  1.00 33.61 ? 141  PHE A CA  1 
ATOM   1024 C  C   . PHE A 1 138 ? 7.013   -10.796 -8.614  1.00 34.17 ? 141  PHE A C   1 
ATOM   1025 O  O   . PHE A 1 138 ? 5.959   -11.262 -9.066  1.00 36.36 ? 141  PHE A O   1 
ATOM   1026 C  CB  . PHE A 1 138 ? 8.481   -12.326 -7.187  1.00 29.30 ? 141  PHE A CB  1 
ATOM   1027 C  CG  . PHE A 1 138 ? 7.295   -13.117 -6.744  1.00 27.08 ? 141  PHE A CG  1 
ATOM   1028 C  CD1 . PHE A 1 138 ? 7.057   -14.395 -7.241  1.00 28.05 ? 141  PHE A CD1 1 
ATOM   1029 C  CD2 . PHE A 1 138 ? 6.436   -12.608 -5.828  1.00 26.46 ? 141  PHE A CD2 1 
ATOM   1030 C  CE1 . PHE A 1 138 ? 5.969   -15.149 -6.810  1.00 32.63 ? 141  PHE A CE1 1 
ATOM   1031 C  CE2 . PHE A 1 138 ? 5.377   -13.348 -5.339  1.00 27.63 ? 141  PHE A CE2 1 
ATOM   1032 C  CZ  . PHE A 1 138 ? 5.103   -14.622 -5.841  1.00 28.93 ? 141  PHE A CZ  1 
ATOM   1033 N  N   . VAL A 1 139 ? 7.098   -9.558  -8.168  1.00 37.80 ? 142  VAL A N   1 
ATOM   1034 C  CA  . VAL A 1 139 ? 5.951   -8.655  -8.101  1.00 38.50 ? 142  VAL A CA  1 
ATOM   1035 C  C   . VAL A 1 139 ? 5.338   -8.448  -9.485  1.00 42.65 ? 142  VAL A C   1 
ATOM   1036 O  O   . VAL A 1 139 ? 4.107   -8.467  -9.653  1.00 38.49 ? 142  VAL A O   1 
ATOM   1037 C  CB  . VAL A 1 139 ? 6.379   -7.317  -7.442  1.00 40.40 ? 142  VAL A CB  1 
ATOM   1038 C  CG1 . VAL A 1 139 ? 5.314   -6.246  -7.612  1.00 41.68 ? 142  VAL A CG1 1 
ATOM   1039 C  CG2 . VAL A 1 139 ? 6.696   -7.538  -5.966  1.00 41.31 ? 142  VAL A CG2 1 
ATOM   1040 N  N   . GLN A 1 140 ? 6.210   -8.338  -10.483 1.00 42.31 ? 143  GLN A N   1 
ATOM   1041 C  CA  . GLN A 1 140 ? 5.791   -8.169  -11.866 1.00 38.83 ? 143  GLN A CA  1 
ATOM   1042 C  C   . GLN A 1 140 ? 5.047   -9.393  -12.322 1.00 39.88 ? 143  GLN A C   1 
ATOM   1043 O  O   . GLN A 1 140 ? 4.034   -9.306  -13.057 1.00 35.37 ? 143  GLN A O   1 
ATOM   1044 C  CB  . GLN A 1 140 ? 7.037   -7.927  -12.719 1.00 45.28 ? 143  GLN A CB  1 
ATOM   1045 C  CG  . GLN A 1 140 ? 7.919   -6.753  -12.240 1.00 44.33 ? 143  GLN A CG  1 
ATOM   1046 C  CD  . GLN A 1 140 ? 7.104   -5.500  -12.005 1.00 55.09 ? 143  GLN A CD  1 
ATOM   1047 O  OE1 . GLN A 1 140 ? 7.053   -4.928  -10.885 1.00 59.97 ? 143  GLN A OE1 1 
ATOM   1048 N  NE2 . GLN A 1 140 ? 6.385   -5.098  -13.048 1.00 54.96 ? 143  GLN A NE2 1 
ATOM   1049 N  N   . MET A 1 141 ? 5.478   -10.563 -11.859 1.00 39.81 ? 144  MET A N   1 
ATOM   1050 C  CA  . MET A 1 141 ? 4.716   -11.779 -12.191 1.00 38.35 ? 144  MET A CA  1 
ATOM   1051 C  C   . MET A 1 141 ? 3.319   -11.772 -11.556 1.00 39.59 ? 144  MET A C   1 
ATOM   1052 O  O   . MET A 1 141 ? 2.326   -12.176 -12.199 1.00 32.24 ? 144  MET A O   1 
ATOM   1053 C  CB  . MET A 1 141 ? 5.444   -13.052 -11.816 1.00 36.23 ? 144  MET A CB  1 
ATOM   1054 C  CG  . MET A 1 141 ? 6.750   -13.323 -12.541 1.00 39.07 ? 144  MET A CG  1 
ATOM   1055 S  SD  . MET A 1 141 ? 6.814   -12.847 -14.281 1.00 42.51 ? 144  MET A SD  1 
ATOM   1056 C  CE  . MET A 1 141 ? 6.097   -14.298 -15.033 1.00 41.70 ? 144  MET A CE  1 
ATOM   1057 N  N   . MET A 1 142 ? 3.236   -11.316 -10.318 1.00 41.20 ? 145  MET A N   1 
ATOM   1058 C  CA  . MET A 1 142 ? 1.965   -11.397 -9.605  1.00 44.67 ? 145  MET A CA  1 
ATOM   1059 C  C   . MET A 1 142 ? 1.013   -10.260 -9.958  1.00 47.31 ? 145  MET A C   1 
ATOM   1060 O  O   . MET A 1 142 ? -0.194  -10.406 -9.850  1.00 54.90 ? 145  MET A O   1 
ATOM   1061 C  CB  . MET A 1 142 ? 2.207   -11.486 -8.111  1.00 43.81 ? 145  MET A CB  1 
ATOM   1062 C  CG  . MET A 1 142 ? 2.921   -12.763 -7.724  1.00 45.03 ? 145  MET A CG  1 
ATOM   1063 S  SD  . MET A 1 142 ? 2.056   -14.333 -8.106  1.00 44.55 ? 145  MET A SD  1 
ATOM   1064 C  CE  . MET A 1 142 ? 0.505   -14.157 -7.259  1.00 40.50 ? 145  MET A CE  1 
ATOM   1065 N  N   . THR A 1 143 ? 1.587   -9.186  -10.458 1.00 45.09 ? 146  THR A N   1 
ATOM   1066 C  CA  . THR A 1 143 ? 0.902   -7.988  -10.950 1.00 45.31 ? 146  THR A CA  1 
ATOM   1067 C  C   . THR A 1 143 ? 0.321   -8.133  -12.374 1.00 49.14 ? 146  THR A C   1 
ATOM   1068 O  O   . THR A 1 143 ? -0.575  -7.390  -12.730 1.00 48.39 ? 146  THR A O   1 
ATOM   1069 C  CB  . THR A 1 143 ? 1.956   -6.852  -10.863 1.00 42.91 ? 146  THR A CB  1 
ATOM   1070 O  OG1 . THR A 1 143 ? 2.005   -6.465  -9.492  1.00 52.40 ? 146  THR A OG1 1 
ATOM   1071 C  CG2 . THR A 1 143 ? 1.677   -5.662  -11.702 1.00 56.80 ? 146  THR A CG2 1 
ATOM   1072 N  N   . ALA A 1 144 ? 0.836   -9.081  -13.172 1.00 50.13 ? 147  ALA A N   1 
ATOM   1073 C  CA  . ALA A 1 144 ? 0.466   -9.257  -14.586 1.00 51.94 ? 147  ALA A CA  1 
ATOM   1074 C  C   . ALA A 1 144 ? -1.051  -9.394  -14.811 1.00 53.20 ? 147  ALA A C   1 
ATOM   1075 O  O   . ALA A 1 144 ? -1.648  -10.323 -14.288 1.00 51.20 ? 147  ALA A O   1 
ATOM   1076 C  CB  . ALA A 1 144 ? 1.191   -10.458 -15.190 1.00 51.83 ? 147  ALA A CB  1 
ATOM   1077 N  N   . LYS A 1 145 ? -1.621  -8.479  -15.619 1.00 49.04 ? 148  LYS A N   1 
ATOM   1078 C  CA  . LYS A 1 145 ? -3.061  -8.332  -15.842 1.00 55.29 ? 148  LYS A CA  1 
ATOM   1079 C  C   . LYS A 1 145 ? -3.528  -9.251  -16.965 1.00 60.37 ? 148  LYS A C   1 
ATOM   1080 O  O   . LYS A 1 145 ? -3.301  -8.956  -18.137 1.00 63.37 ? 148  LYS A O   1 
ATOM   1081 C  CB  . LYS A 1 145 ? -3.413  -6.871  -16.203 1.00 50.19 ? 148  LYS A CB  1 
ATOM   1082 N  N   . LEU B 2 36  ? 7.476   10.738  17.766  1.00 52.27 ? 1514 LEU C N   1 
ATOM   1083 C  CA  . LEU B 2 36  ? 6.082   10.377  17.739  1.00 48.07 ? 1514 LEU C CA  1 
ATOM   1084 C  C   . LEU B 2 36  ? 5.917   8.941   18.083  1.00 45.36 ? 1514 LEU C C   1 
ATOM   1085 O  O   . LEU B 2 36  ? 6.625   8.130   17.543  1.00 50.56 ? 1514 LEU C O   1 
ATOM   1086 C  CB  . LEU B 2 36  ? 5.527   10.537  16.328  1.00 51.41 ? 1514 LEU C CB  1 
ATOM   1087 C  CG  . LEU B 2 36  ? 5.211   11.880  15.694  1.00 53.34 ? 1514 LEU C CG  1 
ATOM   1088 C  CD1 . LEU B 2 36  ? 4.406   11.709  14.419  1.00 49.79 ? 1514 LEU C CD1 1 
ATOM   1089 C  CD2 . LEU B 2 36  ? 4.505   12.778  16.671  1.00 50.98 ? 1514 LEU C CD2 1 
ATOM   1090 N  N   . ASN B 2 37  ? 4.967   8.619   18.953  1.00 41.50 ? 1515 ASN C N   1 
ATOM   1091 C  CA  . ASN B 2 37  ? 4.656   7.247   19.266  1.00 32.98 ? 1515 ASN C CA  1 
ATOM   1092 C  C   . ASN B 2 37  ? 3.700   6.759   18.187  1.00 32.90 ? 1515 ASN C C   1 
ATOM   1093 O  O   . ASN B 2 37  ? 3.269   7.535   17.373  1.00 30.94 ? 1515 ASN C O   1 
ATOM   1094 C  CB  . ASN B 2 37  ? 4.103   7.076   20.665  1.00 33.98 ? 1515 ASN C CB  1 
ATOM   1095 C  CG  . ASN B 2 37  ? 2.896   7.909   20.941  1.00 36.31 ? 1515 ASN C CG  1 
ATOM   1096 O  OD1 . ASN B 2 37  ? 1.886   7.796   20.311  1.00 45.55 ? 1515 ASN C OD1 1 
ATOM   1097 N  ND2 . ASN B 2 37  ? 3.002   8.718   21.927  1.00 33.89 ? 1515 ASN C ND2 1 
ATOM   1098 N  N   . LYS B 2 38  ? 3.390   5.476   18.180  1.00 32.87 ? 1516 LYS C N   1 
ATOM   1099 C  CA  . LYS B 2 38  ? 2.526   4.876   17.176  1.00 33.77 ? 1516 LYS C CA  1 
ATOM   1100 C  C   . LYS B 2 38  ? 1.098   5.356   17.119  1.00 32.52 ? 1516 LYS C C   1 
ATOM   1101 O  O   . LYS B 2 38  ? 0.531   5.384   16.075  1.00 31.35 ? 1516 LYS C O   1 
ATOM   1102 C  CB  . LYS B 2 38  ? 2.604   3.361   17.204  1.00 42.58 ? 1516 LYS C CB  1 
ATOM   1103 C  CG  . LYS B 2 38  ? 3.559   2.764   16.201  1.00 43.94 ? 1516 LYS C CG  1 
ATOM   1104 C  CD  . LYS B 2 38  ? 4.295   1.560   16.735  1.00 49.23 ? 1516 LYS C CD  1 
ATOM   1105 C  CE  . LYS B 2 38  ? 5.394   1.105   15.794  1.00 52.96 ? 1516 LYS C CE  1 
ATOM   1106 N  NZ  . LYS B 2 38  ? 6.777   1.274   16.345  1.00 57.21 ? 1516 LYS C NZ  1 
ATOM   1107 N  N   . TYR B 2 39  ? 0.534   5.742   18.244  1.00 27.25 ? 1517 TYR C N   1 
ATOM   1108 C  CA  . TYR B 2 39  ? -0.778  6.312   18.274  1.00 28.95 ? 1517 TYR C CA  1 
ATOM   1109 C  C   . TYR B 2 39  ? -0.823  7.585   17.512  1.00 29.53 ? 1517 TYR C C   1 
ATOM   1110 O  O   . TYR B 2 39  ? -1.634  7.707   16.628  1.00 27.49 ? 1517 TYR C O   1 
ATOM   1111 C  CB  . TYR B 2 39  ? -1.293  6.517   19.696  1.00 29.99 ? 1517 TYR C CB  1 
ATOM   1112 C  CG  . TYR B 2 39  ? -1.523  5.210   20.430  1.00 30.30 ? 1517 TYR C CG  1 
ATOM   1113 C  CD1 . TYR B 2 39  ? -0.465  4.580   21.133  1.00 26.09 ? 1517 TYR C CD1 1 
ATOM   1114 C  CD2 . TYR B 2 39  ? -2.794  4.578   20.418  1.00 30.24 ? 1517 TYR C CD2 1 
ATOM   1115 C  CE1 . TYR B 2 39  ? -0.674  3.407   21.841  1.00 24.10 ? 1517 TYR C CE1 1 
ATOM   1116 C  CE2 . TYR B 2 39  ? -3.001  3.386   21.125  1.00 29.71 ? 1517 TYR C CE2 1 
ATOM   1117 C  CZ  . TYR B 2 39  ? -1.940  2.809   21.830  1.00 27.32 ? 1517 TYR C CZ  1 
ATOM   1118 O  OH  . TYR B 2 39  ? -2.129  1.645   22.513  1.00 29.99 ? 1517 TYR C OH  1 
ATOM   1119 N  N   . GLN B 2 40  ? 0.122   8.482   17.785  1.00 30.00 ? 1518 GLN C N   1 
ATOM   1120 C  CA  . GLN B 2 40  ? 0.244   9.726   17.044  1.00 28.16 ? 1518 GLN C CA  1 
ATOM   1121 C  C   . GLN B 2 40  ? 0.565   9.447   15.606  1.00 28.40 ? 1518 GLN C C   1 
ATOM   1122 O  O   . GLN B 2 40  ? -0.027  10.053  14.755  1.00 31.74 ? 1518 GLN C O   1 
ATOM   1123 C  CB  . GLN B 2 40  ? 1.317   10.622  17.665  1.00 20.00 ? 1518 GLN C CB  1 
ATOM   1124 C  CG  . GLN B 2 40  ? 0.963   11.153  19.044  1.00 20.00 ? 1518 GLN C CG  1 
ATOM   1125 C  CD  . GLN B 2 40  ? 2.077   11.975  19.657  1.00 20.00 ? 1518 GLN C CD  1 
ATOM   1126 O  OE1 . GLN B 2 40  ? 3.247   11.800  19.315  1.00 20.00 ? 1518 GLN C OE1 1 
ATOM   1127 N  NE2 . GLN B 2 40  ? 1.718   12.877  20.566  1.00 20.00 ? 1518 GLN C NE2 1 
ATOM   1128 N  N   . GLY B 2 41  ? 1.492   8.536   15.355  1.00 27.91 ? 1519 GLY C N   1 
ATOM   1129 C  CA  . GLY B 2 41  ? 1.877   8.122   14.017  1.00 26.74 ? 1519 GLY C CA  1 
ATOM   1130 C  C   . GLY B 2 41  ? 0.684   7.625   13.232  1.00 29.34 ? 1519 GLY C C   1 
ATOM   1131 O  O   . GLY B 2 41  ? 0.501   7.981   12.081  1.00 35.03 ? 1519 GLY C O   1 
ATOM   1132 N  N   . PHE B 2 42  ? -0.157  6.798   13.820  1.00 29.76 ? 1520 PHE C N   1 
ATOM   1133 C  CA  . PHE B 2 42  ? -1.352  6.339   13.107  1.00 30.48 ? 1520 PHE C CA  1 
ATOM   1134 C  C   . PHE B 2 42  ? -2.242  7.497   12.682  1.00 33.24 ? 1520 PHE C C   1 
ATOM   1135 O  O   . PHE B 2 42  ? -2.857  7.431   11.611  1.00 32.98 ? 1520 PHE C O   1 
ATOM   1136 C  CB  . PHE B 2 42  ? -2.178  5.366   13.969  1.00 31.35 ? 1520 PHE C CB  1 
ATOM   1137 C  CG  . PHE B 2 42  ? -1.734  3.902   13.909  1.00 31.01 ? 1520 PHE C CG  1 
ATOM   1138 C  CD1 . PHE B 2 42  ? -0.407  3.531   13.659  1.00 31.89 ? 1520 PHE C CD1 1 
ATOM   1139 C  CD2 . PHE B 2 42  ? -2.671  2.893   14.153  1.00 30.85 ? 1520 PHE C CD2 1 
ATOM   1140 C  CE1 . PHE B 2 42  ? -0.034  2.192   13.615  1.00 32.26 ? 1520 PHE C CE1 1 
ATOM   1141 C  CE2 . PHE B 2 42  ? -2.296  1.541   14.126  1.00 29.90 ? 1520 PHE C CE2 1 
ATOM   1142 C  CZ  . PHE B 2 42  ? -0.982  1.202   13.845  1.00 33.04 ? 1520 PHE C CZ  1 
ATOM   1143 N  N   . ILE B 2 43  ? -2.387  8.506   13.541  1.00 31.76 ? 1521 ILE C N   1 
ATOM   1144 C  CA  . ILE B 2 43  ? -3.262  9.675   13.233  1.00 32.63 ? 1521 ILE C CA  1 
ATOM   1145 C  C   . ILE B 2 43  ? -2.635  10.523  12.136  1.00 34.17 ? 1521 ILE C C   1 
ATOM   1146 O  O   . ILE B 2 43  ? -3.256  10.857  11.151  1.00 32.22 ? 1521 ILE C O   1 
ATOM   1147 C  CB  . ILE B 2 43  ? -3.504  10.582  14.468  1.00 36.13 ? 1521 ILE C CB  1 
ATOM   1148 C  CG1 . ILE B 2 43  ? -4.294  9.851   15.541  1.00 35.96 ? 1521 ILE C CG1 1 
ATOM   1149 C  CG2 . ILE B 2 43  ? -4.188  11.933  14.092  1.00 38.33 ? 1521 ILE C CG2 1 
ATOM   1150 C  CD1 . ILE B 2 43  ? -5.594  9.216   15.102  1.00 36.09 ? 1521 ILE C CD1 1 
ATOM   1151 N  N   . PHE B 2 44  ? -1.372  10.848  12.301  1.00 35.22 ? 1522 PHE C N   1 
ATOM   1152 C  CA  . PHE B 2 44  ? -0.724  11.746  11.360  1.00 40.18 ? 1522 PHE C CA  1 
ATOM   1153 C  C   . PHE B 2 44  ? -0.584  11.126  9.959   1.00 38.69 ? 1522 PHE C C   1 
ATOM   1154 O  O   . PHE B 2 44  ? -0.737  11.836  8.955   1.00 36.05 ? 1522 PHE C O   1 
ATOM   1155 C  CB  . PHE B 2 44  ? 0.570   12.335  12.020  1.00 41.87 ? 1522 PHE C CB  1 
ATOM   1156 C  CG  . PHE B 2 44  ? 0.269   13.110  13.328  1.00 43.75 ? 1522 PHE C CG  1 
ATOM   1157 C  CD1 . PHE B 2 44  ? -0.860  13.964  13.438  1.00 46.16 ? 1522 PHE C CD1 1 
ATOM   1158 C  CD2 . PHE B 2 44  ? 1.076   12.992  14.462  1.00 49.75 ? 1522 PHE C CD2 1 
ATOM   1159 C  CE1 . PHE B 2 44  ? -1.138  14.666  14.613  1.00 45.10 ? 1522 PHE C CE1 1 
ATOM   1160 C  CE2 . PHE B 2 44  ? 0.779   13.711  15.654  1.00 45.95 ? 1522 PHE C CE2 1 
ATOM   1161 C  CZ  . PHE B 2 44  ? -0.326  14.526  15.721  1.00 45.84 ? 1522 PHE C CZ  1 
ATOM   1162 N  N   . ASP B 2 45  ? -0.429  9.803   9.884   1.00 32.93 ? 1523 ASP C N   1 
ATOM   1163 C  CA  . ASP B 2 45  ? -0.385  9.108   8.592   1.00 35.19 ? 1523 ASP C CA  1 
ATOM   1164 C  C   . ASP B 2 45  ? -1.708  9.183   7.754   1.00 33.58 ? 1523 ASP C C   1 
ATOM   1165 O  O   . ASP B 2 45  ? -1.718  8.921   6.561   1.00 35.70 ? 1523 ASP C O   1 
ATOM   1166 C  CB  . ASP B 2 45  ? -0.076  7.614   8.818   1.00 35.88 ? 1523 ASP C CB  1 
ATOM   1167 C  CG  . ASP B 2 45  ? 1.371   7.350   9.240   1.00 38.22 ? 1523 ASP C CG  1 
ATOM   1168 O  OD1 . ASP B 2 45  ? 2.160   8.294   9.217   1.00 35.32 ? 1523 ASP C OD1 1 
ATOM   1169 O  OD2 . ASP B 2 45  ? 1.709   6.195   9.596   1.00 30.66 ? 1523 ASP C OD2 1 
ATOM   1170 N  N   . ILE B 2 46  ? -2.827  9.390   8.411   1.00 34.72 ? 1524 ILE C N   1 
ATOM   1171 C  CA  . ILE B 2 46  ? -4.109  9.386   7.730   1.00 36.99 ? 1524 ILE C CA  1 
ATOM   1172 C  C   . ILE B 2 46  ? -4.010  10.375  6.553   1.00 42.64 ? 1524 ILE C C   1 
ATOM   1173 O  O   . ILE B 2 46  ? -4.400  10.041  5.435   1.00 44.85 ? 1524 ILE C O   1 
ATOM   1174 C  CB  . ILE B 2 46  ? -5.233  9.757   8.687   1.00 36.74 ? 1524 ILE C CB  1 
ATOM   1175 C  CG1 . ILE B 2 46  ? -5.450  8.606   9.684   1.00 34.80 ? 1524 ILE C CG1 1 
ATOM   1176 C  CG2 . ILE B 2 46  ? -6.540  10.069  7.935   1.00 40.23 ? 1524 ILE C CG2 1 
ATOM   1177 C  CD1 . ILE B 2 46  ? -6.319  8.953   10.857  1.00 30.54 ? 1524 ILE C CD1 1 
ATOM   1178 N  N   . VAL B 2 47  ? -3.388  11.522  6.827   1.00 47.24 ? 1525 VAL C N   1 
ATOM   1179 C  CA  . VAL B 2 47  ? -3.127  12.599  5.863   1.00 51.34 ? 1525 VAL C CA  1 
ATOM   1180 C  C   . VAL B 2 47  ? -1.660  12.792  5.390   1.00 52.24 ? 1525 VAL C C   1 
ATOM   1181 O  O   . VAL B 2 47  ? -1.469  13.320  4.304   1.00 63.21 ? 1525 VAL C O   1 
ATOM   1182 C  CB  . VAL B 2 47  ? -3.666  13.951  6.403   1.00 47.60 ? 1525 VAL C CB  1 
ATOM   1183 C  CG1 . VAL B 2 47  ? -5.169  13.854  6.650   1.00 45.65 ? 1525 VAL C CG1 1 
ATOM   1184 C  CG2 . VAL B 2 47  ? -2.936  14.398  7.675   1.00 49.32 ? 1525 VAL C CG2 1 
ATOM   1185 N  N   . THR B 2 48  ? -0.636  12.426  6.170   1.00 57.55 ? 1526 THR C N   1 
ATOM   1186 C  CA  . THR B 2 48  ? 0.763   12.514  5.665   1.00 54.69 ? 1526 THR C CA  1 
ATOM   1187 C  C   . THR B 2 48  ? 1.080   11.345  4.685   1.00 63.22 ? 1526 THR C C   1 
ATOM   1188 O  O   . THR B 2 48  ? 1.823   11.538  3.727   1.00 62.06 ? 1526 THR C O   1 
ATOM   1189 C  CB  . THR B 2 48  ? 1.858   12.734  6.768   1.00 56.01 ? 1526 THR C CB  1 
ATOM   1190 O  OG1 . THR B 2 48  ? 2.037   11.577  7.589   1.00 59.84 ? 1526 THR C OG1 1 
ATOM   1191 C  CG2 . THR B 2 48  ? 1.523   13.942  7.690   1.00 54.49 ? 1526 THR C CG2 1 
ATOM   1192 N  N   . LYS B 2 49  ? 0.479   10.163  4.859   1.00 63.95 ? 1527 LYS C N   1 
ATOM   1193 C  CA  . LYS B 2 49  ? 0.675   9.068   3.897   1.00 63.17 ? 1527 LYS C CA  1 
ATOM   1194 C  C   . LYS B 2 49  ? -0.193  9.291   2.661   1.00 64.90 ? 1527 LYS C C   1 
ATOM   1195 O  O   . LYS B 2 49  ? -0.683  8.345   2.041   1.00 72.75 ? 1527 LYS C O   1 
ATOM   1196 C  CB  . LYS B 2 49  ? 0.370   7.717   4.547   1.00 67.23 ? 1527 LYS C CB  1 
HETATM 1197 CA CA  . CA  C 3 .   ? -14.587 21.685  7.561   1.00 32.45 ? 201  CA  A CA  1 
HETATM 1198 CA CA  . CA  D 3 .   ? 15.656  -18.922 -1.780  1.00 40.17 ? 202  CA  A CA  1 
HETATM 1199 CA CA  . CA  E 3 .   ? -12.054 18.622  -3.612  1.00 40.26 ? 203  CA  A CA  1 
HETATM 1200 CA CA  . CA  F 3 .   ? 16.995  -12.117 -11.136 1.00 41.50 ? 204  CA  A CA  1 
HETATM 1201 O  O   . HOH G 4 .   ? -14.361 18.036  -3.644  1.00 33.47 ? 301  HOH A O   1 
HETATM 1202 O  O   . HOH G 4 .   ? 17.710  -11.492 -8.814  1.00 39.40 ? 302  HOH A O   1 
HETATM 1203 O  O   . HOH G 4 .   ? 5.310   -33.239 -9.446  1.00 35.68 ? 303  HOH A O   1 
HETATM 1204 O  O   . HOH G 4 .   ? 3.274   16.193  16.266  1.00 40.58 ? 304  HOH A O   1 
HETATM 1205 O  O   . HOH G 4 .   ? 9.262   -26.637 -0.876  1.00 55.62 ? 305  HOH A O   1 
HETATM 1206 O  O   . HOH G 4 .   ? 0.022   -30.516 -2.955  1.00 40.68 ? 306  HOH A O   1 
HETATM 1207 O  O   . HOH G 4 .   ? 9.637   -10.247 -13.497 1.00 35.21 ? 307  HOH A O   1 
HETATM 1208 O  O   . HOH G 4 .   ? -14.509 24.931  -3.575  1.00 32.44 ? 308  HOH A O   1 
HETATM 1209 O  O   . HOH G 4 .   ? 3.876   -18.513 -17.539 1.00 46.88 ? 309  HOH A O   1 
HETATM 1210 O  O   . HOH G 4 .   ? 17.550  -20.267 -2.531  1.00 41.92 ? 310  HOH A O   1 
HETATM 1211 O  O   . HOH G 4 .   ? 15.373  -24.125 -0.286  1.00 43.72 ? 311  HOH A O   1 
HETATM 1212 O  O   . HOH H 4 .   ? -2.755  5.817   9.659   1.00 31.63 ? 1601 HOH C O   1 
# 
loop_
_pdbx_poly_seq_scheme.asym_id 
_pdbx_poly_seq_scheme.entity_id 
_pdbx_poly_seq_scheme.seq_id 
_pdbx_poly_seq_scheme.mon_id 
_pdbx_poly_seq_scheme.ndb_seq_num 
_pdbx_poly_seq_scheme.pdb_seq_num 
_pdbx_poly_seq_scheme.auth_seq_num 
_pdbx_poly_seq_scheme.pdb_mon_id 
_pdbx_poly_seq_scheme.auth_mon_id 
_pdbx_poly_seq_scheme.pdb_strand_id 
_pdbx_poly_seq_scheme.pdb_ins_code 
_pdbx_poly_seq_scheme.hetero 
A 1 1   LEU 1   4    4    LEU LEU A . n 
A 1 2   THR 2   5    5    THR THR A . n 
A 1 3   GLU 3   6    6    GLU GLU A . n 
A 1 4   GLU 4   7    7    GLU GLU A . n 
A 1 5   GLN 5   8    8    GLN GLN A . n 
A 1 6   ILE 6   9    9    ILE ILE A . n 
A 1 7   ALA 7   10   10   ALA ALA A . n 
A 1 8   GLU 8   11   11   GLU GLU A . n 
A 1 9   PHE 9   12   12   PHE PHE A . n 
A 1 10  LYS 10  13   13   LYS LYS A . n 
A 1 11  GLU 11  14   14   GLU GLU A . n 
A 1 12  ALA 12  15   15   ALA ALA A . n 
A 1 13  PHE 13  16   16   PHE PHE A . n 
A 1 14  SER 14  17   17   SER SER A . n 
A 1 15  LEU 15  18   18   LEU LEU A . n 
A 1 16  PHE 16  19   19   PHE PHE A . n 
A 1 17  ASP 17  20   20   ASP ASP A . n 
A 1 18  LYS 18  21   21   LYS LYS A . n 
A 1 19  ASP 19  22   22   ASP ASP A . n 
A 1 20  GLY 20  23   23   GLY GLY A . n 
A 1 21  ASP 21  24   24   ASP ASP A . n 
A 1 22  GLY 22  25   25   GLY GLY A . n 
A 1 23  THR 23  26   26   THR THR A . n 
A 1 24  ILE 24  27   27   ILE ILE A . n 
A 1 25  THR 25  28   28   THR THR A . n 
A 1 26  THR 26  29   29   THR THR A . n 
A 1 27  LYS 27  30   30   LYS LYS A . n 
A 1 28  GLU 28  31   31   GLU GLU A . n 
A 1 29  LEU 29  32   32   LEU LEU A . n 
A 1 30  GLY 30  33   33   GLY GLY A . n 
A 1 31  THR 31  34   34   THR THR A . n 
A 1 32  VAL 32  35   35   VAL VAL A . n 
A 1 33  MET 33  36   36   MET MET A . n 
A 1 34  ARG 34  37   37   ARG ARG A . n 
A 1 35  SER 35  38   38   SER SER A . n 
A 1 36  LEU 36  39   39   LEU LEU A . n 
A 1 37  GLY 37  40   40   GLY GLY A . n 
A 1 38  GLN 38  41   41   GLN GLN A . n 
A 1 39  ASN 39  42   42   ASN ASN A . n 
A 1 40  PRO 40  43   43   PRO PRO A . n 
A 1 41  THR 41  44   44   THR THR A . n 
A 1 42  GLU 42  45   45   GLU GLU A . n 
A 1 43  ALA 43  46   46   ALA ALA A . n 
A 1 44  GLU 44  47   47   GLU GLU A . n 
A 1 45  LEU 45  48   48   LEU LEU A . n 
A 1 46  GLN 46  49   49   GLN GLN A . n 
A 1 47  ASP 47  50   50   ASP ASP A . n 
A 1 48  MET 48  51   51   MET MET A . n 
A 1 49  ILE 49  52   52   ILE ILE A . n 
A 1 50  ASN 50  53   53   ASN ASN A . n 
A 1 51  GLU 51  54   54   GLU GLU A . n 
A 1 52  VAL 52  55   55   VAL VAL A . n 
A 1 53  ASP 53  56   56   ASP ASP A . n 
A 1 54  ALA 54  57   57   ALA ALA A . n 
A 1 55  ASP 55  58   58   ASP ASP A . n 
A 1 56  GLY 56  59   59   GLY GLY A . n 
A 1 57  ASN 57  60   60   ASN ASN A . n 
A 1 58  GLY 58  61   61   GLY GLY A . n 
A 1 59  THR 59  62   62   THR THR A . n 
A 1 60  ILE 60  63   63   ILE ILE A . n 
A 1 61  ASP 61  64   64   ASP ASP A . n 
A 1 62  PHE 62  65   65   PHE PHE A . n 
A 1 63  PRO 63  66   66   PRO PRO A . n 
A 1 64  GLU 64  67   67   GLU GLU A . n 
A 1 65  PHE 65  68   68   PHE PHE A . n 
A 1 66  LEU 66  69   69   LEU LEU A . n 
A 1 67  THR 67  70   70   THR THR A . n 
A 1 68  MET 68  71   71   MET MET A . n 
A 1 69  MET 69  72   72   MET MET A . n 
A 1 70  ALA 70  73   73   ALA ALA A . n 
A 1 71  ARG 71  74   74   ARG ARG A . n 
A 1 72  LYS 72  75   75   LYS LYS A . n 
A 1 73  MET 73  76   76   MET MET A . n 
A 1 74  LYS 74  77   77   LYS LYS A . n 
A 1 75  ASP 75  78   78   ASP ASP A . n 
A 1 76  THR 76  79   79   THR THR A . n 
A 1 77  ASP 77  80   80   ASP ASP A . n 
A 1 78  SER 78  81   81   SER SER A . n 
A 1 79  GLU 79  82   82   GLU GLU A . n 
A 1 80  GLU 80  83   83   GLU GLU A . n 
A 1 81  GLU 81  84   84   GLU GLU A . n 
A 1 82  ILE 82  85   85   ILE ILE A . n 
A 1 83  ARG 83  86   86   ARG ARG A . n 
A 1 84  GLU 84  87   87   GLU GLU A . n 
A 1 85  ALA 85  88   88   ALA ALA A . n 
A 1 86  PHE 86  89   89   PHE PHE A . n 
A 1 87  ARG 87  90   90   ARG ARG A . n 
A 1 88  VAL 88  91   91   VAL VAL A . n 
A 1 89  PHE 89  92   92   PHE PHE A . n 
A 1 90  ASP 90  93   93   ASP ASP A . n 
A 1 91  LYS 91  94   94   LYS LYS A . n 
A 1 92  ASP 92  95   95   ASP ASP A . n 
A 1 93  GLY 93  96   96   GLY GLY A . n 
A 1 94  ASN 94  97   97   ASN ASN A . n 
A 1 95  GLY 95  98   98   GLY GLY A . n 
A 1 96  TYR 96  99   99   TYR TYR A . n 
A 1 97  ILE 97  100  100  ILE ILE A . n 
A 1 98  SER 98  101  101  SER SER A . n 
A 1 99  ALA 99  102  102  ALA ALA A . n 
A 1 100 ALA 100 103  103  ALA ALA A . n 
A 1 101 GLU 101 104  104  GLU GLU A . n 
A 1 102 LEU 102 105  105  LEU LEU A . n 
A 1 103 ARG 103 106  106  ARG ARG A . n 
A 1 104 HIS 104 107  107  HIS HIS A . n 
A 1 105 VAL 105 108  108  VAL VAL A . n 
A 1 106 MET 106 109  109  MET MET A . n 
A 1 107 THR 107 110  110  THR THR A . n 
A 1 108 ASN 108 111  111  ASN ASN A . n 
A 1 109 LEU 109 112  112  LEU LEU A . n 
A 1 110 GLY 110 113  113  GLY GLY A . n 
A 1 111 GLU 111 114  114  GLU GLU A . n 
A 1 112 LYS 112 115  115  LYS LYS A . n 
A 1 113 LEU 113 116  116  LEU LEU A . n 
A 1 114 THR 114 117  117  THR THR A . n 
A 1 115 ASP 115 118  118  ASP ASP A . n 
A 1 116 GLU 116 119  119  GLU GLU A . n 
A 1 117 GLU 117 120  120  GLU GLU A . n 
A 1 118 VAL 118 121  121  VAL VAL A . n 
A 1 119 ASP 119 122  122  ASP ASP A . n 
A 1 120 GLU 120 123  123  GLU GLU A . n 
A 1 121 MET 121 124  124  MET MET A . n 
A 1 122 ILE 122 125  125  ILE ILE A . n 
A 1 123 ARG 123 126  126  ARG ARG A . n 
A 1 124 GLU 124 127  127  GLU GLU A . n 
A 1 125 ALA 125 128  128  ALA ALA A . n 
A 1 126 ASP 126 129  129  ASP ASP A . n 
A 1 127 ILE 127 130  130  ILE ILE A . n 
A 1 128 ASP 128 131  131  ASP ASP A . n 
A 1 129 GLY 129 132  132  GLY GLY A . n 
A 1 130 ASP 130 133  133  ASP ASP A . n 
A 1 131 GLY 131 134  134  GLY GLY A . n 
A 1 132 GLN 132 135  135  GLN GLN A . n 
A 1 133 VAL 133 136  136  VAL VAL A . n 
A 1 134 ASN 134 137  137  ASN ASN A . n 
A 1 135 TYR 135 138  138  TYR TYR A . n 
A 1 136 GLU 136 139  139  GLU GLU A . n 
A 1 137 GLU 137 140  140  GLU GLU A . n 
A 1 138 PHE 138 141  141  PHE PHE A . n 
A 1 139 VAL 139 142  142  VAL VAL A . n 
A 1 140 GLN 140 143  143  GLN GLN A . n 
A 1 141 MET 141 144  144  MET MET A . n 
A 1 142 MET 142 145  145  MET MET A . n 
A 1 143 THR 143 146  146  THR THR A . n 
A 1 144 ALA 144 147  147  ALA ALA A . n 
A 1 145 LYS 145 148  148  LYS LYS A . n 
B 2 1   GLY 1   1479 ?    ?   ?   C . n 
B 2 2   PRO 2   1480 ?    ?   ?   C . n 
B 2 3   GLY 3   1481 ?    ?   ?   C . n 
B 2 4   SER 4   1482 ?    ?   ?   C . n 
B 2 5   GLN 5   1483 ?    ?   ?   C . n 
B 2 6   ASP 6   1484 ?    ?   ?   C . n 
B 2 7   ILE 7   1485 ?    ?   ?   C . n 
B 2 8   PHE 8   1486 ?    ?   ?   C . n 
B 2 9   MET 9   1487 ?    ?   ?   C . n 
B 2 10  THR 10  1488 ?    ?   ?   C . n 
B 2 11  GLU 11  1489 ?    ?   ?   C . n 
B 2 12  GLU 12  1490 ?    ?   ?   C . n 
B 2 13  GLN 13  1491 ?    ?   ?   C . n 
B 2 14  LYS 14  1492 ?    ?   ?   C . n 
B 2 15  LYS 15  1493 ?    ?   ?   C . n 
B 2 16  TYR 16  1494 ?    ?   ?   C . n 
B 2 17  TYR 17  1495 ?    ?   ?   C . n 
B 2 18  ASN 18  1496 ?    ?   ?   C . n 
B 2 19  ALA 19  1497 ?    ?   ?   C . n 
B 2 20  MET 20  1498 ?    ?   ?   C . n 
B 2 21  LYS 21  1499 ?    ?   ?   C . n 
B 2 22  LYS 22  1500 ?    ?   ?   C . n 
B 2 23  LEU 23  1501 ?    ?   ?   C . n 
B 2 24  GLY 24  1502 ?    ?   ?   C . n 
B 2 25  SER 25  1503 ?    ?   ?   C . n 
B 2 26  LYS 26  1504 ?    ?   ?   C . n 
B 2 27  LYS 27  1505 ?    ?   ?   C . n 
B 2 28  PRO 28  1506 ?    ?   ?   C . n 
B 2 29  GLN 29  1507 ?    ?   ?   C . n 
B 2 30  LYS 30  1508 ?    ?   ?   C . n 
B 2 31  PRO 31  1509 ?    ?   ?   C . n 
B 2 32  ILE 32  1510 ?    ?   ?   C . n 
B 2 33  PRO 33  1511 ?    ?   ?   C . n 
B 2 34  ARG 34  1512 ?    ?   ?   C . n 
B 2 35  PRO 35  1513 ?    ?   ?   C . n 
B 2 36  LEU 36  1514 1514 LEU LEU C . n 
B 2 37  ASN 37  1515 1515 ASN ASN C . n 
B 2 38  LYS 38  1516 1516 LYS LYS C . n 
B 2 39  TYR 39  1517 1517 TYR TYR C . n 
B 2 40  GLN 40  1518 1518 GLN GLN C . n 
B 2 41  GLY 41  1519 1519 GLY GLY C . n 
B 2 42  PHE 42  1520 1520 PHE PHE C . n 
B 2 43  ILE 43  1521 1521 ILE ILE C . n 
B 2 44  PHE 44  1522 1522 PHE PHE C . n 
B 2 45  ASP 45  1523 1523 ASP ASP C . n 
B 2 46  ILE 46  1524 1524 ILE ILE C . n 
B 2 47  VAL 47  1525 1525 VAL VAL C . n 
B 2 48  THR 48  1526 1526 THR THR C . n 
B 2 49  LYS 49  1527 1527 LYS LYS C . n 
B 2 50  GLN 50  1528 ?    ?   ?   C . n 
B 2 51  ALA 51  1529 ?    ?   ?   C . n 
# 
loop_
_pdbx_nonpoly_scheme.asym_id 
_pdbx_nonpoly_scheme.entity_id 
_pdbx_nonpoly_scheme.mon_id 
_pdbx_nonpoly_scheme.ndb_seq_num 
_pdbx_nonpoly_scheme.pdb_seq_num 
_pdbx_nonpoly_scheme.auth_seq_num 
_pdbx_nonpoly_scheme.pdb_mon_id 
_pdbx_nonpoly_scheme.auth_mon_id 
_pdbx_nonpoly_scheme.pdb_strand_id 
_pdbx_nonpoly_scheme.pdb_ins_code 
C 3 CA  1  201  1  CA  CA  A . 
D 3 CA  1  202  2  CA  CA  A . 
E 3 CA  1  203  3  CA  CA  A . 
F 3 CA  1  204  4  CA  CA  A . 
G 4 HOH 1  301  6  HOH HOH A . 
G 4 HOH 2  302  8  HOH HOH A . 
G 4 HOH 3  303  10 HOH HOH A . 
G 4 HOH 4  304  3  HOH HOH A . 
G 4 HOH 5  305  12 HOH HOH A . 
G 4 HOH 6  306  9  HOH HOH A . 
G 4 HOH 7  307  2  HOH HOH A . 
G 4 HOH 8  308  4  HOH HOH A . 
G 4 HOH 9  309  1  HOH HOH A . 
G 4 HOH 10 310  7  HOH HOH A . 
G 4 HOH 11 311  13 HOH HOH A . 
H 4 HOH 1  1601 11 HOH HOH C . 
# 
_pdbx_struct_assembly.id                   1 
_pdbx_struct_assembly.details              author_and_software_defined_assembly 
_pdbx_struct_assembly.method_details       PISA 
_pdbx_struct_assembly.oligomeric_details   dimeric 
_pdbx_struct_assembly.oligomeric_count     2 
# 
_pdbx_struct_assembly_gen.assembly_id       1 
_pdbx_struct_assembly_gen.oper_expression   1 
_pdbx_struct_assembly_gen.asym_id_list      A,B,C,D,E,F,G,H 
# 
loop_
_pdbx_struct_assembly_prop.biol_id 
_pdbx_struct_assembly_prop.type 
_pdbx_struct_assembly_prop.value 
_pdbx_struct_assembly_prop.details 
1 'ABSA (A^2)' 780  ? 
1 MORE         -10  ? 
1 'SSA (A^2)'  9840 ? 
# 
_pdbx_struct_oper_list.id                   1 
_pdbx_struct_oper_list.type                 'identity operation' 
_pdbx_struct_oper_list.name                 1_555 
_pdbx_struct_oper_list.symmetry_operation   x,y,z 
_pdbx_struct_oper_list.matrix[1][1]         1.0000000000 
_pdbx_struct_oper_list.matrix[1][2]         0.0000000000 
_pdbx_struct_oper_list.matrix[1][3]         0.0000000000 
_pdbx_struct_oper_list.vector[1]            0.0000000000 
_pdbx_struct_oper_list.matrix[2][1]         0.0000000000 
_pdbx_struct_oper_list.matrix[2][2]         1.0000000000 
_pdbx_struct_oper_list.matrix[2][3]         0.0000000000 
_pdbx_struct_oper_list.vector[2]            0.0000000000 
_pdbx_struct_oper_list.matrix[3][1]         0.0000000000 
_pdbx_struct_oper_list.matrix[3][2]         0.0000000000 
_pdbx_struct_oper_list.matrix[3][3]         1.0000000000 
_pdbx_struct_oper_list.vector[3]            0.0000000000 
# 
loop_
_pdbx_struct_conn_angle.id 
_pdbx_struct_conn_angle.ptnr1_label_atom_id 
_pdbx_struct_conn_angle.ptnr1_label_alt_id 
_pdbx_struct_conn_angle.ptnr1_label_asym_id 
_pdbx_struct_conn_angle.ptnr1_label_comp_id 
_pdbx_struct_conn_angle.ptnr1_label_seq_id 
_pdbx_struct_conn_angle.ptnr1_auth_atom_id 
_pdbx_struct_conn_angle.ptnr1_auth_asym_id 
_pdbx_struct_conn_angle.ptnr1_auth_comp_id 
_pdbx_struct_conn_angle.ptnr1_auth_seq_id 
_pdbx_struct_conn_angle.ptnr1_PDB_ins_code 
_pdbx_struct_conn_angle.ptnr1_symmetry 
_pdbx_struct_conn_angle.ptnr2_label_atom_id 
_pdbx_struct_conn_angle.ptnr2_label_alt_id 
_pdbx_struct_conn_angle.ptnr2_label_asym_id 
_pdbx_struct_conn_angle.ptnr2_label_comp_id 
_pdbx_struct_conn_angle.ptnr2_label_seq_id 
_pdbx_struct_conn_angle.ptnr2_auth_atom_id 
_pdbx_struct_conn_angle.ptnr2_auth_asym_id 
_pdbx_struct_conn_angle.ptnr2_auth_comp_id 
_pdbx_struct_conn_angle.ptnr2_auth_seq_id 
_pdbx_struct_conn_angle.ptnr2_PDB_ins_code 
_pdbx_struct_conn_angle.ptnr2_symmetry 
_pdbx_struct_conn_angle.ptnr3_label_atom_id 
_pdbx_struct_conn_angle.ptnr3_label_alt_id 
_pdbx_struct_conn_angle.ptnr3_label_asym_id 
_pdbx_struct_conn_angle.ptnr3_label_comp_id 
_pdbx_struct_conn_angle.ptnr3_label_seq_id 
_pdbx_struct_conn_angle.ptnr3_auth_atom_id 
_pdbx_struct_conn_angle.ptnr3_auth_asym_id 
_pdbx_struct_conn_angle.ptnr3_auth_comp_id 
_pdbx_struct_conn_angle.ptnr3_auth_seq_id 
_pdbx_struct_conn_angle.ptnr3_PDB_ins_code 
_pdbx_struct_conn_angle.ptnr3_symmetry 
_pdbx_struct_conn_angle.value 
_pdbx_struct_conn_angle.value_esd 
1  OD1 ? A ASP 17  ? A ASP 20  ? 1_555 CA ? C CA . ? A CA 201 ? 1_555 OD1 ? A ASP 19  ? A ASP 22  ? 1_555 84.2  ? 
2  OD1 ? A ASP 17  ? A ASP 20  ? 1_555 CA ? C CA . ? A CA 201 ? 1_555 OD1 ? A ASP 21  ? A ASP 24  ? 1_555 91.3  ? 
3  OD1 ? A ASP 19  ? A ASP 22  ? 1_555 CA ? C CA . ? A CA 201 ? 1_555 OD1 ? A ASP 21  ? A ASP 24  ? 1_555 67.2  ? 
4  OD1 ? A ASP 17  ? A ASP 20  ? 1_555 CA ? C CA . ? A CA 201 ? 1_555 O   ? A THR 23  ? A THR 26  ? 1_555 75.7  ? 
5  OD1 ? A ASP 19  ? A ASP 22  ? 1_555 CA ? C CA . ? A CA 201 ? 1_555 O   ? A THR 23  ? A THR 26  ? 1_555 147.1 ? 
6  OD1 ? A ASP 21  ? A ASP 24  ? 1_555 CA ? C CA . ? A CA 201 ? 1_555 O   ? A THR 23  ? A THR 26  ? 1_555 87.3  ? 
7  OD1 ? A ASP 17  ? A ASP 20  ? 1_555 CA ? C CA . ? A CA 201 ? 1_555 OE1 ? A GLU 28  ? A GLU 31  ? 1_555 99.0  ? 
8  OD1 ? A ASP 19  ? A ASP 22  ? 1_555 CA ? C CA . ? A CA 201 ? 1_555 OE1 ? A GLU 28  ? A GLU 31  ? 1_555 133.7 ? 
9  OD1 ? A ASP 21  ? A ASP 24  ? 1_555 CA ? C CA . ? A CA 201 ? 1_555 OE1 ? A GLU 28  ? A GLU 31  ? 1_555 157.3 ? 
10 O   ? A THR 23  ? A THR 26  ? 1_555 CA ? C CA . ? A CA 201 ? 1_555 OE1 ? A GLU 28  ? A GLU 31  ? 1_555 75.9  ? 
11 OD1 ? A ASP 17  ? A ASP 20  ? 1_555 CA ? C CA . ? A CA 201 ? 1_555 OE2 ? A GLU 28  ? A GLU 31  ? 1_555 106.6 ? 
12 OD1 ? A ASP 19  ? A ASP 22  ? 1_555 CA ? C CA . ? A CA 201 ? 1_555 OE2 ? A GLU 28  ? A GLU 31  ? 1_555 80.6  ? 
13 OD1 ? A ASP 21  ? A ASP 24  ? 1_555 CA ? C CA . ? A CA 201 ? 1_555 OE2 ? A GLU 28  ? A GLU 31  ? 1_555 141.3 ? 
14 O   ? A THR 23  ? A THR 26  ? 1_555 CA ? C CA . ? A CA 201 ? 1_555 OE2 ? A GLU 28  ? A GLU 31  ? 1_555 129.9 ? 
15 OE1 ? A GLU 28  ? A GLU 31  ? 1_555 CA ? C CA . ? A CA 201 ? 1_555 OE2 ? A GLU 28  ? A GLU 31  ? 1_555 54.1  ? 
16 OD1 ? A ASP 17  ? A ASP 20  ? 1_555 CA ? C CA . ? A CA 201 ? 1_555 O   ? G HOH .   ? A HOH 308 ? 6_554 175.8 ? 
17 OD1 ? A ASP 19  ? A ASP 22  ? 1_555 CA ? C CA . ? A CA 201 ? 1_555 O   ? G HOH .   ? A HOH 308 ? 6_554 98.1  ? 
18 OD1 ? A ASP 21  ? A ASP 24  ? 1_555 CA ? C CA . ? A CA 201 ? 1_555 O   ? G HOH .   ? A HOH 308 ? 6_554 86.3  ? 
19 O   ? A THR 23  ? A THR 26  ? 1_555 CA ? C CA . ? A CA 201 ? 1_555 O   ? G HOH .   ? A HOH 308 ? 6_554 100.7 ? 
20 OE1 ? A GLU 28  ? A GLU 31  ? 1_555 CA ? C CA . ? A CA 201 ? 1_555 O   ? G HOH .   ? A HOH 308 ? 6_554 82.1  ? 
21 OE2 ? A GLU 28  ? A GLU 31  ? 1_555 CA ? C CA . ? A CA 201 ? 1_555 O   ? G HOH .   ? A HOH 308 ? 6_554 77.3  ? 
22 OD1 ? A ASP 53  ? A ASP 56  ? 1_555 CA ? E CA . ? A CA 203 ? 1_555 OD1 ? A ASP 55  ? A ASP 58  ? 1_555 76.7  ? 
23 OD1 ? A ASP 53  ? A ASP 56  ? 1_555 CA ? E CA . ? A CA 203 ? 1_555 OD1 ? A ASN 57  ? A ASN 60  ? 1_555 78.9  ? 
24 OD1 ? A ASP 55  ? A ASP 58  ? 1_555 CA ? E CA . ? A CA 203 ? 1_555 OD1 ? A ASN 57  ? A ASN 60  ? 1_555 74.4  ? 
25 OD1 ? A ASP 53  ? A ASP 56  ? 1_555 CA ? E CA . ? A CA 203 ? 1_555 O   ? A THR 59  ? A THR 62  ? 1_555 82.4  ? 
26 OD1 ? A ASP 55  ? A ASP 58  ? 1_555 CA ? E CA . ? A CA 203 ? 1_555 O   ? A THR 59  ? A THR 62  ? 1_555 144.6 ? 
27 OD1 ? A ASN 57  ? A ASN 60  ? 1_555 CA ? E CA . ? A CA 203 ? 1_555 O   ? A THR 59  ? A THR 62  ? 1_555 73.7  ? 
28 OD1 ? A ASP 53  ? A ASP 56  ? 1_555 CA ? E CA . ? A CA 203 ? 1_555 OE1 ? A GLU 64  ? A GLU 67  ? 1_555 106.2 ? 
29 OD1 ? A ASP 55  ? A ASP 58  ? 1_555 CA ? E CA . ? A CA 203 ? 1_555 OE1 ? A GLU 64  ? A GLU 67  ? 1_555 133.0 ? 
30 OD1 ? A ASN 57  ? A ASN 60  ? 1_555 CA ? E CA . ? A CA 203 ? 1_555 OE1 ? A GLU 64  ? A GLU 67  ? 1_555 152.5 ? 
31 O   ? A THR 59  ? A THR 62  ? 1_555 CA ? E CA . ? A CA 203 ? 1_555 OE1 ? A GLU 64  ? A GLU 67  ? 1_555 80.1  ? 
32 OD1 ? A ASP 53  ? A ASP 56  ? 1_555 CA ? E CA . ? A CA 203 ? 1_555 OE2 ? A GLU 64  ? A GLU 67  ? 1_555 92.1  ? 
33 OD1 ? A ASP 55  ? A ASP 58  ? 1_555 CA ? E CA . ? A CA 203 ? 1_555 OE2 ? A GLU 64  ? A GLU 67  ? 1_555 81.2  ? 
34 OD1 ? A ASN 57  ? A ASN 60  ? 1_555 CA ? E CA . ? A CA 203 ? 1_555 OE2 ? A GLU 64  ? A GLU 67  ? 1_555 155.4 ? 
35 O   ? A THR 59  ? A THR 62  ? 1_555 CA ? E CA . ? A CA 203 ? 1_555 OE2 ? A GLU 64  ? A GLU 67  ? 1_555 128.2 ? 
36 OE1 ? A GLU 64  ? A GLU 67  ? 1_555 CA ? E CA . ? A CA 203 ? 1_555 OE2 ? A GLU 64  ? A GLU 67  ? 1_555 52.1  ? 
37 OD1 ? A ASP 53  ? A ASP 56  ? 1_555 CA ? E CA . ? A CA 203 ? 1_555 O   ? G HOH .   ? A HOH 301 ? 1_555 162.2 ? 
38 OD1 ? A ASP 55  ? A ASP 58  ? 1_555 CA ? E CA . ? A CA 203 ? 1_555 O   ? G HOH .   ? A HOH 301 ? 1_555 86.0  ? 
39 OD1 ? A ASN 57  ? A ASN 60  ? 1_555 CA ? E CA . ? A CA 203 ? 1_555 O   ? G HOH .   ? A HOH 301 ? 1_555 100.7 ? 
40 O   ? A THR 59  ? A THR 62  ? 1_555 CA ? E CA . ? A CA 203 ? 1_555 O   ? G HOH .   ? A HOH 301 ? 1_555 114.7 ? 
41 OE1 ? A GLU 64  ? A GLU 67  ? 1_555 CA ? E CA . ? A CA 203 ? 1_555 O   ? G HOH .   ? A HOH 301 ? 1_555 82.5  ? 
42 OE2 ? A GLU 64  ? A GLU 67  ? 1_555 CA ? E CA . ? A CA 203 ? 1_555 O   ? G HOH .   ? A HOH 301 ? 1_555 81.0  ? 
43 OD1 ? A ASP 90  ? A ASP 93  ? 1_555 CA ? D CA . ? A CA 202 ? 1_555 OD1 ? A ASP 92  ? A ASP 95  ? 1_555 80.0  ? 
44 OD1 ? A ASP 90  ? A ASP 93  ? 1_555 CA ? D CA . ? A CA 202 ? 1_555 OD1 ? A ASN 94  ? A ASN 97  ? 1_555 89.6  ? 
45 OD1 ? A ASP 92  ? A ASP 95  ? 1_555 CA ? D CA . ? A CA 202 ? 1_555 OD1 ? A ASN 94  ? A ASN 97  ? 1_555 73.7  ? 
46 OD1 ? A ASP 90  ? A ASP 93  ? 1_555 CA ? D CA . ? A CA 202 ? 1_555 O   ? A TYR 96  ? A TYR 99  ? 1_555 85.1  ? 
47 OD1 ? A ASP 92  ? A ASP 95  ? 1_555 CA ? D CA . ? A CA 202 ? 1_555 O   ? A TYR 96  ? A TYR 99  ? 1_555 149.7 ? 
48 OD1 ? A ASN 94  ? A ASN 97  ? 1_555 CA ? D CA . ? A CA 202 ? 1_555 O   ? A TYR 96  ? A TYR 99  ? 1_555 80.0  ? 
49 OD1 ? A ASP 90  ? A ASP 93  ? 1_555 CA ? D CA . ? A CA 202 ? 1_555 OE1 ? A GLU 101 ? A GLU 104 ? 1_555 97.3  ? 
50 OD1 ? A ASP 92  ? A ASP 95  ? 1_555 CA ? D CA . ? A CA 202 ? 1_555 OE1 ? A GLU 101 ? A GLU 104 ? 1_555 125.9 ? 
51 OD1 ? A ASN 94  ? A ASN 97  ? 1_555 CA ? D CA . ? A CA 202 ? 1_555 OE1 ? A GLU 101 ? A GLU 104 ? 1_555 160.1 ? 
52 O   ? A TYR 96  ? A TYR 99  ? 1_555 CA ? D CA . ? A CA 202 ? 1_555 OE1 ? A GLU 101 ? A GLU 104 ? 1_555 81.9  ? 
53 OD1 ? A ASP 90  ? A ASP 93  ? 1_555 CA ? D CA . ? A CA 202 ? 1_555 OE2 ? A GLU 101 ? A GLU 104 ? 1_555 95.4  ? 
54 OD1 ? A ASP 92  ? A ASP 95  ? 1_555 CA ? D CA . ? A CA 202 ? 1_555 OE2 ? A GLU 101 ? A GLU 104 ? 1_555 73.3  ? 
55 OD1 ? A ASN 94  ? A ASN 97  ? 1_555 CA ? D CA . ? A CA 202 ? 1_555 OE2 ? A GLU 101 ? A GLU 104 ? 1_555 145.2 ? 
56 O   ? A TYR 96  ? A TYR 99  ? 1_555 CA ? D CA . ? A CA 202 ? 1_555 OE2 ? A GLU 101 ? A GLU 104 ? 1_555 134.7 ? 
57 OE1 ? A GLU 101 ? A GLU 104 ? 1_555 CA ? D CA . ? A CA 202 ? 1_555 OE2 ? A GLU 101 ? A GLU 104 ? 1_555 53.0  ? 
58 OD1 ? A ASP 90  ? A ASP 93  ? 1_555 CA ? D CA . ? A CA 202 ? 1_555 O   ? G HOH .   ? A HOH 310 ? 1_555 171.2 ? 
59 OD1 ? A ASP 92  ? A ASP 95  ? 1_555 CA ? D CA . ? A CA 202 ? 1_555 O   ? G HOH .   ? A HOH 310 ? 1_555 92.2  ? 
60 OD1 ? A ASN 94  ? A ASN 97  ? 1_555 CA ? D CA . ? A CA 202 ? 1_555 O   ? G HOH .   ? A HOH 310 ? 1_555 92.2  ? 
61 O   ? A TYR 96  ? A TYR 99  ? 1_555 CA ? D CA . ? A CA 202 ? 1_555 O   ? G HOH .   ? A HOH 310 ? 1_555 103.7 ? 
62 OE1 ? A GLU 101 ? A GLU 104 ? 1_555 CA ? D CA . ? A CA 202 ? 1_555 O   ? G HOH .   ? A HOH 310 ? 1_555 83.8  ? 
63 OE2 ? A GLU 101 ? A GLU 104 ? 1_555 CA ? D CA . ? A CA 202 ? 1_555 O   ? G HOH .   ? A HOH 310 ? 1_555 78.2  ? 
64 OD1 ? A ASP 126 ? A ASP 129 ? 1_555 CA ? F CA . ? A CA 204 ? 1_555 OD1 ? A ASP 128 ? A ASP 131 ? 1_555 80.8  ? 
65 OD1 ? A ASP 126 ? A ASP 129 ? 1_555 CA ? F CA . ? A CA 204 ? 1_555 OD1 ? A ASP 130 ? A ASP 133 ? 1_555 89.9  ? 
66 OD1 ? A ASP 128 ? A ASP 131 ? 1_555 CA ? F CA . ? A CA 204 ? 1_555 OD1 ? A ASP 130 ? A ASP 133 ? 1_555 76.8  ? 
67 OD1 ? A ASP 126 ? A ASP 129 ? 1_555 CA ? F CA . ? A CA 204 ? 1_555 O   ? A GLN 132 ? A GLN 135 ? 1_555 85.7  ? 
68 OD1 ? A ASP 128 ? A ASP 131 ? 1_555 CA ? F CA . ? A CA 204 ? 1_555 O   ? A GLN 132 ? A GLN 135 ? 1_555 150.7 ? 
69 OD1 ? A ASP 130 ? A ASP 133 ? 1_555 CA ? F CA . ? A CA 204 ? 1_555 O   ? A GLN 132 ? A GLN 135 ? 1_555 77.2  ? 
70 OD1 ? A ASP 126 ? A ASP 129 ? 1_555 CA ? F CA . ? A CA 204 ? 1_555 OE1 ? A GLU 137 ? A GLU 140 ? 1_555 112.6 ? 
71 OD1 ? A ASP 128 ? A ASP 131 ? 1_555 CA ? F CA . ? A CA 204 ? 1_555 OE1 ? A GLU 137 ? A GLU 140 ? 1_555 131.3 ? 
72 OD1 ? A ASP 130 ? A ASP 133 ? 1_555 CA ? F CA . ? A CA 204 ? 1_555 OE1 ? A GLU 137 ? A GLU 140 ? 1_555 144.9 ? 
73 O   ? A GLN 132 ? A GLN 135 ? 1_555 CA ? F CA . ? A CA 204 ? 1_555 OE1 ? A GLU 137 ? A GLU 140 ? 1_555 78.0  ? 
74 OD1 ? A ASP 126 ? A ASP 129 ? 1_555 CA ? F CA . ? A CA 204 ? 1_555 OE2 ? A GLU 137 ? A GLU 140 ? 1_555 87.8  ? 
75 OD1 ? A ASP 128 ? A ASP 131 ? 1_555 CA ? F CA . ? A CA 204 ? 1_555 OE2 ? A GLU 137 ? A GLU 140 ? 1_555 83.5  ? 
76 OD1 ? A ASP 130 ? A ASP 133 ? 1_555 CA ? F CA . ? A CA 204 ? 1_555 OE2 ? A GLU 137 ? A GLU 140 ? 1_555 160.3 ? 
77 O   ? A GLN 132 ? A GLN 135 ? 1_555 CA ? F CA . ? A CA 204 ? 1_555 OE2 ? A GLU 137 ? A GLU 140 ? 1_555 122.1 ? 
78 OE1 ? A GLU 137 ? A GLU 140 ? 1_555 CA ? F CA . ? A CA 204 ? 1_555 OE2 ? A GLU 137 ? A GLU 140 ? 1_555 52.3  ? 
79 OD1 ? A ASP 126 ? A ASP 129 ? 1_555 CA ? F CA . ? A CA 204 ? 1_555 O   ? G HOH .   ? A HOH 302 ? 1_555 162.1 ? 
80 OD1 ? A ASP 128 ? A ASP 131 ? 1_555 CA ? F CA . ? A CA 204 ? 1_555 O   ? G HOH .   ? A HOH 302 ? 1_555 88.8  ? 
81 OD1 ? A ASP 130 ? A ASP 133 ? 1_555 CA ? F CA . ? A CA 204 ? 1_555 O   ? G HOH .   ? A HOH 302 ? 1_555 73.5  ? 
82 O   ? A GLN 132 ? A GLN 135 ? 1_555 CA ? F CA . ? A CA 204 ? 1_555 O   ? G HOH .   ? A HOH 302 ? 1_555 96.8  ? 
83 OE1 ? A GLU 137 ? A GLU 140 ? 1_555 CA ? F CA . ? A CA 204 ? 1_555 O   ? G HOH .   ? A HOH 302 ? 1_555 85.2  ? 
84 OE2 ? A GLU 137 ? A GLU 140 ? 1_555 CA ? F CA . ? A CA 204 ? 1_555 O   ? G HOH .   ? A HOH 302 ? 1_555 105.5 ? 
# 
loop_
_pdbx_audit_revision_history.ordinal 
_pdbx_audit_revision_history.data_content_type 
_pdbx_audit_revision_history.major_revision 
_pdbx_audit_revision_history.minor_revision 
_pdbx_audit_revision_history.revision_date 
1 'Structure model' 1 0 2017-02-22 
2 'Structure model' 1 1 2017-09-27 
3 'Structure model' 1 2 2017-10-04 
4 'Structure model' 1 3 2019-12-04 
5 'Structure model' 1 4 2023-09-27 
# 
_pdbx_audit_revision_details.ordinal             1 
_pdbx_audit_revision_details.revision_ordinal    1 
_pdbx_audit_revision_details.data_content_type   'Structure model' 
_pdbx_audit_revision_details.provider            repository 
_pdbx_audit_revision_details.type                'Initial release' 
_pdbx_audit_revision_details.description         ? 
_pdbx_audit_revision_details.details             ? 
# 
loop_
_pdbx_audit_revision_group.ordinal 
_pdbx_audit_revision_group.revision_ordinal 
_pdbx_audit_revision_group.data_content_type 
_pdbx_audit_revision_group.group 
1 2 'Structure model' 'Author supporting evidence' 
2 3 'Structure model' 'Author supporting evidence' 
3 4 'Structure model' 'Author supporting evidence' 
4 5 'Structure model' 'Data collection'            
5 5 'Structure model' 'Database references'        
6 5 'Structure model' 'Derived calculations'       
7 5 'Structure model' 'Refinement description'     
# 
loop_
_pdbx_audit_revision_category.ordinal 
_pdbx_audit_revision_category.revision_ordinal 
_pdbx_audit_revision_category.data_content_type 
_pdbx_audit_revision_category.category 
1 2 'Structure model' pdbx_audit_support            
2 3 'Structure model' pdbx_audit_support            
3 4 'Structure model' pdbx_audit_support            
4 5 'Structure model' chem_comp_atom                
5 5 'Structure model' chem_comp_bond                
6 5 'Structure model' database_2                    
7 5 'Structure model' pdbx_initial_refinement_model 
8 5 'Structure model' struct_conn                   
# 
loop_
_pdbx_audit_revision_item.ordinal 
_pdbx_audit_revision_item.revision_ordinal 
_pdbx_audit_revision_item.data_content_type 
_pdbx_audit_revision_item.item 
1  2 'Structure model' '_pdbx_audit_support.funding_organization' 
2  3 'Structure model' '_pdbx_audit_support.funding_organization' 
3  4 'Structure model' '_pdbx_audit_support.funding_organization' 
4  5 'Structure model' '_database_2.pdbx_DOI'                     
5  5 'Structure model' '_database_2.pdbx_database_accession'      
6  5 'Structure model' '_struct_conn.pdbx_dist_value'             
7  5 'Structure model' '_struct_conn.ptnr1_auth_seq_id'           
8  5 'Structure model' '_struct_conn.ptnr1_label_asym_id'         
9  5 'Structure model' '_struct_conn.ptnr2_auth_seq_id'           
10 5 'Structure model' '_struct_conn.ptnr2_symmetry'              
# 
loop_
_software.citation_id 
_software.classification 
_software.compiler_name 
_software.compiler_version 
_software.contact_author 
_software.contact_author_email 
_software.date 
_software.description 
_software.dependencies 
_software.hardware 
_software.language 
_software.location 
_software.mods 
_software.name 
_software.os 
_software.os_version 
_software.type 
_software.version 
_software.pdbx_ordinal 
? refinement        ? ? ? ? ? ? ? ? ? ? ? REFMAC         ? ? ? 5.8.0124 1 
? 'data scaling'    ? ? ? ? ? ? ? ? ? ? ? SCALEPACK      ? ? ? .        2 
? phasing           ? ? ? ? ? ? ? ? ? ? ? PHASER         ? ? ? 2.5.7    3 
? 'data extraction' ? ? ? ? ? ? ? ? ? ? ? PDB_EXTRACT    ? ? ? 3.15     4 
? 'data reduction'  ? ? ? ? ? ? ? ? ? ? ? 'PROTEUM PLUS' ? ? ? .        5 
# 
loop_
_pdbx_validate_torsion.id 
_pdbx_validate_torsion.PDB_model_num 
_pdbx_validate_torsion.auth_comp_id 
_pdbx_validate_torsion.auth_asym_id 
_pdbx_validate_torsion.auth_seq_id 
_pdbx_validate_torsion.PDB_ins_code 
_pdbx_validate_torsion.label_alt_id 
_pdbx_validate_torsion.phi 
_pdbx_validate_torsion.psi 
1 1 GLU A 7  ? ? -25.62 -54.37 
2 1 GLN A 41 ? ? 68.75  -56.04 
3 1 ASN A 42 ? ? 34.06  46.85  
# 
loop_
_pdbx_unobs_or_zero_occ_atoms.id 
_pdbx_unobs_or_zero_occ_atoms.PDB_model_num 
_pdbx_unobs_or_zero_occ_atoms.polymer_flag 
_pdbx_unobs_or_zero_occ_atoms.occupancy_flag 
_pdbx_unobs_or_zero_occ_atoms.auth_asym_id 
_pdbx_unobs_or_zero_occ_atoms.auth_comp_id 
_pdbx_unobs_or_zero_occ_atoms.auth_seq_id 
_pdbx_unobs_or_zero_occ_atoms.PDB_ins_code 
_pdbx_unobs_or_zero_occ_atoms.auth_atom_id 
_pdbx_unobs_or_zero_occ_atoms.label_alt_id 
_pdbx_unobs_or_zero_occ_atoms.label_asym_id 
_pdbx_unobs_or_zero_occ_atoms.label_comp_id 
_pdbx_unobs_or_zero_occ_atoms.label_seq_id 
_pdbx_unobs_or_zero_occ_atoms.label_atom_id 
1  1 Y 1 A GLU 6    ? CG  ? A GLU 3   CG  
2  1 Y 1 A GLU 6    ? CD  ? A GLU 3   CD  
3  1 Y 1 A GLU 6    ? OE1 ? A GLU 3   OE1 
4  1 Y 1 A GLU 6    ? OE2 ? A GLU 3   OE2 
5  1 Y 1 A LYS 21   ? CG  ? A LYS 18  CG  
6  1 Y 1 A LYS 21   ? CD  ? A LYS 18  CD  
7  1 Y 1 A LYS 21   ? CE  ? A LYS 18  CE  
8  1 Y 1 A LYS 21   ? NZ  ? A LYS 18  NZ  
9  1 Y 1 A LYS 30   ? CG  ? A LYS 27  CG  
10 1 Y 1 A LYS 30   ? CD  ? A LYS 27  CD  
11 1 Y 1 A LYS 30   ? CE  ? A LYS 27  CE  
12 1 Y 1 A LYS 30   ? NZ  ? A LYS 27  NZ  
13 1 Y 1 A GLN 41   ? CG  ? A GLN 38  CG  
14 1 Y 1 A GLN 41   ? CD  ? A GLN 38  CD  
15 1 Y 1 A GLN 41   ? OE1 ? A GLN 38  OE1 
16 1 Y 1 A GLN 41   ? NE2 ? A GLN 38  NE2 
17 1 Y 1 A ASN 42   ? CG  ? A ASN 39  CG  
18 1 Y 1 A ASN 42   ? OD1 ? A ASN 39  OD1 
19 1 Y 1 A ASN 42   ? ND2 ? A ASN 39  ND2 
20 1 Y 1 A GLU 45   ? CG  ? A GLU 42  CG  
21 1 Y 1 A GLU 45   ? CD  ? A GLU 42  CD  
22 1 Y 1 A GLU 45   ? OE1 ? A GLU 42  OE1 
23 1 Y 1 A GLU 45   ? OE2 ? A GLU 42  OE2 
24 1 Y 1 A GLU 47   ? CG  ? A GLU 44  CG  
25 1 Y 1 A GLU 47   ? CD  ? A GLU 44  CD  
26 1 Y 1 A GLU 47   ? OE1 ? A GLU 44  OE1 
27 1 Y 1 A GLU 47   ? OE2 ? A GLU 44  OE2 
28 1 Y 1 A GLN 49   ? CG  ? A GLN 46  CG  
29 1 Y 1 A GLN 49   ? CD  ? A GLN 46  CD  
30 1 Y 1 A GLN 49   ? OE1 ? A GLN 46  OE1 
31 1 Y 1 A GLN 49   ? NE2 ? A GLN 46  NE2 
32 1 Y 1 A GLU 54   ? CG  ? A GLU 51  CG  
33 1 Y 1 A GLU 54   ? CD  ? A GLU 51  CD  
34 1 Y 1 A GLU 54   ? OE1 ? A GLU 51  OE1 
35 1 Y 1 A GLU 54   ? OE2 ? A GLU 51  OE2 
36 1 Y 1 A ARG 74   ? CD  ? A ARG 71  CD  
37 1 Y 1 A ARG 74   ? NE  ? A ARG 71  NE  
38 1 Y 1 A ARG 74   ? CZ  ? A ARG 71  CZ  
39 1 Y 1 A ARG 74   ? NH1 ? A ARG 71  NH1 
40 1 Y 1 A ARG 74   ? NH2 ? A ARG 71  NH2 
41 1 Y 1 A LYS 77   ? CG  ? A LYS 74  CG  
42 1 Y 1 A LYS 77   ? CD  ? A LYS 74  CD  
43 1 Y 1 A LYS 77   ? CE  ? A LYS 74  CE  
44 1 Y 1 A LYS 77   ? NZ  ? A LYS 74  NZ  
45 1 Y 1 A ARG 86   ? CG  ? A ARG 83  CG  
46 1 Y 1 A ARG 86   ? CD  ? A ARG 83  CD  
47 1 Y 1 A ARG 86   ? NE  ? A ARG 83  NE  
48 1 Y 1 A ARG 86   ? CZ  ? A ARG 83  CZ  
49 1 Y 1 A ARG 86   ? NH1 ? A ARG 83  NH1 
50 1 Y 1 A ARG 86   ? NH2 ? A ARG 83  NH2 
51 1 Y 1 A LYS 115  ? CG  ? A LYS 112 CG  
52 1 Y 1 A LYS 115  ? CD  ? A LYS 112 CD  
53 1 Y 1 A LYS 115  ? CE  ? A LYS 112 CE  
54 1 Y 1 A LYS 115  ? NZ  ? A LYS 112 NZ  
55 1 Y 1 A GLU 139  ? CG  ? A GLU 136 CG  
56 1 Y 1 A GLU 139  ? CD  ? A GLU 136 CD  
57 1 Y 1 A GLU 139  ? OE1 ? A GLU 136 OE1 
58 1 Y 1 A GLU 139  ? OE2 ? A GLU 136 OE2 
59 1 Y 1 A LYS 148  ? CG  ? A LYS 145 CG  
60 1 Y 1 A LYS 148  ? CD  ? A LYS 145 CD  
61 1 Y 1 A LYS 148  ? CE  ? A LYS 145 CE  
62 1 Y 1 A LYS 148  ? NZ  ? A LYS 145 NZ  
63 1 Y 1 C LYS 1527 ? CG  ? B LYS 49  CG  
64 1 Y 1 C LYS 1527 ? CD  ? B LYS 49  CD  
65 1 Y 1 C LYS 1527 ? CE  ? B LYS 49  CE  
66 1 Y 1 C LYS 1527 ? NZ  ? B LYS 49  NZ  
# 
loop_
_pdbx_unobs_or_zero_occ_residues.id 
_pdbx_unobs_or_zero_occ_residues.PDB_model_num 
_pdbx_unobs_or_zero_occ_residues.polymer_flag 
_pdbx_unobs_or_zero_occ_residues.occupancy_flag 
_pdbx_unobs_or_zero_occ_residues.auth_asym_id 
_pdbx_unobs_or_zero_occ_residues.auth_comp_id 
_pdbx_unobs_or_zero_occ_residues.auth_seq_id 
_pdbx_unobs_or_zero_occ_residues.PDB_ins_code 
_pdbx_unobs_or_zero_occ_residues.label_asym_id 
_pdbx_unobs_or_zero_occ_residues.label_comp_id 
_pdbx_unobs_or_zero_occ_residues.label_seq_id 
1  1 Y 1 C GLY 1479 ? B GLY 1  
2  1 Y 1 C PRO 1480 ? B PRO 2  
3  1 Y 1 C GLY 1481 ? B GLY 3  
4  1 Y 1 C SER 1482 ? B SER 4  
5  1 Y 1 C GLN 1483 ? B GLN 5  
6  1 Y 1 C ASP 1484 ? B ASP 6  
7  1 Y 1 C ILE 1485 ? B ILE 7  
8  1 Y 1 C PHE 1486 ? B PHE 8  
9  1 Y 1 C MET 1487 ? B MET 9  
10 1 Y 1 C THR 1488 ? B THR 10 
11 1 Y 1 C GLU 1489 ? B GLU 11 
12 1 Y 1 C GLU 1490 ? B GLU 12 
13 1 Y 1 C GLN 1491 ? B GLN 13 
14 1 Y 1 C LYS 1492 ? B LYS 14 
15 1 Y 1 C LYS 1493 ? B LYS 15 
16 1 Y 1 C TYR 1494 ? B TYR 16 
17 1 Y 1 C TYR 1495 ? B TYR 17 
18 1 Y 1 C ASN 1496 ? B ASN 18 
19 1 Y 1 C ALA 1497 ? B ALA 19 
20 1 Y 1 C MET 1498 ? B MET 20 
21 1 Y 1 C LYS 1499 ? B LYS 21 
22 1 Y 1 C LYS 1500 ? B LYS 22 
23 1 Y 1 C LEU 1501 ? B LEU 23 
24 1 Y 1 C GLY 1502 ? B GLY 24 
25 1 Y 1 C SER 1503 ? B SER 25 
26 1 Y 1 C LYS 1504 ? B LYS 26 
27 1 Y 1 C LYS 1505 ? B LYS 27 
28 1 Y 1 C PRO 1506 ? B PRO 28 
29 1 Y 1 C GLN 1507 ? B GLN 29 
30 1 Y 1 C LYS 1508 ? B LYS 30 
31 1 Y 1 C PRO 1509 ? B PRO 31 
32 1 Y 1 C ILE 1510 ? B ILE 32 
33 1 Y 1 C PRO 1511 ? B PRO 33 
34 1 Y 1 C ARG 1512 ? B ARG 34 
35 1 Y 1 C PRO 1513 ? B PRO 35 
36 1 Y 1 C GLN 1528 ? B GLN 50 
37 1 Y 1 C ALA 1529 ? B ALA 51 
# 
loop_
_chem_comp_atom.comp_id 
_chem_comp_atom.atom_id 
_chem_comp_atom.type_symbol 
_chem_comp_atom.pdbx_aromatic_flag 
_chem_comp_atom.pdbx_stereo_config 
_chem_comp_atom.pdbx_ordinal 
ALA N    N  N N 1   
ALA CA   C  N S 2   
ALA C    C  N N 3   
ALA O    O  N N 4   
ALA CB   C  N N 5   
ALA OXT  O  N N 6   
ALA H    H  N N 7   
ALA H2   H  N N 8   
ALA HA   H  N N 9   
ALA HB1  H  N N 10  
ALA HB2  H  N N 11  
ALA HB3  H  N N 12  
ALA HXT  H  N N 13  
ARG N    N  N N 14  
ARG CA   C  N S 15  
ARG C    C  N N 16  
ARG O    O  N N 17  
ARG CB   C  N N 18  
ARG CG   C  N N 19  
ARG CD   C  N N 20  
ARG NE   N  N N 21  
ARG CZ   C  N N 22  
ARG NH1  N  N N 23  
ARG NH2  N  N N 24  
ARG OXT  O  N N 25  
ARG H    H  N N 26  
ARG H2   H  N N 27  
ARG HA   H  N N 28  
ARG HB2  H  N N 29  
ARG HB3  H  N N 30  
ARG HG2  H  N N 31  
ARG HG3  H  N N 32  
ARG HD2  H  N N 33  
ARG HD3  H  N N 34  
ARG HE   H  N N 35  
ARG HH11 H  N N 36  
ARG HH12 H  N N 37  
ARG HH21 H  N N 38  
ARG HH22 H  N N 39  
ARG HXT  H  N N 40  
ASN N    N  N N 41  
ASN CA   C  N S 42  
ASN C    C  N N 43  
ASN O    O  N N 44  
ASN CB   C  N N 45  
ASN CG   C  N N 46  
ASN OD1  O  N N 47  
ASN ND2  N  N N 48  
ASN OXT  O  N N 49  
ASN H    H  N N 50  
ASN H2   H  N N 51  
ASN HA   H  N N 52  
ASN HB2  H  N N 53  
ASN HB3  H  N N 54  
ASN HD21 H  N N 55  
ASN HD22 H  N N 56  
ASN HXT  H  N N 57  
ASP N    N  N N 58  
ASP CA   C  N S 59  
ASP C    C  N N 60  
ASP O    O  N N 61  
ASP CB   C  N N 62  
ASP CG   C  N N 63  
ASP OD1  O  N N 64  
ASP OD2  O  N N 65  
ASP OXT  O  N N 66  
ASP H    H  N N 67  
ASP H2   H  N N 68  
ASP HA   H  N N 69  
ASP HB2  H  N N 70  
ASP HB3  H  N N 71  
ASP HD2  H  N N 72  
ASP HXT  H  N N 73  
CA  CA   CA N N 74  
GLN N    N  N N 75  
GLN CA   C  N S 76  
GLN C    C  N N 77  
GLN O    O  N N 78  
GLN CB   C  N N 79  
GLN CG   C  N N 80  
GLN CD   C  N N 81  
GLN OE1  O  N N 82  
GLN NE2  N  N N 83  
GLN OXT  O  N N 84  
GLN H    H  N N 85  
GLN H2   H  N N 86  
GLN HA   H  N N 87  
GLN HB2  H  N N 88  
GLN HB3  H  N N 89  
GLN HG2  H  N N 90  
GLN HG3  H  N N 91  
GLN HE21 H  N N 92  
GLN HE22 H  N N 93  
GLN HXT  H  N N 94  
GLU N    N  N N 95  
GLU CA   C  N S 96  
GLU C    C  N N 97  
GLU O    O  N N 98  
GLU CB   C  N N 99  
GLU CG   C  N N 100 
GLU CD   C  N N 101 
GLU OE1  O  N N 102 
GLU OE2  O  N N 103 
GLU OXT  O  N N 104 
GLU H    H  N N 105 
GLU H2   H  N N 106 
GLU HA   H  N N 107 
GLU HB2  H  N N 108 
GLU HB3  H  N N 109 
GLU HG2  H  N N 110 
GLU HG3  H  N N 111 
GLU HE2  H  N N 112 
GLU HXT  H  N N 113 
GLY N    N  N N 114 
GLY CA   C  N N 115 
GLY C    C  N N 116 
GLY O    O  N N 117 
GLY OXT  O  N N 118 
GLY H    H  N N 119 
GLY H2   H  N N 120 
GLY HA2  H  N N 121 
GLY HA3  H  N N 122 
GLY HXT  H  N N 123 
HIS N    N  N N 124 
HIS CA   C  N S 125 
HIS C    C  N N 126 
HIS O    O  N N 127 
HIS CB   C  N N 128 
HIS CG   C  Y N 129 
HIS ND1  N  Y N 130 
HIS CD2  C  Y N 131 
HIS CE1  C  Y N 132 
HIS NE2  N  Y N 133 
HIS OXT  O  N N 134 
HIS H    H  N N 135 
HIS H2   H  N N 136 
HIS HA   H  N N 137 
HIS HB2  H  N N 138 
HIS HB3  H  N N 139 
HIS HD1  H  N N 140 
HIS HD2  H  N N 141 
HIS HE1  H  N N 142 
HIS HE2  H  N N 143 
HIS HXT  H  N N 144 
HOH O    O  N N 145 
HOH H1   H  N N 146 
HOH H2   H  N N 147 
ILE N    N  N N 148 
ILE CA   C  N S 149 
ILE C    C  N N 150 
ILE O    O  N N 151 
ILE CB   C  N S 152 
ILE CG1  C  N N 153 
ILE CG2  C  N N 154 
ILE CD1  C  N N 155 
ILE OXT  O  N N 156 
ILE H    H  N N 157 
ILE H2   H  N N 158 
ILE HA   H  N N 159 
ILE HB   H  N N 160 
ILE HG12 H  N N 161 
ILE HG13 H  N N 162 
ILE HG21 H  N N 163 
ILE HG22 H  N N 164 
ILE HG23 H  N N 165 
ILE HD11 H  N N 166 
ILE HD12 H  N N 167 
ILE HD13 H  N N 168 
ILE HXT  H  N N 169 
LEU N    N  N N 170 
LEU CA   C  N S 171 
LEU C    C  N N 172 
LEU O    O  N N 173 
LEU CB   C  N N 174 
LEU CG   C  N N 175 
LEU CD1  C  N N 176 
LEU CD2  C  N N 177 
LEU OXT  O  N N 178 
LEU H    H  N N 179 
LEU H2   H  N N 180 
LEU HA   H  N N 181 
LEU HB2  H  N N 182 
LEU HB3  H  N N 183 
LEU HG   H  N N 184 
LEU HD11 H  N N 185 
LEU HD12 H  N N 186 
LEU HD13 H  N N 187 
LEU HD21 H  N N 188 
LEU HD22 H  N N 189 
LEU HD23 H  N N 190 
LEU HXT  H  N N 191 
LYS N    N  N N 192 
LYS CA   C  N S 193 
LYS C    C  N N 194 
LYS O    O  N N 195 
LYS CB   C  N N 196 
LYS CG   C  N N 197 
LYS CD   C  N N 198 
LYS CE   C  N N 199 
LYS NZ   N  N N 200 
LYS OXT  O  N N 201 
LYS H    H  N N 202 
LYS H2   H  N N 203 
LYS HA   H  N N 204 
LYS HB2  H  N N 205 
LYS HB3  H  N N 206 
LYS HG2  H  N N 207 
LYS HG3  H  N N 208 
LYS HD2  H  N N 209 
LYS HD3  H  N N 210 
LYS HE2  H  N N 211 
LYS HE3  H  N N 212 
LYS HZ1  H  N N 213 
LYS HZ2  H  N N 214 
LYS HZ3  H  N N 215 
LYS HXT  H  N N 216 
MET N    N  N N 217 
MET CA   C  N S 218 
MET C    C  N N 219 
MET O    O  N N 220 
MET CB   C  N N 221 
MET CG   C  N N 222 
MET SD   S  N N 223 
MET CE   C  N N 224 
MET OXT  O  N N 225 
MET H    H  N N 226 
MET H2   H  N N 227 
MET HA   H  N N 228 
MET HB2  H  N N 229 
MET HB3  H  N N 230 
MET HG2  H  N N 231 
MET HG3  H  N N 232 
MET HE1  H  N N 233 
MET HE2  H  N N 234 
MET HE3  H  N N 235 
MET HXT  H  N N 236 
PHE N    N  N N 237 
PHE CA   C  N S 238 
PHE C    C  N N 239 
PHE O    O  N N 240 
PHE CB   C  N N 241 
PHE CG   C  Y N 242 
PHE CD1  C  Y N 243 
PHE CD2  C  Y N 244 
PHE CE1  C  Y N 245 
PHE CE2  C  Y N 246 
PHE CZ   C  Y N 247 
PHE OXT  O  N N 248 
PHE H    H  N N 249 
PHE H2   H  N N 250 
PHE HA   H  N N 251 
PHE HB2  H  N N 252 
PHE HB3  H  N N 253 
PHE HD1  H  N N 254 
PHE HD2  H  N N 255 
PHE HE1  H  N N 256 
PHE HE2  H  N N 257 
PHE HZ   H  N N 258 
PHE HXT  H  N N 259 
PRO N    N  N N 260 
PRO CA   C  N S 261 
PRO C    C  N N 262 
PRO O    O  N N 263 
PRO CB   C  N N 264 
PRO CG   C  N N 265 
PRO CD   C  N N 266 
PRO OXT  O  N N 267 
PRO H    H  N N 268 
PRO HA   H  N N 269 
PRO HB2  H  N N 270 
PRO HB3  H  N N 271 
PRO HG2  H  N N 272 
PRO HG3  H  N N 273 
PRO HD2  H  N N 274 
PRO HD3  H  N N 275 
PRO HXT  H  N N 276 
SER N    N  N N 277 
SER CA   C  N S 278 
SER C    C  N N 279 
SER O    O  N N 280 
SER CB   C  N N 281 
SER OG   O  N N 282 
SER OXT  O  N N 283 
SER H    H  N N 284 
SER H2   H  N N 285 
SER HA   H  N N 286 
SER HB2  H  N N 287 
SER HB3  H  N N 288 
SER HG   H  N N 289 
SER HXT  H  N N 290 
THR N    N  N N 291 
THR CA   C  N S 292 
THR C    C  N N 293 
THR O    O  N N 294 
THR CB   C  N R 295 
THR OG1  O  N N 296 
THR CG2  C  N N 297 
THR OXT  O  N N 298 
THR H    H  N N 299 
THR H2   H  N N 300 
THR HA   H  N N 301 
THR HB   H  N N 302 
THR HG1  H  N N 303 
THR HG21 H  N N 304 
THR HG22 H  N N 305 
THR HG23 H  N N 306 
THR HXT  H  N N 307 
TYR N    N  N N 308 
TYR CA   C  N S 309 
TYR C    C  N N 310 
TYR O    O  N N 311 
TYR CB   C  N N 312 
TYR CG   C  Y N 313 
TYR CD1  C  Y N 314 
TYR CD2  C  Y N 315 
TYR CE1  C  Y N 316 
TYR CE2  C  Y N 317 
TYR CZ   C  Y N 318 
TYR OH   O  N N 319 
TYR OXT  O  N N 320 
TYR H    H  N N 321 
TYR H2   H  N N 322 
TYR HA   H  N N 323 
TYR HB2  H  N N 324 
TYR HB3  H  N N 325 
TYR HD1  H  N N 326 
TYR HD2  H  N N 327 
TYR HE1  H  N N 328 
TYR HE2  H  N N 329 
TYR HH   H  N N 330 
TYR HXT  H  N N 331 
VAL N    N  N N 332 
VAL CA   C  N S 333 
VAL C    C  N N 334 
VAL O    O  N N 335 
VAL CB   C  N N 336 
VAL CG1  C  N N 337 
VAL CG2  C  N N 338 
VAL OXT  O  N N 339 
VAL H    H  N N 340 
VAL H2   H  N N 341 
VAL HA   H  N N 342 
VAL HB   H  N N 343 
VAL HG11 H  N N 344 
VAL HG12 H  N N 345 
VAL HG13 H  N N 346 
VAL HG21 H  N N 347 
VAL HG22 H  N N 348 
VAL HG23 H  N N 349 
VAL HXT  H  N N 350 
# 
loop_
_chem_comp_bond.comp_id 
_chem_comp_bond.atom_id_1 
_chem_comp_bond.atom_id_2 
_chem_comp_bond.value_order 
_chem_comp_bond.pdbx_aromatic_flag 
_chem_comp_bond.pdbx_stereo_config 
_chem_comp_bond.pdbx_ordinal 
ALA N   CA   sing N N 1   
ALA N   H    sing N N 2   
ALA N   H2   sing N N 3   
ALA CA  C    sing N N 4   
ALA CA  CB   sing N N 5   
ALA CA  HA   sing N N 6   
ALA C   O    doub N N 7   
ALA C   OXT  sing N N 8   
ALA CB  HB1  sing N N 9   
ALA CB  HB2  sing N N 10  
ALA CB  HB3  sing N N 11  
ALA OXT HXT  sing N N 12  
ARG N   CA   sing N N 13  
ARG N   H    sing N N 14  
ARG N   H2   sing N N 15  
ARG CA  C    sing N N 16  
ARG CA  CB   sing N N 17  
ARG CA  HA   sing N N 18  
ARG C   O    doub N N 19  
ARG C   OXT  sing N N 20  
ARG CB  CG   sing N N 21  
ARG CB  HB2  sing N N 22  
ARG CB  HB3  sing N N 23  
ARG CG  CD   sing N N 24  
ARG CG  HG2  sing N N 25  
ARG CG  HG3  sing N N 26  
ARG CD  NE   sing N N 27  
ARG CD  HD2  sing N N 28  
ARG CD  HD3  sing N N 29  
ARG NE  CZ   sing N N 30  
ARG NE  HE   sing N N 31  
ARG CZ  NH1  sing N N 32  
ARG CZ  NH2  doub N N 33  
ARG NH1 HH11 sing N N 34  
ARG NH1 HH12 sing N N 35  
ARG NH2 HH21 sing N N 36  
ARG NH2 HH22 sing N N 37  
ARG OXT HXT  sing N N 38  
ASN N   CA   sing N N 39  
ASN N   H    sing N N 40  
ASN N   H2   sing N N 41  
ASN CA  C    sing N N 42  
ASN CA  CB   sing N N 43  
ASN CA  HA   sing N N 44  
ASN C   O    doub N N 45  
ASN C   OXT  sing N N 46  
ASN CB  CG   sing N N 47  
ASN CB  HB2  sing N N 48  
ASN CB  HB3  sing N N 49  
ASN CG  OD1  doub N N 50  
ASN CG  ND2  sing N N 51  
ASN ND2 HD21 sing N N 52  
ASN ND2 HD22 sing N N 53  
ASN OXT HXT  sing N N 54  
ASP N   CA   sing N N 55  
ASP N   H    sing N N 56  
ASP N   H2   sing N N 57  
ASP CA  C    sing N N 58  
ASP CA  CB   sing N N 59  
ASP CA  HA   sing N N 60  
ASP C   O    doub N N 61  
ASP C   OXT  sing N N 62  
ASP CB  CG   sing N N 63  
ASP CB  HB2  sing N N 64  
ASP CB  HB3  sing N N 65  
ASP CG  OD1  doub N N 66  
ASP CG  OD2  sing N N 67  
ASP OD2 HD2  sing N N 68  
ASP OXT HXT  sing N N 69  
GLN N   CA   sing N N 70  
GLN N   H    sing N N 71  
GLN N   H2   sing N N 72  
GLN CA  C    sing N N 73  
GLN CA  CB   sing N N 74  
GLN CA  HA   sing N N 75  
GLN C   O    doub N N 76  
GLN C   OXT  sing N N 77  
GLN CB  CG   sing N N 78  
GLN CB  HB2  sing N N 79  
GLN CB  HB3  sing N N 80  
GLN CG  CD   sing N N 81  
GLN CG  HG2  sing N N 82  
GLN CG  HG3  sing N N 83  
GLN CD  OE1  doub N N 84  
GLN CD  NE2  sing N N 85  
GLN NE2 HE21 sing N N 86  
GLN NE2 HE22 sing N N 87  
GLN OXT HXT  sing N N 88  
GLU N   CA   sing N N 89  
GLU N   H    sing N N 90  
GLU N   H2   sing N N 91  
GLU CA  C    sing N N 92  
GLU CA  CB   sing N N 93  
GLU CA  HA   sing N N 94  
GLU C   O    doub N N 95  
GLU C   OXT  sing N N 96  
GLU CB  CG   sing N N 97  
GLU CB  HB2  sing N N 98  
GLU CB  HB3  sing N N 99  
GLU CG  CD   sing N N 100 
GLU CG  HG2  sing N N 101 
GLU CG  HG3  sing N N 102 
GLU CD  OE1  doub N N 103 
GLU CD  OE2  sing N N 104 
GLU OE2 HE2  sing N N 105 
GLU OXT HXT  sing N N 106 
GLY N   CA   sing N N 107 
GLY N   H    sing N N 108 
GLY N   H2   sing N N 109 
GLY CA  C    sing N N 110 
GLY CA  HA2  sing N N 111 
GLY CA  HA3  sing N N 112 
GLY C   O    doub N N 113 
GLY C   OXT  sing N N 114 
GLY OXT HXT  sing N N 115 
HIS N   CA   sing N N 116 
HIS N   H    sing N N 117 
HIS N   H2   sing N N 118 
HIS CA  C    sing N N 119 
HIS CA  CB   sing N N 120 
HIS CA  HA   sing N N 121 
HIS C   O    doub N N 122 
HIS C   OXT  sing N N 123 
HIS CB  CG   sing N N 124 
HIS CB  HB2  sing N N 125 
HIS CB  HB3  sing N N 126 
HIS CG  ND1  sing Y N 127 
HIS CG  CD2  doub Y N 128 
HIS ND1 CE1  doub Y N 129 
HIS ND1 HD1  sing N N 130 
HIS CD2 NE2  sing Y N 131 
HIS CD2 HD2  sing N N 132 
HIS CE1 NE2  sing Y N 133 
HIS CE1 HE1  sing N N 134 
HIS NE2 HE2  sing N N 135 
HIS OXT HXT  sing N N 136 
HOH O   H1   sing N N 137 
HOH O   H2   sing N N 138 
ILE N   CA   sing N N 139 
ILE N   H    sing N N 140 
ILE N   H2   sing N N 141 
ILE CA  C    sing N N 142 
ILE CA  CB   sing N N 143 
ILE CA  HA   sing N N 144 
ILE C   O    doub N N 145 
ILE C   OXT  sing N N 146 
ILE CB  CG1  sing N N 147 
ILE CB  CG2  sing N N 148 
ILE CB  HB   sing N N 149 
ILE CG1 CD1  sing N N 150 
ILE CG1 HG12 sing N N 151 
ILE CG1 HG13 sing N N 152 
ILE CG2 HG21 sing N N 153 
ILE CG2 HG22 sing N N 154 
ILE CG2 HG23 sing N N 155 
ILE CD1 HD11 sing N N 156 
ILE CD1 HD12 sing N N 157 
ILE CD1 HD13 sing N N 158 
ILE OXT HXT  sing N N 159 
LEU N   CA   sing N N 160 
LEU N   H    sing N N 161 
LEU N   H2   sing N N 162 
LEU CA  C    sing N N 163 
LEU CA  CB   sing N N 164 
LEU CA  HA   sing N N 165 
LEU C   O    doub N N 166 
LEU C   OXT  sing N N 167 
LEU CB  CG   sing N N 168 
LEU CB  HB2  sing N N 169 
LEU CB  HB3  sing N N 170 
LEU CG  CD1  sing N N 171 
LEU CG  CD2  sing N N 172 
LEU CG  HG   sing N N 173 
LEU CD1 HD11 sing N N 174 
LEU CD1 HD12 sing N N 175 
LEU CD1 HD13 sing N N 176 
LEU CD2 HD21 sing N N 177 
LEU CD2 HD22 sing N N 178 
LEU CD2 HD23 sing N N 179 
LEU OXT HXT  sing N N 180 
LYS N   CA   sing N N 181 
LYS N   H    sing N N 182 
LYS N   H2   sing N N 183 
LYS CA  C    sing N N 184 
LYS CA  CB   sing N N 185 
LYS CA  HA   sing N N 186 
LYS C   O    doub N N 187 
LYS C   OXT  sing N N 188 
LYS CB  CG   sing N N 189 
LYS CB  HB2  sing N N 190 
LYS CB  HB3  sing N N 191 
LYS CG  CD   sing N N 192 
LYS CG  HG2  sing N N 193 
LYS CG  HG3  sing N N 194 
LYS CD  CE   sing N N 195 
LYS CD  HD2  sing N N 196 
LYS CD  HD3  sing N N 197 
LYS CE  NZ   sing N N 198 
LYS CE  HE2  sing N N 199 
LYS CE  HE3  sing N N 200 
LYS NZ  HZ1  sing N N 201 
LYS NZ  HZ2  sing N N 202 
LYS NZ  HZ3  sing N N 203 
LYS OXT HXT  sing N N 204 
MET N   CA   sing N N 205 
MET N   H    sing N N 206 
MET N   H2   sing N N 207 
MET CA  C    sing N N 208 
MET CA  CB   sing N N 209 
MET CA  HA   sing N N 210 
MET C   O    doub N N 211 
MET C   OXT  sing N N 212 
MET CB  CG   sing N N 213 
MET CB  HB2  sing N N 214 
MET CB  HB3  sing N N 215 
MET CG  SD   sing N N 216 
MET CG  HG2  sing N N 217 
MET CG  HG3  sing N N 218 
MET SD  CE   sing N N 219 
MET CE  HE1  sing N N 220 
MET CE  HE2  sing N N 221 
MET CE  HE3  sing N N 222 
MET OXT HXT  sing N N 223 
PHE N   CA   sing N N 224 
PHE N   H    sing N N 225 
PHE N   H2   sing N N 226 
PHE CA  C    sing N N 227 
PHE CA  CB   sing N N 228 
PHE CA  HA   sing N N 229 
PHE C   O    doub N N 230 
PHE C   OXT  sing N N 231 
PHE CB  CG   sing N N 232 
PHE CB  HB2  sing N N 233 
PHE CB  HB3  sing N N 234 
PHE CG  CD1  doub Y N 235 
PHE CG  CD2  sing Y N 236 
PHE CD1 CE1  sing Y N 237 
PHE CD1 HD1  sing N N 238 
PHE CD2 CE2  doub Y N 239 
PHE CD2 HD2  sing N N 240 
PHE CE1 CZ   doub Y N 241 
PHE CE1 HE1  sing N N 242 
PHE CE2 CZ   sing Y N 243 
PHE CE2 HE2  sing N N 244 
PHE CZ  HZ   sing N N 245 
PHE OXT HXT  sing N N 246 
PRO N   CA   sing N N 247 
PRO N   CD   sing N N 248 
PRO N   H    sing N N 249 
PRO CA  C    sing N N 250 
PRO CA  CB   sing N N 251 
PRO CA  HA   sing N N 252 
PRO C   O    doub N N 253 
PRO C   OXT  sing N N 254 
PRO CB  CG   sing N N 255 
PRO CB  HB2  sing N N 256 
PRO CB  HB3  sing N N 257 
PRO CG  CD   sing N N 258 
PRO CG  HG2  sing N N 259 
PRO CG  HG3  sing N N 260 
PRO CD  HD2  sing N N 261 
PRO CD  HD3  sing N N 262 
PRO OXT HXT  sing N N 263 
SER N   CA   sing N N 264 
SER N   H    sing N N 265 
SER N   H2   sing N N 266 
SER CA  C    sing N N 267 
SER CA  CB   sing N N 268 
SER CA  HA   sing N N 269 
SER C   O    doub N N 270 
SER C   OXT  sing N N 271 
SER CB  OG   sing N N 272 
SER CB  HB2  sing N N 273 
SER CB  HB3  sing N N 274 
SER OG  HG   sing N N 275 
SER OXT HXT  sing N N 276 
THR N   CA   sing N N 277 
THR N   H    sing N N 278 
THR N   H2   sing N N 279 
THR CA  C    sing N N 280 
THR CA  CB   sing N N 281 
THR CA  HA   sing N N 282 
THR C   O    doub N N 283 
THR C   OXT  sing N N 284 
THR CB  OG1  sing N N 285 
THR CB  CG2  sing N N 286 
THR CB  HB   sing N N 287 
THR OG1 HG1  sing N N 288 
THR CG2 HG21 sing N N 289 
THR CG2 HG22 sing N N 290 
THR CG2 HG23 sing N N 291 
THR OXT HXT  sing N N 292 
TYR N   CA   sing N N 293 
TYR N   H    sing N N 294 
TYR N   H2   sing N N 295 
TYR CA  C    sing N N 296 
TYR CA  CB   sing N N 297 
TYR CA  HA   sing N N 298 
TYR C   O    doub N N 299 
TYR C   OXT  sing N N 300 
TYR CB  CG   sing N N 301 
TYR CB  HB2  sing N N 302 
TYR CB  HB3  sing N N 303 
TYR CG  CD1  doub Y N 304 
TYR CG  CD2  sing Y N 305 
TYR CD1 CE1  sing Y N 306 
TYR CD1 HD1  sing N N 307 
TYR CD2 CE2  doub Y N 308 
TYR CD2 HD2  sing N N 309 
TYR CE1 CZ   doub Y N 310 
TYR CE1 HE1  sing N N 311 
TYR CE2 CZ   sing Y N 312 
TYR CE2 HE2  sing N N 313 
TYR CZ  OH   sing N N 314 
TYR OH  HH   sing N N 315 
TYR OXT HXT  sing N N 316 
VAL N   CA   sing N N 317 
VAL N   H    sing N N 318 
VAL N   H2   sing N N 319 
VAL CA  C    sing N N 320 
VAL CA  CB   sing N N 321 
VAL CA  HA   sing N N 322 
VAL C   O    doub N N 323 
VAL C   OXT  sing N N 324 
VAL CB  CG1  sing N N 325 
VAL CB  CG2  sing N N 326 
VAL CB  HB   sing N N 327 
VAL CG1 HG11 sing N N 328 
VAL CG1 HG12 sing N N 329 
VAL CG1 HG13 sing N N 330 
VAL CG2 HG21 sing N N 331 
VAL CG2 HG22 sing N N 332 
VAL CG2 HG23 sing N N 333 
VAL OXT HXT  sing N N 334 
# 
loop_
_pdbx_audit_support.funding_organization 
_pdbx_audit_support.country 
_pdbx_audit_support.grant_number 
_pdbx_audit_support.ordinal 
'Vanderbilt University'                                                                             'United States' 
'Endowed Chair to WJC'   1 
'National Institutes of Health/National Institute of Neurological Disorders and Stroke (NIH/NINDS)' 'United States' 
'NRSA 2T32NS007491-11'   2 
'National Institutes of Health/National Heart, Lung, and Blood Institute (NIH/NHLBI)'               'United States' 
'NRSA 5 F32 HL117612-02' 3 
'American Heart Association'                                                                        'United States' 13POST14380036 
4 
# 
loop_
_pdbx_entity_nonpoly.entity_id 
_pdbx_entity_nonpoly.name 
_pdbx_entity_nonpoly.comp_id 
3 'CALCIUM ION' CA  
4 water         HOH 
# 
_pdbx_initial_refinement_model.id               1 
_pdbx_initial_refinement_model.entity_id_list   ? 
_pdbx_initial_refinement_model.type             'experimental model' 
_pdbx_initial_refinement_model.source_name      PDB 
_pdbx_initial_refinement_model.accession_code   4DJC 
_pdbx_initial_refinement_model.details          ? 
# 
